data_3BYW
#
_entry.id   3BYW
#
_cell.length_a   83.885
_cell.length_b   80.619
_cell.length_c   115.826
_cell.angle_alpha   90.00
_cell.angle_beta   110.91
_cell.angle_gamma   90.00
#
_symmetry.space_group_name_H-M   'P 1 21 1'
#
loop_
_entity.id
_entity.type
_entity.pdbx_description
1 polymer 'Putative arabinofuranosyltransferase'
2 non-polymer 'ZINC ION'
3 non-polymer 'ACETATE ION'
4 water water
#
_entity_poly.entity_id   1
_entity_poly.type   'polypeptide(L)'
_entity_poly.pdbx_seq_one_letter_code
;SNAPVNQVQSSVSWPQNGSLNSVSAPL(MSE)SYTPISFDAKIPVASVDKLRKDQDLILGTLPANSEDAGARGLFVRAND
DGLQITSHGELVLDLSKRELAQLPADATIAISATEDETTAGIEGDDSTTETVERDVRPII(MSE)GIYTELESNAAADLL
NAGLNAHVEINSRFTSSPTLAKYAS
;
_entity_poly.pdbx_strand_id   A,B,C,D,E,F,G,H
#
loop_
_chem_comp.id
_chem_comp.type
_chem_comp.name
_chem_comp.formula
ACT non-polymer 'ACETATE ION' 'C2 H3 O2 -1'
ZN non-polymer 'ZINC ION' 'Zn 2'
#
# COMPACT_ATOMS: atom_id res chain seq x y z
N GLN A 9 13.37 46.68 43.76
CA GLN A 9 13.65 45.21 43.67
C GLN A 9 15.13 44.89 43.42
N SER A 10 15.57 43.74 43.97
CA SER A 10 16.89 43.15 43.74
C SER A 10 16.83 41.62 43.68
N SER A 11 17.74 41.04 42.92
CA SER A 11 17.62 39.68 42.41
C SER A 11 18.81 38.80 42.82
N VAL A 12 18.53 37.54 43.11
CA VAL A 12 19.54 36.61 43.49
C VAL A 12 19.21 35.37 42.71
N SER A 13 20.23 34.79 42.09
CA SER A 13 20.13 33.59 41.30
C SER A 13 21.10 32.54 41.80
N TRP A 14 20.90 31.31 41.35
CA TRP A 14 21.71 30.20 41.75
C TRP A 14 21.35 29.03 40.84
N PRO A 15 22.32 28.18 40.46
CA PRO A 15 23.78 28.20 40.67
C PRO A 15 24.49 29.43 40.14
N GLN A 16 25.74 29.63 40.59
CA GLN A 16 26.64 30.68 40.12
C GLN A 16 27.95 30.10 39.64
N ASN A 17 28.55 30.73 38.64
CA ASN A 17 29.85 30.34 38.13
C ASN A 17 30.00 28.81 37.92
N GLY A 18 29.01 28.21 37.25
CA GLY A 18 29.11 26.80 36.88
C GLY A 18 29.27 25.86 38.07
N SER A 19 28.93 26.34 39.27
CA SER A 19 29.14 25.55 40.48
C SER A 19 27.87 25.36 41.30
N LEU A 20 27.78 24.22 41.97
CA LEU A 20 26.64 23.94 42.86
C LEU A 20 26.88 24.32 44.32
N ASN A 21 27.99 25.02 44.61
CA ASN A 21 28.24 25.56 45.96
C ASN A 21 27.06 26.36 46.53
N SER A 22 26.66 26.10 47.78
CA SER A 22 25.68 26.95 48.45
C SER A 22 26.10 28.41 48.37
N VAL A 23 25.11 29.31 48.28
CA VAL A 23 25.41 30.76 48.28
C VAL A 23 24.62 31.55 49.33
N SER A 24 25.27 32.60 49.83
CA SER A 24 24.62 33.62 50.69
C SER A 24 23.82 34.64 49.87
N ALA A 25 22.69 35.10 50.39
CA ALA A 25 21.91 36.05 49.62
C ALA A 25 21.48 37.25 50.43
N PRO A 26 22.43 38.00 51.01
CA PRO A 26 22.01 39.11 51.87
C PRO A 26 21.49 40.31 51.05
N LEU A 27 20.66 41.14 51.66
CA LEU A 27 20.26 42.42 51.04
C LEU A 27 21.36 43.43 51.35
N MSE A 28 22.02 43.94 50.32
CA MSE A 28 23.16 44.82 50.54
C MSE A 28 22.74 46.26 50.88
O MSE A 28 23.40 46.94 51.62
CB MSE A 28 24.09 44.84 49.33
CG MSE A 28 24.64 43.50 48.92
SE MSE A 28 25.60 42.64 50.37
CE MSE A 28 26.09 40.99 49.40
N SER A 29 21.63 46.72 50.31
CA SER A 29 21.13 48.03 50.64
C SER A 29 19.62 48.07 50.68
N TYR A 30 19.09 49.03 51.41
CA TYR A 30 17.66 49.09 51.58
C TYR A 30 17.35 50.50 52.07
N THR A 31 16.08 50.86 51.99
CA THR A 31 15.53 51.99 52.71
C THR A 31 15.00 51.44 54.04
N PRO A 32 15.49 51.96 55.17
CA PRO A 32 15.02 51.49 56.48
C PRO A 32 13.58 51.92 56.81
N ILE A 33 12.96 51.27 57.80
CA ILE A 33 11.78 51.86 58.42
C ILE A 33 12.14 53.23 58.99
N SER A 34 13.24 53.29 59.73
CA SER A 34 13.71 54.57 60.28
C SER A 34 15.20 54.57 60.53
N PHE A 35 15.75 55.78 60.55
CA PHE A 35 17.13 56.01 60.92
C PHE A 35 17.13 57.14 61.97
N ASP A 36 17.99 57.04 62.97
CA ASP A 36 18.21 58.18 63.84
C ASP A 36 19.62 58.18 64.40
N ALA A 37 20.09 59.39 64.73
CA ALA A 37 21.44 59.62 65.22
C ALA A 37 21.50 60.78 66.18
N LYS A 38 22.45 60.69 67.11
CA LYS A 38 22.82 61.75 68.03
C LYS A 38 24.24 62.12 67.75
N ILE A 39 24.46 63.36 67.35
CA ILE A 39 25.79 63.78 66.98
C ILE A 39 26.32 64.93 67.85
N PRO A 40 27.23 64.58 68.78
CA PRO A 40 27.82 65.58 69.67
C PRO A 40 28.49 66.62 68.78
N VAL A 41 28.27 67.90 69.09
CA VAL A 41 28.91 68.98 68.36
C VAL A 41 30.46 68.85 68.36
N ALA A 42 30.97 68.30 69.45
CA ALA A 42 32.39 67.94 69.63
C ALA A 42 33.05 67.08 68.56
N SER A 43 32.30 66.35 67.75
CA SER A 43 32.90 65.48 66.71
C SER A 43 33.51 66.26 65.55
N VAL A 44 33.04 67.49 65.33
CA VAL A 44 33.51 68.41 64.30
C VAL A 44 35.01 68.60 64.40
N ASP A 45 35.52 68.64 65.62
CA ASP A 45 36.96 68.74 65.82
C ASP A 45 37.68 67.41 66.03
N LYS A 46 36.95 66.30 65.90
CA LYS A 46 37.55 64.97 65.99
C LYS A 46 37.71 64.27 64.61
N LEU A 47 37.36 64.97 63.54
CA LEU A 47 37.55 64.49 62.18
C LEU A 47 39.03 64.38 61.81
N ARG A 48 39.37 63.47 60.90
CA ARG A 48 40.72 63.39 60.36
C ARG A 48 41.03 64.62 59.50
N LYS A 49 42.31 64.89 59.23
CA LYS A 49 42.68 66.10 58.48
C LYS A 49 42.20 66.02 57.03
N ASP A 50 41.99 67.19 56.42
CA ASP A 50 41.20 67.37 55.19
C ASP A 50 40.05 66.37 54.94
N GLN A 51 39.43 65.91 56.02
CA GLN A 51 38.19 65.12 55.93
C GLN A 51 36.99 65.90 56.45
N ASP A 52 35.79 65.55 55.99
CA ASP A 52 34.55 66.22 56.40
C ASP A 52 33.39 65.30 56.87
N LEU A 53 33.58 63.97 56.80
CA LEU A 53 32.51 63.00 57.11
C LEU A 53 32.42 62.55 58.55
N ILE A 54 31.42 63.10 59.24
CA ILE A 54 31.12 62.71 60.59
C ILE A 54 30.36 61.40 60.50
N LEU A 55 29.42 61.32 59.56
CA LEU A 55 28.60 60.11 59.40
C LEU A 55 28.02 60.04 57.99
N GLY A 56 28.09 58.86 57.38
CA GLY A 56 27.44 58.57 56.08
C GLY A 56 26.76 57.21 56.07
N THR A 57 25.74 57.02 55.23
CA THR A 57 25.10 55.69 55.15
C THR A 57 25.48 54.90 53.88
N LEU A 58 26.34 55.45 53.06
CA LEU A 58 26.84 54.71 51.91
C LEU A 58 28.35 54.91 51.76
N PRO A 59 29.06 53.91 51.23
CA PRO A 59 30.48 54.22 51.00
C PRO A 59 30.71 55.26 49.89
N ALA A 60 31.72 56.10 50.08
CA ALA A 60 32.07 57.23 49.19
C ALA A 60 31.86 57.01 47.70
N ASN A 61 32.51 55.99 47.15
CA ASN A 61 32.49 55.75 45.71
C ASN A 61 31.24 54.99 45.25
N SER A 62 30.26 54.89 46.13
CA SER A 62 28.95 54.34 45.77
C SER A 62 28.29 55.22 44.69
N GLU A 63 27.54 54.59 43.80
CA GLU A 63 26.82 55.26 42.72
C GLU A 63 25.77 56.25 43.25
N ASP A 64 25.80 57.48 42.75
CA ASP A 64 24.88 58.56 43.16
C ASP A 64 24.80 58.78 44.67
N ALA A 65 25.85 58.38 45.39
CA ALA A 65 25.81 58.30 46.85
C ALA A 65 25.16 59.50 47.55
N GLY A 66 25.52 60.72 47.14
CA GLY A 66 25.01 61.94 47.77
C GLY A 66 23.53 62.17 47.58
N ALA A 67 22.97 61.61 46.52
CA ALA A 67 21.56 61.75 46.23
C ALA A 67 20.76 60.68 46.97
N ARG A 68 21.41 59.63 47.44
CA ARG A 68 20.69 58.51 48.06
C ARG A 68 20.88 58.40 49.59
N GLY A 69 22.12 58.48 50.07
CA GLY A 69 22.40 58.26 51.48
C GLY A 69 22.05 59.45 52.37
N LEU A 70 22.36 59.30 53.65
CA LEU A 70 22.28 60.36 54.62
C LEU A 70 23.71 60.74 55.02
N PHE A 71 24.02 62.03 55.03
CA PHE A 71 25.38 62.45 55.27
C PHE A 71 25.39 63.64 56.21
N VAL A 72 26.19 63.53 57.26
CA VAL A 72 26.55 64.65 58.13
C VAL A 72 28.00 65.04 57.83
N ARG A 73 28.21 66.23 57.25
CA ARG A 73 29.56 66.71 56.91
C ARG A 73 29.88 68.04 57.61
N ALA A 74 31.08 68.18 58.11
CA ALA A 74 31.46 69.46 58.69
C ALA A 74 32.75 69.93 58.07
N ASN A 75 32.81 71.20 57.69
CA ASN A 75 33.97 71.75 57.02
C ASN A 75 34.14 73.25 57.31
N ASP A 76 34.48 74.00 56.26
CA ASP A 76 34.69 75.45 56.33
C ASP A 76 33.36 76.19 56.40
N ASP A 77 32.38 75.79 55.59
CA ASP A 77 31.07 76.47 55.57
C ASP A 77 30.20 76.04 56.76
N GLY A 78 30.74 75.20 57.65
CA GLY A 78 30.01 74.73 58.83
C GLY A 78 29.52 73.30 58.67
N LEU A 79 28.36 73.01 59.26
CA LEU A 79 27.78 71.67 59.19
C LEU A 79 26.65 71.60 58.16
N GLN A 80 26.61 70.49 57.41
CA GLN A 80 25.55 70.20 56.45
C GLN A 80 25.08 68.75 56.66
N ILE A 81 23.76 68.56 56.76
CA ILE A 81 23.16 67.23 56.78
C ILE A 81 22.20 67.05 55.61
N THR A 82 22.46 66.07 54.75
CA THR A 82 21.56 65.77 53.65
C THR A 82 20.99 64.37 53.78
N SER A 83 19.75 64.19 53.31
CA SER A 83 19.17 62.88 53.27
C SER A 83 18.55 62.63 51.91
N HIS A 84 18.95 61.54 51.27
CA HIS A 84 18.42 61.24 49.94
C HIS A 84 18.43 62.47 49.02
N GLY A 85 19.46 63.29 49.15
CA GLY A 85 19.58 64.50 48.34
C GLY A 85 18.90 65.76 48.87
N GLU A 86 18.06 65.63 49.89
CA GLU A 86 17.44 66.84 50.43
C GLU A 86 18.29 67.34 51.59
N LEU A 87 18.54 68.65 51.59
CA LEU A 87 19.23 69.30 52.69
C LEU A 87 18.31 69.33 53.91
N VAL A 88 18.82 68.85 55.03
CA VAL A 88 18.00 68.65 56.22
C VAL A 88 18.27 69.76 57.22
N LEU A 89 19.54 70.05 57.48
CA LEU A 89 19.98 71.12 58.38
C LEU A 89 21.22 71.79 57.81
N ASP A 90 21.32 73.11 57.99
CA ASP A 90 22.48 73.89 57.49
C ASP A 90 23.00 74.97 58.47
N LEU A 91 24.11 74.72 59.16
CA LEU A 91 24.73 75.78 60.01
C LEU A 91 26.05 76.28 59.46
N SER A 92 26.13 77.58 59.20
CA SER A 92 27.38 78.27 58.85
C SER A 92 28.42 78.07 59.94
N LYS A 93 29.68 78.41 59.65
CA LYS A 93 30.71 78.49 60.70
C LYS A 93 30.24 79.37 61.86
N ARG A 94 29.75 80.57 61.50
CA ARG A 94 29.11 81.51 62.45
C ARG A 94 28.13 80.81 63.40
N GLU A 95 27.20 80.06 62.81
CA GLU A 95 26.15 79.31 63.52
C GLU A 95 26.75 78.26 64.46
N LEU A 96 27.79 77.57 63.99
CA LEU A 96 28.49 76.52 64.73
C LEU A 96 29.21 76.96 66.00
N ALA A 97 30.17 77.87 65.86
CA ALA A 97 30.97 78.34 67.00
C ALA A 97 30.11 78.93 68.11
N GLN A 98 28.85 79.20 67.79
CA GLN A 98 27.89 79.74 68.76
C GLN A 98 27.20 78.67 69.61
N LEU A 99 27.17 77.44 69.11
CA LEU A 99 26.58 76.28 69.81
C LEU A 99 27.40 75.90 71.04
N PRO A 100 26.75 75.78 72.22
CA PRO A 100 27.45 75.26 73.41
C PRO A 100 28.28 74.00 73.12
N ALA A 101 29.43 73.89 73.78
CA ALA A 101 30.35 72.78 73.59
C ALA A 101 29.69 71.41 73.80
N ASP A 102 28.72 71.34 74.71
CA ASP A 102 27.96 70.10 74.96
C ASP A 102 26.69 69.86 74.10
N ALA A 103 26.48 70.67 73.06
CA ALA A 103 25.31 70.50 72.18
C ALA A 103 25.41 69.18 71.43
N THR A 104 24.25 68.55 71.23
CA THR A 104 24.09 67.40 70.33
C THR A 104 23.14 67.78 69.23
N ILE A 105 23.42 67.30 68.02
CA ILE A 105 22.43 67.27 66.96
C ILE A 105 21.68 65.94 66.94
N ALA A 106 20.35 66.01 67.06
CA ALA A 106 19.52 64.80 66.91
C ALA A 106 18.90 64.74 65.50
N ILE A 107 19.10 63.62 64.82
CA ILE A 107 18.57 63.37 63.47
C ILE A 107 17.54 62.28 63.60
N SER A 108 16.41 62.43 62.95
CA SER A 108 15.46 61.35 62.87
C SER A 108 14.85 61.31 61.48
N ALA A 109 15.01 60.18 60.78
CA ALA A 109 14.48 60.02 59.43
C ALA A 109 13.47 58.88 59.41
N THR A 110 12.26 59.20 58.96
CA THR A 110 11.06 58.38 59.10
C THR A 110 10.24 58.65 57.83
N GLU A 111 9.32 57.73 57.47
CA GLU A 111 8.52 57.83 56.24
C GLU A 111 7.74 59.13 56.11
N ASP A 112 7.33 59.69 57.24
CA ASP A 112 6.47 60.88 57.22
C ASP A 112 7.28 62.16 57.12
N GLU A 113 8.42 62.16 57.79
CA GLU A 113 9.29 63.32 57.83
C GLU A 113 10.69 63.01 58.32
N THR A 114 11.62 63.89 57.96
CA THR A 114 12.98 63.88 58.49
C THR A 114 13.25 65.21 59.20
N THR A 115 13.67 65.11 60.45
CA THR A 115 13.93 66.28 61.29
C THR A 115 15.36 66.19 61.80
N ALA A 116 15.96 67.37 61.97
CA ALA A 116 17.30 67.53 62.50
C ALA A 116 17.30 68.86 63.23
N GLY A 117 18.00 68.89 64.36
CA GLY A 117 18.06 70.08 65.19
C GLY A 117 18.93 69.80 66.38
N ILE A 118 19.12 70.83 67.21
CA ILE A 118 19.85 70.72 68.47
C ILE A 118 18.93 70.07 69.49
N GLU A 119 19.37 68.96 70.05
CA GLU A 119 18.70 68.35 71.18
C GLU A 119 18.81 69.37 72.29
N GLY A 120 17.70 70.05 72.57
CA GLY A 120 17.71 71.31 73.30
C GLY A 120 16.38 71.97 73.02
N ASP A 121 16.39 73.17 72.43
CA ASP A 121 15.11 73.84 72.13
C ASP A 121 14.57 73.57 70.73
N ASP A 122 13.34 74.03 70.48
CA ASP A 122 12.63 73.66 69.27
C ASP A 122 12.74 74.73 68.19
N SER A 123 13.21 75.92 68.60
CA SER A 123 13.45 77.03 67.67
C SER A 123 14.52 76.65 66.65
N THR A 124 15.20 75.55 66.94
CA THR A 124 16.39 75.16 66.23
C THR A 124 16.13 74.06 65.18
N THR A 125 15.05 73.29 65.36
CA THR A 125 14.85 72.09 64.59
C THR A 125 14.44 72.39 63.12
N GLU A 126 14.75 71.44 62.23
CA GLU A 126 14.56 71.65 60.80
C GLU A 126 13.84 70.45 60.23
N THR A 127 12.65 70.66 59.66
CA THR A 127 11.83 69.53 59.17
C THR A 127 11.69 69.49 57.65
N VAL A 128 11.98 68.34 57.05
CA VAL A 128 11.46 68.10 55.71
C VAL A 128 10.19 67.26 55.83
N GLU A 129 9.10 67.83 55.33
CA GLU A 129 7.74 67.39 55.58
C GLU A 129 7.30 66.46 54.43
N ARG A 130 7.97 65.30 54.34
CA ARG A 130 7.98 64.46 53.15
C ARG A 130 8.95 63.30 53.40
N ASP A 131 8.74 62.19 52.71
CA ASP A 131 9.56 61.00 52.87
C ASP A 131 10.86 61.06 52.11
N VAL A 132 11.95 61.15 52.86
CA VAL A 132 13.25 61.37 52.27
C VAL A 132 14.26 60.48 53.00
N ARG A 133 13.76 59.38 53.59
CA ARG A 133 14.56 58.33 54.20
C ARG A 133 15.74 57.92 53.32
N PRO A 134 16.95 57.79 53.91
CA PRO A 134 18.10 57.47 53.06
C PRO A 134 18.12 55.99 52.66
N ILE A 135 18.89 55.71 51.61
CA ILE A 135 19.37 54.38 51.33
C ILE A 135 20.55 54.12 52.26
N ILE A 136 20.56 52.94 52.86
CA ILE A 136 21.67 52.57 53.72
C ILE A 136 22.37 51.26 53.35
N MSE A 137 23.69 51.27 53.52
CA MSE A 137 24.52 50.08 53.35
C MSE A 137 25.33 49.77 54.60
O MSE A 137 25.82 48.64 54.77
CB MSE A 137 25.43 50.25 52.14
CG MSE A 137 24.71 49.99 50.85
SE MSE A 137 25.83 50.36 49.33
CE MSE A 137 26.73 48.63 49.12
N GLY A 138 25.47 50.77 55.46
CA GLY A 138 26.03 50.63 56.78
C GLY A 138 26.23 52.02 57.37
N ILE A 139 27.24 52.15 58.22
CA ILE A 139 27.59 53.42 58.83
C ILE A 139 29.08 53.73 58.62
N TYR A 140 29.34 54.85 57.97
CA TYR A 140 30.70 55.25 57.55
C TYR A 140 31.08 56.57 58.23
N THR A 141 32.36 56.74 58.51
CA THR A 141 32.77 57.94 59.22
C THR A 141 34.24 58.30 58.93
N GLU A 142 34.59 59.57 58.97
CA GLU A 142 36.01 59.92 58.87
C GLU A 142 36.63 60.48 60.17
N LEU A 143 35.95 60.24 61.30
CA LEU A 143 36.44 60.57 62.63
C LEU A 143 37.69 59.78 63.01
N GLU A 144 38.59 60.43 63.74
CA GLU A 144 39.81 59.81 64.32
C GLU A 144 39.48 58.63 65.23
N SER A 145 40.25 57.56 65.10
CA SER A 145 40.00 56.33 65.85
C SER A 145 40.07 56.53 67.36
N ASN A 146 41.16 57.16 67.84
CA ASN A 146 41.36 57.49 69.26
C ASN A 146 40.28 58.36 69.93
N ALA A 147 39.38 58.94 69.14
CA ALA A 147 38.34 59.79 69.69
C ALA A 147 37.10 59.02 70.17
N ALA A 148 37.14 57.69 70.09
CA ALA A 148 35.98 56.85 70.40
C ALA A 148 35.44 57.13 71.80
N ALA A 149 36.33 57.08 72.80
CA ALA A 149 35.96 57.25 74.20
C ALA A 149 35.32 58.60 74.51
N ASP A 150 35.98 59.71 74.15
CA ASP A 150 35.34 61.04 74.29
C ASP A 150 33.95 61.09 73.66
N LEU A 151 33.83 60.61 72.42
CA LEU A 151 32.59 60.74 71.66
C LEU A 151 31.47 59.78 72.11
N LEU A 152 31.81 58.54 72.49
CA LEU A 152 30.83 57.66 73.15
C LEU A 152 30.33 58.25 74.50
N ASN A 153 31.23 58.78 75.31
CA ASN A 153 30.80 59.44 76.51
C ASN A 153 29.90 60.62 76.20
N ALA A 154 30.16 61.32 75.07
CA ALA A 154 29.41 62.52 74.68
C ALA A 154 28.03 62.20 74.11
N GLY A 155 27.83 60.94 73.73
CA GLY A 155 26.50 60.46 73.30
C GLY A 155 26.42 60.09 71.82
N LEU A 156 27.56 59.82 71.18
CA LEU A 156 27.55 59.50 69.76
C LEU A 156 26.85 58.18 69.57
N ASN A 157 25.96 58.15 68.58
CA ASN A 157 25.08 57.03 68.33
C ASN A 157 24.37 57.17 67.01
N ALA A 158 24.22 56.04 66.33
CA ALA A 158 23.32 55.89 65.17
C ALA A 158 22.50 54.58 65.31
N HIS A 159 21.23 54.66 64.92
CA HIS A 159 20.30 53.55 65.04
C HIS A 159 19.28 53.45 63.87
N VAL A 160 19.39 52.33 63.14
CA VAL A 160 18.57 51.96 62.02
C VAL A 160 17.59 50.81 62.37
N GLU A 161 16.30 50.96 62.03
CA GLU A 161 15.32 49.89 62.16
C GLU A 161 14.84 49.48 60.76
N ILE A 162 14.88 48.17 60.47
CA ILE A 162 14.47 47.65 59.14
C ILE A 162 13.35 46.59 59.23
N ASN A 163 12.32 46.71 58.41
CA ASN A 163 11.35 45.59 58.32
C ASN A 163 11.89 44.50 57.37
N SER A 164 11.61 43.24 57.66
CA SER A 164 12.18 42.16 56.85
C SER A 164 11.20 41.42 55.92
N ARG A 165 9.93 41.84 55.91
CA ARG A 165 8.89 41.24 55.05
C ARG A 165 8.23 42.29 54.16
N GLN B 9 11.23 42.29 62.15
CA GLN B 9 11.94 43.61 62.15
C GLN B 9 13.34 43.50 62.78
N SER B 10 14.36 44.00 62.06
CA SER B 10 15.76 44.07 62.55
C SER B 10 16.31 45.47 62.90
N SER B 11 17.37 45.47 63.71
CA SER B 11 18.07 46.67 64.18
C SER B 11 19.55 46.67 63.75
N VAL B 12 20.14 47.85 63.55
CA VAL B 12 21.61 47.99 63.60
C VAL B 12 22.03 49.27 64.33
N SER B 13 23.03 49.14 65.18
CA SER B 13 23.49 50.19 66.07
C SER B 13 24.94 50.51 65.78
N TRP B 14 25.33 51.75 66.08
CA TRP B 14 26.70 52.21 65.84
C TRP B 14 27.04 53.40 66.79
N PRO B 15 28.30 53.50 67.26
CA PRO B 15 29.45 52.60 67.04
C PRO B 15 29.30 51.17 67.58
N GLN B 16 30.12 50.25 67.07
CA GLN B 16 30.09 48.86 67.54
C GLN B 16 31.43 48.53 68.19
N ASN B 17 31.40 47.67 69.20
CA ASN B 17 32.48 47.61 70.21
C ASN B 17 32.63 49.01 70.85
N GLY B 18 33.87 49.39 71.14
CA GLY B 18 34.15 50.78 71.52
C GLY B 18 34.95 51.37 70.37
N SER B 19 34.52 51.09 69.15
CA SER B 19 35.24 51.50 67.96
C SER B 19 34.45 52.51 67.10
N LEU B 20 35.14 53.53 66.59
CA LEU B 20 34.57 54.46 65.64
C LEU B 20 34.64 54.00 64.16
N ASN B 21 35.16 52.78 63.95
CA ASN B 21 35.35 52.26 62.61
C ASN B 21 34.03 52.17 61.84
N SER B 22 34.11 52.39 60.52
CA SER B 22 32.95 52.27 59.67
C SER B 22 32.45 50.84 59.75
N VAL B 23 31.15 50.64 59.59
CA VAL B 23 30.59 49.28 59.56
C VAL B 23 29.66 49.08 58.36
N SER B 24 29.74 47.93 57.70
CA SER B 24 28.68 47.60 56.75
C SER B 24 27.59 46.80 57.48
N ALA B 25 26.33 47.06 57.12
CA ALA B 25 25.16 46.45 57.79
C ALA B 25 24.22 45.79 56.73
N PRO B 26 24.68 44.69 56.12
CA PRO B 26 23.74 44.05 55.18
C PRO B 26 22.57 43.39 55.93
N LEU B 27 21.37 43.36 55.34
CA LEU B 27 20.26 42.64 55.93
C LEU B 27 20.44 41.14 55.62
N MSE B 28 20.66 40.34 56.65
CA MSE B 28 21.06 38.93 56.50
CA MSE B 28 21.05 38.93 56.49
C MSE B 28 19.91 38.01 56.03
O MSE B 28 20.13 37.12 55.21
CB MSE B 28 21.71 38.40 57.80
CB MSE B 28 21.67 38.40 57.79
CG MSE B 28 22.47 37.06 57.68
CG MSE B 28 22.98 39.08 58.24
SE MSE B 28 23.16 36.34 59.39
SE MSE B 28 24.24 39.53 56.82
CE MSE B 28 23.64 34.56 58.78
CE MSE B 28 24.55 37.83 55.92
N SER B 29 18.70 38.23 56.56
CA SER B 29 17.53 37.41 56.22
C SER B 29 16.26 38.23 56.03
N TYR B 30 15.36 37.73 55.18
CA TYR B 30 14.15 38.48 54.82
C TYR B 30 13.10 37.55 54.22
N THR B 31 11.89 38.08 54.04
CA THR B 31 10.84 37.42 53.26
C THR B 31 10.76 38.18 51.98
N PRO B 32 11.09 37.51 50.87
CA PRO B 32 11.14 38.00 49.49
C PRO B 32 9.79 38.36 48.93
N ILE B 33 9.75 39.19 47.90
CA ILE B 33 8.56 39.30 47.05
C ILE B 33 8.21 37.90 46.48
N SER B 34 9.20 37.25 45.88
CA SER B 34 9.03 35.91 45.36
C SER B 34 10.32 35.09 45.42
N PHE B 35 10.10 33.79 45.26
CA PHE B 35 11.07 32.76 45.09
C PHE B 35 10.50 31.84 44.00
N ASP B 36 11.30 31.51 43.01
CA ASP B 36 10.98 30.45 42.07
C ASP B 36 12.20 29.58 41.81
N ALA B 37 11.92 28.31 41.48
CA ALA B 37 12.96 27.34 41.18
C ALA B 37 12.50 26.38 40.07
N LYS B 38 13.47 25.96 39.24
CA LYS B 38 13.35 24.78 38.38
C LYS B 38 14.36 23.71 38.86
N ILE B 39 13.86 22.54 39.27
CA ILE B 39 14.72 21.46 39.75
C ILE B 39 14.53 20.23 38.86
N PRO B 40 15.54 19.93 38.01
CA PRO B 40 15.46 18.67 37.27
C PRO B 40 15.16 17.53 38.23
N VAL B 41 14.41 16.54 37.78
CA VAL B 41 14.11 15.39 38.68
C VAL B 41 15.30 14.47 38.79
N ALA B 42 16.29 14.68 37.95
CA ALA B 42 17.51 13.90 38.00
C ALA B 42 18.27 14.30 39.26
N SER B 43 17.81 15.36 39.90
CA SER B 43 18.48 15.93 41.08
C SER B 43 18.43 14.98 42.27
N VAL B 44 17.34 14.21 42.35
CA VAL B 44 17.15 13.18 43.36
C VAL B 44 18.26 12.09 43.27
N ASP B 45 18.75 11.81 42.07
CA ASP B 45 19.81 10.81 41.87
C ASP B 45 21.21 11.34 42.25
N LYS B 46 21.31 12.64 42.47
CA LYS B 46 22.62 13.29 42.60
C LYS B 46 22.96 13.95 43.96
N LEU B 47 22.31 13.48 45.01
CA LEU B 47 22.57 13.93 46.38
C LEU B 47 23.81 13.26 46.96
N ARG B 48 24.53 13.97 47.82
CA ARG B 48 25.65 13.36 48.57
C ARG B 48 25.16 12.31 49.56
N LYS B 49 26.03 11.34 49.86
CA LYS B 49 25.70 10.24 50.75
C LYS B 49 25.04 10.67 52.05
N ASP B 50 23.91 10.04 52.36
CA ASP B 50 23.15 10.27 53.60
C ASP B 50 22.58 11.69 53.79
N GLN B 51 22.57 12.50 52.72
CA GLN B 51 21.96 13.86 52.73
C GLN B 51 20.70 13.84 51.88
N ASP B 52 19.74 14.67 52.22
CA ASP B 52 18.47 14.66 51.46
C ASP B 52 18.08 16.02 50.88
N LEU B 53 18.80 17.06 51.30
CA LEU B 53 18.51 18.44 50.87
C LEU B 53 18.95 18.70 49.46
N ILE B 54 17.99 18.98 48.59
CA ILE B 54 18.30 19.45 47.25
C ILE B 54 18.52 20.96 47.23
N LEU B 55 17.66 21.69 47.94
CA LEU B 55 17.72 23.12 48.03
C LEU B 55 17.01 23.51 49.31
N GLY B 56 17.65 24.38 50.11
CA GLY B 56 17.01 25.03 51.24
C GLY B 56 17.30 26.53 51.22
N THR B 57 16.52 27.30 51.98
CA THR B 57 16.70 28.76 51.98
C THR B 57 17.35 29.29 53.26
N LEU B 58 17.52 28.39 54.22
CA LEU B 58 18.16 28.71 55.52
C LEU B 58 19.16 27.60 55.81
N PRO B 59 20.24 27.88 56.57
CA PRO B 59 21.20 26.79 56.90
C PRO B 59 20.62 25.90 57.98
N ALA B 60 21.06 24.64 58.06
CA ALA B 60 20.39 23.65 58.91
C ALA B 60 20.32 24.03 60.41
N ASN B 61 21.21 24.89 60.87
CA ASN B 61 21.19 25.24 62.28
C ASN B 61 20.75 26.66 62.62
N SER B 62 19.86 27.19 61.78
CA SER B 62 19.07 28.36 62.15
C SER B 62 17.97 27.88 63.08
N GLU B 63 17.66 28.69 64.07
CA GLU B 63 16.55 28.38 64.97
C GLU B 63 15.30 28.25 64.13
N ASP B 64 14.49 27.23 64.41
CA ASP B 64 13.21 27.05 63.74
C ASP B 64 13.31 27.06 62.20
N ALA B 65 14.46 26.66 61.65
CA ALA B 65 14.67 26.70 60.19
C ALA B 65 13.54 25.94 59.49
N GLY B 66 13.23 24.75 60.01
CA GLY B 66 12.10 23.94 59.53
C GLY B 66 10.75 24.63 59.50
N ALA B 67 10.51 25.53 60.46
CA ALA B 67 9.32 26.37 60.47
C ALA B 67 9.32 27.59 59.54
N ARG B 68 10.45 27.95 58.93
CA ARG B 68 10.59 29.28 58.31
C ARG B 68 11.00 29.24 56.84
N GLY B 69 11.93 28.34 56.52
CA GLY B 69 12.49 28.29 55.18
C GLY B 69 11.65 27.51 54.20
N LEU B 70 12.20 27.38 53.00
CA LEU B 70 11.68 26.51 51.99
C LEU B 70 12.71 25.41 51.72
N PHE B 71 12.26 24.15 51.73
CA PHE B 71 13.16 23.02 51.51
C PHE B 71 12.58 22.02 50.51
N VAL B 72 13.44 21.64 49.58
CA VAL B 72 13.24 20.54 48.67
C VAL B 72 14.08 19.38 49.19
N ARG B 73 13.41 18.35 49.69
CA ARG B 73 14.10 17.16 50.21
C ARG B 73 13.75 15.85 49.46
N ALA B 74 14.68 14.92 49.43
CA ALA B 74 14.48 13.68 48.71
C ALA B 74 15.17 12.55 49.43
N ASN B 75 14.37 11.57 49.85
CA ASN B 75 14.92 10.43 50.54
C ASN B 75 14.24 9.12 50.10
N ASP B 76 14.14 8.16 51.03
CA ASP B 76 13.50 6.87 50.78
C ASP B 76 12.00 7.05 50.54
N ASP B 77 11.41 8.07 51.17
CA ASP B 77 9.96 8.29 51.14
C ASP B 77 9.50 9.13 49.94
N GLY B 78 10.45 9.54 49.10
CA GLY B 78 10.15 10.34 47.91
C GLY B 78 10.68 11.78 47.94
N LEU B 79 9.88 12.70 47.38
CA LEU B 79 10.22 14.10 47.38
C LEU B 79 9.18 14.89 48.17
N GLN B 80 9.65 15.71 49.10
CA GLN B 80 8.81 16.73 49.70
C GLN B 80 9.39 18.14 49.59
N ILE B 81 8.48 19.09 49.42
CA ILE B 81 8.83 20.50 49.34
C ILE B 81 8.00 21.15 50.45
N THR B 82 8.69 21.85 51.34
CA THR B 82 8.05 22.55 52.45
C THR B 82 8.46 24.01 52.41
N SER B 83 7.53 24.93 52.53
CA SER B 83 7.92 26.27 52.99
C SER B 83 7.09 26.76 54.12
N HIS B 84 7.76 27.47 55.02
CA HIS B 84 7.24 27.98 56.28
C HIS B 84 6.52 26.87 57.05
N GLY B 85 7.03 25.65 56.96
CA GLY B 85 6.43 24.53 57.65
C GLY B 85 5.21 23.92 56.95
N GLU B 86 4.81 24.47 55.81
CA GLU B 86 3.68 23.96 55.06
C GLU B 86 4.17 23.03 53.98
N LEU B 87 3.69 21.78 53.99
CA LEU B 87 4.02 20.85 52.92
C LEU B 87 3.21 21.19 51.69
N VAL B 88 3.87 21.73 50.67
CA VAL B 88 3.19 22.07 49.41
C VAL B 88 3.13 20.90 48.43
N LEU B 89 4.28 20.27 48.15
CA LEU B 89 4.32 19.08 47.30
C LEU B 89 5.02 17.90 47.98
N ASP B 90 4.30 16.78 48.08
CA ASP B 90 4.88 15.43 48.26
C ASP B 90 4.67 14.50 47.04
N LEU B 91 5.73 13.80 46.68
CA LEU B 91 5.68 12.77 45.65
C LEU B 91 6.30 11.49 46.21
N SER B 92 5.50 10.43 46.32
CA SER B 92 6.00 9.11 46.76
C SER B 92 7.07 8.67 45.76
N LYS B 93 7.84 7.63 46.08
CA LYS B 93 8.92 7.32 45.15
C LYS B 93 8.44 6.48 43.96
N ARG B 94 7.24 5.92 44.11
CA ARG B 94 6.50 5.32 43.02
C ARG B 94 6.07 6.40 42.01
N GLU B 95 5.39 7.44 42.51
CA GLU B 95 4.96 8.57 41.69
C GLU B 95 6.13 9.18 40.93
N LEU B 96 7.24 9.39 41.63
CA LEU B 96 8.52 9.80 41.02
C LEU B 96 8.97 8.90 39.84
N ALA B 97 8.79 7.59 39.98
CA ALA B 97 9.28 6.61 39.01
C ALA B 97 8.57 6.60 37.66
N GLN B 98 7.33 7.09 37.60
CA GLN B 98 6.60 7.17 36.33
C GLN B 98 6.89 8.44 35.56
N LEU B 99 7.54 9.40 36.21
CA LEU B 99 7.93 10.65 35.55
C LEU B 99 8.91 10.38 34.42
N PRO B 100 8.85 11.17 33.32
CA PRO B 100 9.88 11.03 32.28
C PRO B 100 11.23 11.44 32.83
N ALA B 101 12.31 11.08 32.14
CA ALA B 101 13.66 11.30 32.66
C ALA B 101 14.07 12.78 32.66
N ASP B 102 13.42 13.56 31.79
CA ASP B 102 13.69 15.01 31.69
C ASP B 102 12.72 15.86 32.53
N ALA B 103 11.93 15.26 33.40
CA ALA B 103 10.96 16.05 34.15
C ALA B 103 11.61 17.15 35.03
N THR B 104 10.90 18.26 35.20
CA THR B 104 11.39 19.37 36.01
C THR B 104 10.32 19.65 37.05
N ILE B 105 10.72 19.84 38.30
CA ILE B 105 9.81 20.40 39.32
C ILE B 105 9.84 21.93 39.20
N ALA B 106 8.67 22.56 39.09
CA ALA B 106 8.55 24.00 39.11
C ALA B 106 7.95 24.43 40.43
N ILE B 107 8.54 25.43 41.07
CA ILE B 107 8.08 25.96 42.35
C ILE B 107 7.82 27.47 42.22
N SER B 108 6.76 27.96 42.85
CA SER B 108 6.58 29.42 42.96
C SER B 108 6.04 29.81 44.28
N ALA B 109 6.74 30.72 44.94
CA ALA B 109 6.30 31.27 46.22
C ALA B 109 6.07 32.75 46.11
N THR B 110 4.82 33.15 46.15
CA THR B 110 4.47 34.55 46.19
C THR B 110 3.47 34.71 47.32
N GLU B 111 3.16 35.95 47.69
CA GLU B 111 2.26 36.18 48.82
C GLU B 111 0.82 35.74 48.58
N ASP B 112 0.38 35.86 47.33
CA ASP B 112 -0.91 35.31 46.91
C ASP B 112 -0.98 33.79 47.16
N GLU B 113 -0.03 33.02 46.62
CA GLU B 113 -0.02 31.56 46.76
C GLU B 113 1.35 30.92 46.51
N THR B 114 1.50 29.70 47.01
CA THR B 114 2.66 28.86 46.76
C THR B 114 2.29 27.61 45.93
N THR B 115 2.85 27.54 44.72
CA THR B 115 2.61 26.42 43.81
C THR B 115 3.87 25.55 43.64
N ALA B 116 3.66 24.24 43.41
CA ALA B 116 4.71 23.30 43.05
C ALA B 116 4.07 22.14 42.33
N GLY B 117 4.79 21.66 41.33
CA GLY B 117 4.30 20.69 40.41
C GLY B 117 5.32 20.26 39.40
N ILE B 118 4.95 19.25 38.62
CA ILE B 118 5.73 18.86 37.45
C ILE B 118 5.40 19.86 36.34
N GLU B 119 6.43 20.60 35.94
CA GLU B 119 6.39 21.61 34.88
C GLU B 119 5.75 21.03 33.64
N GLY B 120 4.73 21.71 33.14
CA GLY B 120 4.01 21.29 31.93
C GLY B 120 2.95 20.20 32.12
N ASP B 121 2.70 19.83 33.38
CA ASP B 121 1.76 18.76 33.73
C ASP B 121 0.92 19.26 34.90
N ASP B 122 -0.15 19.99 34.61
CA ASP B 122 -0.96 20.61 35.66
C ASP B 122 -2.00 19.67 36.30
N SER B 123 -1.93 18.39 35.93
CA SER B 123 -2.59 17.31 36.67
C SER B 123 -1.82 17.07 37.98
N THR B 124 -0.62 17.67 38.08
CA THR B 124 0.25 17.48 39.27
C THR B 124 0.40 18.70 40.21
N THR B 125 0.06 19.89 39.69
CA THR B 125 0.14 21.16 40.41
C THR B 125 -0.60 21.17 41.75
N GLU B 126 0.18 21.53 42.76
CA GLU B 126 -0.24 21.67 44.12
C GLU B 126 -0.12 23.13 44.45
N THR B 127 -1.20 23.70 44.97
CA THR B 127 -1.24 25.12 45.30
C THR B 127 -1.75 25.46 46.72
N VAL B 128 -0.84 25.92 47.57
CA VAL B 128 -1.20 26.42 48.90
C VAL B 128 -1.65 27.87 48.77
N GLU B 129 -2.94 28.08 49.02
CA GLU B 129 -3.64 29.33 48.76
C GLU B 129 -3.60 30.34 49.93
N ARG B 130 -2.55 30.24 50.74
CA ARG B 130 -2.25 31.21 51.78
C ARG B 130 -0.90 31.82 51.40
N ASP B 131 -0.48 32.86 52.12
CA ASP B 131 0.88 33.36 52.02
C ASP B 131 1.73 32.51 52.96
N VAL B 132 2.67 31.79 52.38
CA VAL B 132 3.54 30.88 53.11
C VAL B 132 4.96 30.98 52.50
N ARG B 133 5.33 32.19 52.08
CA ARG B 133 6.68 32.48 51.50
C ARG B 133 7.75 32.18 52.54
N PRO B 134 8.91 31.68 52.09
CA PRO B 134 9.91 31.35 53.07
C PRO B 134 10.72 32.57 53.56
N ILE B 135 11.39 32.41 54.70
CA ILE B 135 12.51 33.25 55.07
C ILE B 135 13.73 32.72 54.27
N ILE B 136 14.54 33.64 53.74
CA ILE B 136 15.72 33.36 52.94
C ILE B 136 16.98 34.03 53.51
N MSE B 137 18.06 33.26 53.65
CA MSE B 137 19.41 33.78 53.93
C MSE B 137 20.36 33.49 52.77
O MSE B 137 21.40 34.11 52.62
CB MSE B 137 20.00 33.15 55.20
CG MSE B 137 19.37 33.67 56.45
SE MSE B 137 19.98 32.89 58.13
CE MSE B 137 21.88 32.79 57.74
N GLY B 138 20.00 32.49 51.98
CA GLY B 138 20.79 32.05 50.85
C GLY B 138 20.15 30.83 50.22
N ILE B 139 20.93 30.15 49.38
CA ILE B 139 20.54 28.93 48.71
C ILE B 139 21.55 27.87 49.06
N TYR B 140 21.08 26.84 49.77
CA TYR B 140 21.91 25.75 50.30
C TYR B 140 21.55 24.42 49.64
N THR B 141 22.46 23.45 49.67
CA THR B 141 22.31 22.20 48.92
C THR B 141 23.32 21.17 49.40
N GLU B 142 22.90 19.91 49.44
CA GLU B 142 23.85 18.82 49.51
C GLU B 142 23.79 17.93 48.26
N LEU B 143 23.59 18.59 47.11
CA LEU B 143 23.85 18.03 45.77
C LEU B 143 25.36 17.80 45.60
N GLU B 144 25.73 16.64 45.06
CA GLU B 144 27.13 16.32 44.75
C GLU B 144 27.80 17.36 43.83
N SER B 145 29.01 17.77 44.15
CA SER B 145 29.79 18.75 43.33
C SER B 145 29.96 18.44 41.83
N ASN B 146 30.33 17.20 41.51
CA ASN B 146 30.47 16.74 40.10
C ASN B 146 29.19 16.69 39.25
N ALA B 147 28.04 16.87 39.87
CA ALA B 147 26.77 16.98 39.15
C ALA B 147 26.49 18.36 38.52
N ALA B 148 27.36 19.34 38.73
CA ALA B 148 27.09 20.70 38.28
C ALA B 148 26.73 20.79 36.79
N ALA B 149 27.58 20.25 35.93
CA ALA B 149 27.33 20.32 34.48
C ALA B 149 26.04 19.56 34.06
N ASP B 150 25.84 18.37 34.60
CA ASP B 150 24.63 17.66 34.24
C ASP B 150 23.39 18.50 34.63
N LEU B 151 23.33 18.92 35.89
CA LEU B 151 22.16 19.61 36.41
C LEU B 151 21.88 20.98 35.77
N LEU B 152 22.92 21.78 35.62
CA LEU B 152 22.86 23.05 34.90
C LEU B 152 22.38 22.91 33.44
N ASN B 153 22.83 21.86 32.75
CA ASN B 153 22.41 21.65 31.38
C ASN B 153 20.94 21.26 31.25
N ALA B 154 20.37 20.78 32.35
CA ALA B 154 18.96 20.40 32.47
C ALA B 154 18.16 21.54 33.05
N GLY B 155 18.83 22.64 33.42
CA GLY B 155 18.13 23.86 33.77
C GLY B 155 17.90 24.12 35.23
N LEU B 156 18.68 23.48 36.10
CA LEU B 156 18.65 23.83 37.51
C LEU B 156 18.85 25.34 37.73
N ASN B 157 18.00 25.88 38.58
CA ASN B 157 17.90 27.31 38.86
C ASN B 157 17.00 27.64 40.06
N ALA B 158 17.44 28.61 40.87
CA ALA B 158 16.60 29.23 41.91
C ALA B 158 16.73 30.74 41.75
N HIS B 159 15.61 31.42 41.94
CA HIS B 159 15.55 32.84 41.69
C HIS B 159 14.72 33.53 42.76
N VAL B 160 15.34 34.51 43.43
CA VAL B 160 14.70 35.27 44.51
C VAL B 160 14.64 36.74 44.10
N GLU B 161 13.44 37.31 44.04
CA GLU B 161 13.26 38.75 43.89
C GLU B 161 12.95 39.32 45.27
N ILE B 162 13.71 40.33 45.68
CA ILE B 162 13.60 40.92 47.06
C ILE B 162 13.11 42.38 47.00
N ASN B 163 12.26 42.80 47.93
CA ASN B 163 11.94 44.24 48.06
C ASN B 163 12.91 44.88 49.05
N SER B 164 13.56 45.96 48.65
CA SER B 164 14.47 46.65 49.58
C SER B 164 13.88 47.88 50.31
N ARG B 165 12.83 48.49 49.75
CA ARG B 165 12.06 49.49 50.50
C ARG B 165 11.13 48.80 51.49
N PHE B 166 11.24 49.20 52.75
CA PHE B 166 10.51 48.53 53.81
C PHE B 166 9.57 49.49 54.56
N THR B 167 8.36 49.00 54.86
CA THR B 167 7.35 49.78 55.57
C THR B 167 7.13 49.29 57.00
N GLN C 9 4.34 18.95 9.04
CA GLN C 9 3.39 17.79 8.93
C GLN C 9 3.46 17.12 7.54
N SER C 10 4.31 16.10 7.41
CA SER C 10 4.69 15.55 6.10
C SER C 10 5.10 14.08 6.05
N SER C 11 5.74 13.72 4.93
CA SER C 11 5.80 12.36 4.46
C SER C 11 7.18 12.09 3.91
N VAL C 12 7.72 10.91 4.20
CA VAL C 12 9.03 10.54 3.67
C VAL C 12 8.82 9.29 2.85
N SER C 13 9.55 9.22 1.75
CA SER C 13 9.39 8.19 0.77
C SER C 13 10.76 7.67 0.41
N TRP C 14 10.87 6.37 0.17
CA TRP C 14 12.13 5.76 -0.16
C TRP C 14 11.82 4.56 -1.07
N PRO C 15 12.73 4.23 -2.04
CA PRO C 15 14.02 4.84 -2.43
C PRO C 15 13.87 6.22 -3.03
N GLN C 16 14.95 6.99 -3.11
CA GLN C 16 14.88 8.31 -3.74
C GLN C 16 15.76 8.28 -4.97
N ASN C 17 15.29 8.87 -6.05
CA ASN C 17 16.10 9.13 -7.23
C ASN C 17 16.68 7.91 -7.91
N GLY C 18 16.00 6.79 -7.76
CA GLY C 18 16.39 5.59 -8.49
C GLY C 18 17.60 4.92 -7.88
N SER C 19 17.75 5.09 -6.56
CA SER C 19 18.95 4.68 -5.85
C SER C 19 18.60 4.01 -4.55
N LEU C 20 19.36 2.97 -4.23
CA LEU C 20 19.09 2.15 -3.05
C LEU C 20 19.82 2.66 -1.77
N ASN C 21 20.55 3.78 -1.90
CA ASN C 21 21.15 4.47 -0.76
C ASN C 21 20.18 4.74 0.39
N SER C 22 20.69 4.58 1.60
CA SER C 22 20.04 4.98 2.82
C SER C 22 19.72 6.46 2.89
N VAL C 23 18.63 6.79 3.55
CA VAL C 23 18.30 8.20 3.80
C VAL C 23 17.95 8.47 5.24
N SER C 24 18.72 9.40 5.83
CA SER C 24 18.39 10.00 7.11
C SER C 24 17.16 10.85 6.92
N ALA C 25 16.26 10.81 7.89
CA ALA C 25 15.07 11.68 7.87
C ALA C 25 14.86 12.42 9.20
N PRO C 26 15.81 13.28 9.62
CA PRO C 26 15.53 14.04 10.85
C PRO C 26 14.45 15.10 10.61
N LEU C 27 13.73 15.50 11.65
CA LEU C 27 12.85 16.67 11.57
C LEU C 27 13.66 17.93 11.80
N MSE C 28 13.96 18.66 10.73
CA MSE C 28 14.76 19.87 10.83
C MSE C 28 14.06 21.03 11.56
O MSE C 28 14.73 21.91 12.12
CB MSE C 28 15.20 20.31 9.44
CG MSE C 28 15.95 19.23 8.65
SE MSE C 28 17.46 18.59 9.67
CE MSE C 28 18.39 20.31 10.01
N SER C 29 12.74 21.03 11.57
CA SER C 29 11.90 22.05 12.22
C SER C 29 10.62 21.41 12.77
N TYR C 30 10.03 21.99 13.82
CA TYR C 30 8.82 21.43 14.44
C TYR C 30 8.14 22.52 15.31
N THR C 31 6.88 22.30 15.67
CA THR C 31 6.20 23.06 16.68
C THR C 31 6.34 22.26 17.98
N PRO C 32 6.87 22.90 19.04
CA PRO C 32 7.07 22.14 20.24
C PRO C 32 5.78 22.14 21.07
N ILE C 33 5.72 21.27 22.09
CA ILE C 33 4.63 21.29 23.05
C ILE C 33 4.65 22.65 23.73
N SER C 34 5.84 23.04 24.18
CA SER C 34 6.03 24.33 24.83
C SER C 34 7.42 24.93 24.61
N PHE C 35 7.49 26.26 24.63
CA PHE C 35 8.74 26.99 24.74
C PHE C 35 8.64 27.91 25.96
N ASP C 36 9.72 27.99 26.74
CA ASP C 36 9.76 28.98 27.82
C ASP C 36 11.17 29.51 28.04
N ALA C 37 11.29 30.77 28.42
CA ALA C 37 12.60 31.38 28.62
C ALA C 37 12.60 32.37 29.78
N LYS C 38 13.74 32.46 30.47
CA LYS C 38 14.09 33.58 31.34
C LYS C 38 15.26 34.37 30.72
N ILE C 39 15.05 35.66 30.53
CA ILE C 39 16.10 36.49 29.91
C ILE C 39 16.36 37.69 30.79
N PRO C 40 17.57 37.77 31.39
CA PRO C 40 17.99 38.99 32.11
C PRO C 40 17.96 40.19 31.17
N VAL C 41 17.46 41.32 31.66
CA VAL C 41 17.42 42.54 30.83
C VAL C 41 18.86 43.01 30.54
N ALA C 42 19.79 42.61 31.41
CA ALA C 42 21.21 42.88 31.27
C ALA C 42 21.77 42.35 29.95
N SER C 43 21.06 41.41 29.33
CA SER C 43 21.46 40.89 28.03
C SER C 43 21.43 41.93 26.94
N VAL C 44 20.78 43.07 27.17
CA VAL C 44 20.69 44.06 26.09
C VAL C 44 22.01 44.81 25.85
N ASP C 45 22.87 44.85 26.87
CA ASP C 45 24.23 45.37 26.68
C ASP C 45 25.30 44.27 26.55
N LYS C 46 24.85 43.05 26.33
CA LYS C 46 25.78 41.96 26.07
C LYS C 46 25.74 41.56 24.61
N LEU C 47 24.98 42.29 23.81
CA LEU C 47 24.91 42.05 22.37
C LEU C 47 26.23 42.38 21.68
N ARG C 48 26.55 41.67 20.60
CA ARG C 48 27.70 42.06 19.78
C ARG C 48 27.41 43.45 19.25
N LYS C 49 28.45 44.16 18.81
CA LYS C 49 28.22 45.46 18.19
C LYS C 49 27.44 45.24 16.88
N ASP C 50 26.39 46.05 16.71
CA ASP C 50 25.59 46.06 15.47
C ASP C 50 24.68 44.83 15.31
N GLN C 51 24.51 44.06 16.39
CA GLN C 51 23.52 42.99 16.39
C GLN C 51 22.39 43.37 17.34
N ASP C 52 21.20 42.79 17.13
CA ASP C 52 20.07 42.88 18.09
C ASP C 52 19.47 41.56 18.58
N LEU C 53 19.89 40.43 17.99
CA LEU C 53 19.34 39.10 18.36
C LEU C 53 19.83 38.60 19.72
N ILE C 54 18.95 38.72 20.70
CA ILE C 54 19.17 38.14 21.99
C ILE C 54 18.89 36.66 21.85
N LEU C 55 17.70 36.31 21.35
CA LEU C 55 17.33 34.88 21.22
C LEU C 55 16.42 34.58 20.03
N GLY C 56 16.94 33.73 19.14
CA GLY C 56 16.27 33.29 17.93
C GLY C 56 16.02 31.79 17.90
N THR C 57 14.95 31.45 17.21
CA THR C 57 14.42 30.10 17.22
C THR C 57 14.65 29.44 15.88
N LEU C 58 14.89 30.27 14.87
CA LEU C 58 15.16 29.87 13.50
C LEU C 58 16.42 30.63 13.04
N PRO C 59 17.27 30.01 12.19
CA PRO C 59 18.51 30.70 11.81
C PRO C 59 18.30 32.02 11.07
N ALA C 60 19.14 33.01 11.37
CA ALA C 60 19.06 34.36 10.76
C ALA C 60 18.31 34.44 9.41
N ASN C 61 18.74 33.66 8.42
CA ASN C 61 18.13 33.71 7.11
C ASN C 61 17.63 32.34 6.63
N SER C 62 16.59 31.85 7.29
CA SER C 62 15.90 30.66 6.85
C SER C 62 14.57 31.06 6.21
N GLU C 63 13.83 30.10 5.68
CA GLU C 63 12.53 30.39 5.07
C GLU C 63 11.64 31.19 6.02
N ASP C 64 11.38 32.44 5.64
CA ASP C 64 10.49 33.38 6.38
C ASP C 64 10.46 33.21 7.90
N ALA C 65 11.62 33.34 8.52
CA ALA C 65 11.78 33.14 9.96
C ALA C 65 10.86 34.02 10.80
N GLY C 66 10.77 35.29 10.42
CA GLY C 66 9.98 36.30 11.11
C GLY C 66 8.52 35.98 11.32
N ALA C 67 7.91 35.33 10.34
CA ALA C 67 6.50 34.99 10.42
C ALA C 67 6.25 33.67 11.14
N ARG C 68 7.33 32.95 11.50
CA ARG C 68 7.24 31.54 11.94
C ARG C 68 7.80 31.27 13.35
N GLY C 69 9.04 31.73 13.59
CA GLY C 69 9.72 31.50 14.84
C GLY C 69 9.42 32.50 15.95
N LEU C 70 10.23 32.47 17.01
CA LEU C 70 10.16 33.37 18.12
C LEU C 70 11.48 34.13 18.21
N PHE C 71 11.39 35.44 18.40
CA PHE C 71 12.57 36.32 18.46
C PHE C 71 12.41 37.33 19.56
N VAL C 72 13.49 37.47 20.31
CA VAL C 72 13.68 38.53 21.27
C VAL C 72 14.79 39.42 20.70
N ARG C 73 14.47 40.68 20.42
CA ARG C 73 15.44 41.64 19.86
C ARG C 73 15.46 42.93 20.69
N ALA C 74 16.63 43.57 20.77
CA ALA C 74 16.81 44.86 21.45
C ALA C 74 17.63 45.77 20.57
N ASN C 75 17.07 46.96 20.32
CA ASN C 75 17.63 47.96 19.41
C ASN C 75 17.40 49.34 20.02
N ASP C 76 17.65 50.40 19.26
CA ASP C 76 17.37 51.76 19.76
C ASP C 76 15.86 52.07 19.71
N ASP C 77 15.10 51.13 19.16
CA ASP C 77 13.63 51.13 19.21
C ASP C 77 13.08 50.23 20.37
N GLY C 78 13.95 49.92 21.34
CA GLY C 78 13.59 49.13 22.53
C GLY C 78 13.77 47.61 22.47
N LEU C 79 12.86 46.89 23.14
CA LEU C 79 12.82 45.43 23.13
C LEU C 79 11.56 44.92 22.45
N GLN C 80 11.68 43.93 21.59
CA GLN C 80 10.52 43.34 20.92
C GLN C 80 10.55 41.79 20.97
N ILE C 81 9.45 41.18 21.46
CA ILE C 81 9.31 39.73 21.42
C ILE C 81 8.17 39.37 20.49
N THR C 82 8.48 38.56 19.48
CA THR C 82 7.54 38.20 18.43
C THR C 82 7.54 36.67 18.28
N SER C 83 6.35 36.07 18.33
CA SER C 83 6.25 34.62 18.23
C SER C 83 5.28 34.24 17.16
N HIS C 84 5.70 33.34 16.28
CA HIS C 84 4.91 32.94 15.12
C HIS C 84 4.37 34.21 14.41
N GLY C 85 5.15 35.30 14.47
CA GLY C 85 4.80 36.55 13.78
C GLY C 85 3.78 37.43 14.50
N GLU C 86 3.36 37.00 15.68
CA GLU C 86 2.57 37.81 16.59
C GLU C 86 3.55 38.52 17.53
N LEU C 87 3.49 39.84 17.55
CA LEU C 87 4.21 40.62 18.56
C LEU C 87 3.56 40.32 19.91
N VAL C 88 4.35 39.77 20.82
CA VAL C 88 3.86 39.37 22.13
C VAL C 88 4.20 40.46 23.17
N LEU C 89 5.41 40.99 23.09
CA LEU C 89 5.84 42.06 23.97
C LEU C 89 6.57 43.13 23.16
N ASP C 90 6.25 44.39 23.45
CA ASP C 90 6.99 45.54 22.92
C ASP C 90 7.18 46.56 24.06
N LEU C 91 8.45 46.78 24.42
CA LEU C 91 8.78 47.73 25.45
C LEU C 91 9.53 48.87 24.79
N SER C 92 9.07 50.09 25.04
CA SER C 92 9.69 51.33 24.51
C SER C 92 11.14 51.53 24.94
N LYS C 93 11.85 52.40 24.23
CA LYS C 93 13.23 52.75 24.56
C LYS C 93 13.35 53.25 26.01
N ARG C 94 12.45 54.16 26.41
CA ARG C 94 12.45 54.70 27.77
C ARG C 94 11.86 53.75 28.83
N GLU C 95 10.93 52.91 28.41
CA GLU C 95 10.38 51.87 29.28
C GLU C 95 11.44 50.80 29.63
N LEU C 96 12.28 50.47 28.65
CA LEU C 96 13.38 49.51 28.83
C LEU C 96 14.45 50.08 29.78
N ALA C 97 14.90 51.30 29.49
CA ALA C 97 15.95 51.96 30.25
C ALA C 97 15.51 52.35 31.68
N GLN C 98 14.24 52.12 32.01
CA GLN C 98 13.74 52.31 33.37
C GLN C 98 13.74 50.99 34.19
N LEU C 99 13.82 49.85 33.52
CA LEU C 99 13.84 48.58 34.25
C LEU C 99 15.05 48.43 35.17
N PRO C 100 14.83 47.94 36.41
CA PRO C 100 15.92 47.52 37.31
C PRO C 100 16.98 46.70 36.54
N ALA C 101 18.25 46.96 36.77
CA ALA C 101 19.34 46.38 35.97
C ALA C 101 19.25 44.87 35.97
N ASP C 102 18.66 44.35 37.04
CA ASP C 102 18.55 42.94 37.24
C ASP C 102 17.14 42.36 36.99
N ALA C 103 16.25 43.15 36.39
CA ALA C 103 14.96 42.59 35.97
C ALA C 103 15.12 41.35 35.08
N THR C 104 14.06 40.54 35.00
CA THR C 104 14.03 39.36 34.14
C THR C 104 12.81 39.39 33.21
N ILE C 105 13.03 39.13 31.92
CA ILE C 105 11.93 38.86 31.00
C ILE C 105 11.53 37.36 31.06
N ALA C 106 10.25 37.10 31.22
CA ALA C 106 9.74 35.76 31.22
C ALA C 106 8.85 35.56 29.99
N ILE C 107 9.02 34.42 29.31
CA ILE C 107 8.18 34.00 28.18
C ILE C 107 7.72 32.56 28.38
N SER C 108 6.45 32.32 28.12
CA SER C 108 5.91 30.99 28.07
C SER C 108 5.06 30.89 26.81
N ALA C 109 5.42 30.00 25.90
CA ALA C 109 4.51 29.69 24.81
C ALA C 109 3.98 28.25 24.95
N THR C 110 2.66 28.18 24.96
CA THR C 110 1.88 26.96 25.20
C THR C 110 0.85 26.86 24.08
N GLU C 111 0.30 25.67 23.87
CA GLU C 111 -0.79 25.55 22.91
C GLU C 111 -1.98 26.40 23.34
N ASP C 112 -2.24 26.44 24.64
CA ASP C 112 -3.39 27.19 25.16
C ASP C 112 -3.19 28.71 25.17
N GLU C 113 -1.98 29.18 25.49
CA GLU C 113 -1.59 30.60 25.27
C GLU C 113 -0.10 30.93 25.39
N THR C 114 0.26 32.09 24.87
CA THR C 114 1.57 32.68 25.06
C THR C 114 1.47 33.90 25.98
N THR C 115 2.47 34.03 26.82
CA THR C 115 2.53 35.11 27.75
C THR C 115 3.98 35.53 27.88
N ALA C 116 4.19 36.85 27.99
CA ALA C 116 5.50 37.42 28.25
C ALA C 116 5.40 38.71 29.07
N GLY C 117 6.41 38.96 29.88
CA GLY C 117 6.46 40.19 30.64
C GLY C 117 7.70 40.17 31.47
N ILE C 118 7.89 41.20 32.27
CA ILE C 118 8.90 41.28 33.30
C ILE C 118 8.35 40.51 34.50
N GLU C 119 9.08 39.45 34.89
CA GLU C 119 8.89 38.76 36.18
C GLU C 119 8.73 39.78 37.29
N GLY C 120 7.74 39.58 38.14
CA GLY C 120 7.54 40.44 39.29
C GLY C 120 6.65 41.65 39.02
N ASP C 121 6.59 42.08 37.75
CA ASP C 121 5.85 43.28 37.36
C ASP C 121 4.68 42.92 36.46
N ASP C 122 3.49 42.79 37.06
CA ASP C 122 2.30 42.30 36.35
C ASP C 122 1.58 43.36 35.50
N SER C 123 1.91 44.64 35.71
CA SER C 123 1.52 45.70 34.76
C SER C 123 2.21 45.58 33.38
N THR C 124 3.15 44.64 33.24
CA THR C 124 3.89 44.47 31.98
C THR C 124 3.48 43.23 31.23
N THR C 125 2.76 42.35 31.92
CA THR C 125 2.41 41.06 31.33
C THR C 125 1.49 41.25 30.15
N GLU C 126 1.90 40.71 29.01
CA GLU C 126 1.04 40.61 27.83
C GLU C 126 0.76 39.12 27.53
N THR C 127 -0.52 38.75 27.44
CA THR C 127 -0.95 37.36 27.36
C THR C 127 -1.97 37.05 26.24
N VAL C 128 -1.51 36.43 25.15
CA VAL C 128 -2.39 36.09 23.99
C VAL C 128 -3.09 34.72 24.13
N GLU C 129 -4.42 34.76 24.33
CA GLU C 129 -5.26 33.57 24.63
C GLU C 129 -5.41 32.54 23.50
N ARG C 130 -4.35 32.31 22.72
CA ARG C 130 -4.43 31.47 21.53
C ARG C 130 -3.09 30.78 21.22
N ASP C 131 -3.13 29.74 20.37
CA ASP C 131 -1.91 29.00 19.93
C ASP C 131 -1.06 29.83 18.97
N VAL C 132 0.10 30.25 19.49
CA VAL C 132 1.02 31.13 18.80
C VAL C 132 2.47 30.60 18.91
N ARG C 133 2.63 29.29 19.04
CA ARG C 133 3.94 28.69 19.35
C ARG C 133 4.84 28.84 18.15
N PRO C 134 6.17 29.01 18.37
CA PRO C 134 7.06 29.23 17.25
C PRO C 134 7.39 27.93 16.55
N ILE C 135 7.91 28.01 15.33
CA ILE C 135 8.56 26.87 14.76
C ILE C 135 9.95 26.85 15.38
N ILE C 136 10.42 25.69 15.85
CA ILE C 136 11.79 25.65 16.38
C ILE C 136 12.69 24.88 15.41
N MSE C 137 13.90 25.39 15.25
CA MSE C 137 14.97 24.69 14.57
C MSE C 137 16.21 24.58 15.44
O MSE C 137 17.11 23.81 15.15
CB MSE C 137 15.31 25.40 13.28
CG MSE C 137 14.44 25.07 12.07
SE MSE C 137 15.36 25.72 10.45
CE MSE C 137 14.70 24.43 9.08
N GLY C 138 16.26 25.37 16.52
CA GLY C 138 17.46 25.49 17.36
C GLY C 138 17.32 26.74 18.22
N ILE C 139 18.38 27.13 18.94
CA ILE C 139 18.37 28.37 19.74
C ILE C 139 19.57 29.20 19.30
N TYR C 140 19.29 30.41 18.83
CA TYR C 140 20.27 31.20 18.10
C TYR C 140 20.43 32.56 18.78
N THR C 141 21.62 33.14 18.72
CA THR C 141 21.91 34.30 19.52
C THR C 141 23.10 35.12 19.01
N GLU C 142 23.13 36.39 19.41
CA GLU C 142 24.12 37.34 18.96
C GLU C 142 24.75 38.04 20.15
N LEU C 143 24.46 37.51 21.33
CA LEU C 143 25.16 37.83 22.58
C LEU C 143 26.71 37.63 22.44
N GLU C 144 27.52 38.55 22.98
CA GLU C 144 29.01 38.35 22.99
C GLU C 144 29.21 37.09 23.87
N SER C 145 30.18 36.25 23.49
CA SER C 145 30.44 34.95 24.10
C SER C 145 30.93 35.04 25.54
N ASN C 146 31.74 36.06 25.77
CA ASN C 146 32.39 36.35 27.03
C ASN C 146 31.39 36.87 28.05
N ALA C 147 30.11 36.82 27.70
CA ALA C 147 29.06 37.27 28.60
C ALA C 147 28.47 36.06 29.33
N ALA C 148 29.00 34.88 29.05
CA ALA C 148 28.40 33.61 29.49
C ALA C 148 28.15 33.57 31.00
N ALA C 149 29.22 33.85 31.78
CA ALA C 149 29.21 33.81 33.23
C ALA C 149 28.26 34.86 33.77
N ASP C 150 28.38 36.09 33.29
CA ASP C 150 27.56 37.21 33.73
C ASP C 150 26.08 36.87 33.55
N LEU C 151 25.75 36.33 32.38
CA LEU C 151 24.38 36.03 32.00
C LEU C 151 23.83 34.74 32.59
N LEU C 152 24.65 33.70 32.71
CA LEU C 152 24.21 32.47 33.37
C LEU C 152 23.95 32.69 34.84
N ASN C 153 24.80 33.51 35.47
CA ASN C 153 24.63 33.95 36.84
C ASN C 153 23.36 34.76 37.14
N ALA C 154 22.75 35.33 36.10
CA ALA C 154 21.54 36.13 36.23
C ALA C 154 20.26 35.31 35.84
N GLY C 155 20.46 34.06 35.43
CA GLY C 155 19.36 33.11 35.26
C GLY C 155 18.91 32.84 33.82
N LEU C 156 19.73 33.27 32.83
CA LEU C 156 19.46 33.06 31.39
C LEU C 156 19.20 31.59 31.03
N ASN C 157 18.03 31.32 30.47
CA ASN C 157 17.59 29.98 30.15
C ASN C 157 16.48 30.02 29.11
N ALA C 158 16.54 29.04 28.23
CA ALA C 158 15.50 28.75 27.26
C ALA C 158 15.22 27.22 27.31
N HIS C 159 13.95 26.84 27.29
CA HIS C 159 13.57 25.45 27.49
C HIS C 159 12.47 25.14 26.49
N VAL C 160 12.70 24.11 25.67
CA VAL C 160 11.67 23.63 24.78
C VAL C 160 11.34 22.18 25.04
N GLU C 161 10.05 21.89 25.04
CA GLU C 161 9.56 20.51 25.16
C GLU C 161 9.00 20.03 23.85
N ILE C 162 9.42 18.85 23.42
CA ILE C 162 8.96 18.25 22.18
C ILE C 162 8.24 16.96 22.47
N ASN C 163 7.26 16.65 21.66
CA ASN C 163 6.66 15.35 21.71
C ASN C 163 7.26 14.62 20.53
N SER C 164 7.98 13.54 20.79
CA SER C 164 8.60 12.79 19.70
C SER C 164 7.72 11.63 19.17
N ARG C 165 6.48 11.54 19.65
CA ARG C 165 5.55 10.46 19.32
C ARG C 165 4.22 11.01 18.78
N PHE C 166 4.02 10.87 17.47
CA PHE C 166 2.86 11.45 16.76
C PHE C 166 1.57 10.61 16.73
N THR C 167 0.43 11.30 16.59
CA THR C 167 -0.90 10.69 16.72
C THR C 167 -1.85 11.20 15.66
N SER C 168 -2.86 10.40 15.37
CA SER C 168 -3.90 10.78 14.45
C SER C 168 -4.92 11.71 15.12
N VAL D 8 5.95 10.38 24.89
CA VAL D 8 7.42 10.44 25.10
C VAL D 8 7.94 11.83 24.72
N GLN D 9 8.61 12.48 25.68
CA GLN D 9 8.96 13.91 25.62
C GLN D 9 10.46 14.12 25.48
N SER D 10 10.89 14.79 24.43
CA SER D 10 12.25 15.32 24.37
C SER D 10 12.24 16.72 24.99
N SER D 11 13.41 17.23 25.27
CA SER D 11 13.55 18.50 25.95
C SER D 11 14.90 19.07 25.54
N VAL D 12 14.90 20.31 25.04
CA VAL D 12 16.12 21.07 24.75
C VAL D 12 16.32 22.25 25.73
N SER D 13 17.47 22.33 26.36
CA SER D 13 17.74 23.42 27.29
C SER D 13 18.94 24.24 26.78
N TRP D 14 18.89 25.55 26.94
CA TRP D 14 19.93 26.41 26.43
C TRP D 14 20.17 27.52 27.43
N PRO D 15 21.43 27.97 27.63
CA PRO D 15 22.74 27.58 27.10
C PRO D 15 23.19 26.25 27.63
N GLN D 16 24.24 25.70 26.98
CA GLN D 16 24.76 24.39 27.31
C GLN D 16 26.23 24.54 27.70
N ASN D 17 26.64 23.82 28.74
CA ASN D 17 28.08 23.76 29.10
C ASN D 17 28.79 25.11 29.28
N GLY D 18 28.07 26.07 29.85
CA GLY D 18 28.65 27.38 30.21
C GLY D 18 28.96 28.23 28.99
N SER D 19 28.21 27.97 27.91
CA SER D 19 28.51 28.56 26.62
C SER D 19 27.28 29.21 26.02
N LEU D 20 27.44 30.40 25.44
CA LEU D 20 26.35 31.05 24.71
C LEU D 20 26.28 30.74 23.21
N ASN D 21 26.91 29.68 22.75
CA ASN D 21 26.74 29.35 21.34
C ASN D 21 25.30 29.01 20.97
N SER D 22 24.88 29.50 19.79
CA SER D 22 23.71 29.00 19.13
C SER D 22 23.84 27.46 18.97
N VAL D 23 22.73 26.78 19.20
CA VAL D 23 22.66 25.35 19.08
C VAL D 23 21.54 25.02 18.07
N SER D 24 21.78 24.00 17.24
CA SER D 24 20.77 23.43 16.33
C SER D 24 20.01 22.33 17.08
N ALA D 25 18.69 22.30 17.00
CA ALA D 25 17.98 21.21 17.66
C ALA D 25 17.00 20.43 16.77
N PRO D 26 17.52 19.77 15.73
CA PRO D 26 16.55 19.00 14.94
C PRO D 26 16.08 17.80 15.77
N LEU D 27 14.87 17.32 15.48
CA LEU D 27 14.41 16.07 16.07
C LEU D 27 14.92 14.83 15.28
N MSE D 28 16.02 14.23 15.75
CA MSE D 28 16.79 13.15 15.06
C MSE D 28 16.07 11.79 14.89
O MSE D 28 16.37 11.02 13.95
CB MSE D 28 18.09 12.87 15.81
CG MSE D 28 19.08 14.06 15.96
SE MSE D 28 19.63 14.78 14.23
CE MSE D 28 21.25 15.78 14.71
N SER D 29 15.16 11.50 15.82
CA SER D 29 14.35 10.29 15.83
C SER D 29 12.97 10.59 16.40
N TYR D 30 11.98 9.82 15.97
CA TYR D 30 10.56 10.03 16.32
C TYR D 30 9.77 8.75 16.13
N THR D 31 8.57 8.71 16.68
CA THR D 31 7.59 7.71 16.33
C THR D 31 6.61 8.39 15.37
N PRO D 32 6.51 7.88 14.15
CA PRO D 32 5.62 8.47 13.15
C PRO D 32 4.16 8.09 13.38
N ILE D 33 3.26 8.81 12.73
CA ILE D 33 1.89 8.33 12.58
C ILE D 33 1.93 6.93 12.00
N SER D 34 2.54 6.79 10.83
CA SER D 34 2.55 5.51 10.17
C SER D 34 3.84 5.27 9.45
N PHE D 35 4.13 3.98 9.34
CA PHE D 35 5.14 3.41 8.46
C PHE D 35 4.48 2.34 7.58
N ASP D 36 4.74 2.41 6.28
CA ASP D 36 4.30 1.38 5.34
C ASP D 36 5.37 1.03 4.31
N ALA D 37 5.35 -0.24 3.87
CA ALA D 37 6.38 -0.74 2.95
C ALA D 37 5.86 -1.83 2.01
N LYS D 38 6.45 -1.86 0.81
CA LYS D 38 6.25 -2.89 -0.16
C LYS D 38 7.64 -3.39 -0.52
N ILE D 39 7.86 -4.67 -0.29
CA ILE D 39 9.19 -5.26 -0.50
C ILE D 39 9.11 -6.50 -1.39
N PRO D 40 9.64 -6.39 -2.64
CA PRO D 40 9.70 -7.60 -3.44
C PRO D 40 10.46 -8.68 -2.70
N VAL D 41 9.93 -9.90 -2.73
CA VAL D 41 10.59 -11.05 -2.07
C VAL D 41 11.92 -11.44 -2.76
N ALA D 42 12.09 -11.03 -4.01
CA ALA D 42 13.38 -11.00 -4.71
C ALA D 42 14.51 -10.22 -3.99
N SER D 43 14.14 -9.35 -3.04
CA SER D 43 15.09 -8.58 -2.23
C SER D 43 16.03 -9.49 -1.44
N VAL D 44 15.52 -10.66 -1.10
CA VAL D 44 16.23 -11.70 -0.35
C VAL D 44 17.49 -12.25 -1.03
N ASP D 45 17.54 -12.21 -2.37
CA ASP D 45 18.74 -12.64 -3.07
C ASP D 45 19.62 -11.46 -3.57
N LYS D 46 19.41 -10.27 -3.00
CA LYS D 46 20.06 -9.06 -3.54
C LYS D 46 20.84 -8.25 -2.45
N LEU D 47 21.27 -8.94 -1.41
CA LEU D 47 21.99 -8.33 -0.32
C LEU D 47 23.50 -8.29 -0.59
N ARG D 48 24.16 -7.27 -0.04
CA ARG D 48 25.62 -7.25 -0.03
C ARG D 48 26.19 -8.46 0.73
N LYS D 49 27.46 -8.77 0.54
CA LYS D 49 28.07 -9.93 1.19
C LYS D 49 27.93 -9.88 2.70
N ASP D 50 27.52 -11.00 3.28
CA ASP D 50 27.50 -11.17 4.72
C ASP D 50 26.57 -10.16 5.43
N GLN D 51 25.62 -9.57 4.71
CA GLN D 51 24.62 -8.64 5.29
C GLN D 51 23.23 -9.27 5.26
N ASP D 52 22.38 -8.94 6.23
CA ASP D 52 21.01 -9.45 6.25
C ASP D 52 19.90 -8.39 6.20
N LEU D 53 20.27 -7.12 6.42
CA LEU D 53 19.34 -5.98 6.40
C LEU D 53 18.79 -5.58 5.03
N ILE D 54 17.55 -5.97 4.75
CA ILE D 54 16.83 -5.43 3.59
C ILE D 54 16.34 -4.05 3.93
N LEU D 55 15.76 -3.87 5.12
CA LEU D 55 15.31 -2.54 5.47
C LEU D 55 15.24 -2.28 6.99
N GLY D 56 15.80 -1.13 7.40
CA GLY D 56 15.83 -0.73 8.78
C GLY D 56 15.45 0.75 8.93
N THR D 57 14.88 1.07 10.10
CA THR D 57 14.50 2.47 10.40
C THR D 57 15.50 3.20 11.33
N LEU D 58 16.49 2.45 11.83
CA LEU D 58 17.53 3.01 12.68
C LEU D 58 18.91 2.58 12.12
N PRO D 59 19.95 3.45 12.24
CA PRO D 59 21.32 3.05 11.88
C PRO D 59 21.71 1.89 12.82
N ALA D 60 22.71 1.10 12.46
CA ALA D 60 23.01 -0.06 13.30
C ALA D 60 23.80 0.35 14.59
N ASN D 61 24.48 1.48 14.52
CA ASN D 61 25.23 1.94 15.70
C ASN D 61 24.44 2.59 16.86
N SER D 62 23.11 2.61 16.79
CA SER D 62 22.36 3.41 17.77
C SER D 62 21.80 2.60 18.96
N GLU D 63 21.78 3.21 20.16
CA GLU D 63 21.39 2.47 21.40
C GLU D 63 20.01 1.77 21.24
N ASP D 64 19.96 0.52 21.71
CA ASP D 64 18.78 -0.33 21.58
C ASP D 64 18.14 -0.29 20.21
N ALA D 65 18.94 -0.27 19.15
CA ALA D 65 18.35 -0.22 17.82
C ALA D 65 17.29 -1.32 17.65
N GLY D 66 17.65 -2.56 17.99
CA GLY D 66 16.79 -3.72 17.74
C GLY D 66 15.54 -3.74 18.61
N ALA D 67 15.56 -3.00 19.73
CA ALA D 67 14.41 -2.89 20.63
C ALA D 67 13.46 -1.76 20.21
N ARG D 68 13.89 -0.95 19.25
CA ARG D 68 13.26 0.33 19.00
C ARG D 68 12.79 0.51 17.55
N GLY D 69 13.63 0.14 16.56
CA GLY D 69 13.29 0.32 15.16
C GLY D 69 12.38 -0.74 14.58
N LEU D 70 12.29 -0.73 13.25
CA LEU D 70 11.70 -1.80 12.45
C LEU D 70 12.80 -2.24 11.52
N PHE D 71 12.89 -3.55 11.37
CA PHE D 71 13.94 -4.15 10.58
C PHE D 71 13.38 -5.29 9.75
N VAL D 72 13.76 -5.31 8.46
CA VAL D 72 13.46 -6.43 7.56
C VAL D 72 14.77 -7.09 7.25
N ARG D 73 14.91 -8.34 7.70
CA ARG D 73 16.15 -9.10 7.54
C ARG D 73 15.90 -10.45 6.89
N ALA D 74 16.82 -10.84 6.01
CA ALA D 74 16.87 -12.17 5.42
C ALA D 74 18.22 -12.79 5.64
N ASN D 75 18.23 -14.05 6.08
CA ASN D 75 19.47 -14.82 6.27
C ASN D 75 19.21 -16.30 6.04
N ASP D 76 19.82 -17.17 6.85
CA ASP D 76 19.62 -18.60 6.68
C ASP D 76 18.41 -19.14 7.44
N ASP D 77 17.91 -18.33 8.35
CA ASP D 77 16.66 -18.56 9.06
C ASP D 77 15.45 -18.10 8.25
N GLY D 78 15.69 -17.36 7.18
CA GLY D 78 14.62 -16.87 6.33
C GLY D 78 14.45 -15.39 6.52
N LEU D 79 13.20 -14.97 6.51
CA LEU D 79 12.85 -13.56 6.54
C LEU D 79 12.18 -13.24 7.86
N GLN D 80 12.72 -12.24 8.57
CA GLN D 80 12.25 -11.82 9.87
C GLN D 80 11.97 -10.32 9.81
N ILE D 81 10.80 -9.93 10.30
CA ILE D 81 10.46 -8.53 10.43
C ILE D 81 10.13 -8.33 11.91
N THR D 82 10.71 -7.28 12.47
CA THR D 82 10.59 -6.91 13.86
C THR D 82 10.24 -5.41 13.95
N SER D 83 9.32 -5.07 14.85
CA SER D 83 8.98 -3.66 15.09
C SER D 83 8.85 -3.39 16.56
N HIS D 84 9.55 -2.34 16.98
CA HIS D 84 9.76 -2.02 18.37
C HIS D 84 10.08 -3.29 19.18
N GLY D 85 11.00 -4.10 18.69
CA GLY D 85 11.40 -5.28 19.44
C GLY D 85 10.47 -6.48 19.32
N GLU D 86 9.25 -6.25 18.85
CA GLU D 86 8.27 -7.29 18.63
C GLU D 86 8.33 -7.96 17.24
N LEU D 87 8.36 -9.28 17.24
CA LEU D 87 8.38 -10.07 16.00
C LEU D 87 7.05 -9.92 15.25
N VAL D 88 7.13 -9.37 14.04
CA VAL D 88 5.93 -9.16 13.26
C VAL D 88 5.71 -10.21 12.15
N LEU D 89 6.78 -10.84 11.68
CA LEU D 89 6.69 -11.79 10.60
C LEU D 89 7.95 -12.61 10.59
N ASP D 90 7.77 -13.91 10.36
CA ASP D 90 8.85 -14.83 10.33
C ASP D 90 8.48 -15.87 9.26
N LEU D 91 9.14 -15.77 8.11
CA LEU D 91 8.97 -16.78 7.08
C LEU D 91 10.28 -17.58 6.95
N SER D 92 10.15 -18.90 7.08
CA SER D 92 11.29 -19.79 7.02
C SER D 92 11.80 -19.84 5.60
N LYS D 93 13.01 -20.35 5.44
CA LYS D 93 13.63 -20.51 4.16
C LYS D 93 12.82 -21.48 3.28
N ARG D 94 12.14 -22.42 3.93
CA ARG D 94 11.21 -23.33 3.26
C ARG D 94 9.99 -22.58 2.73
N GLU D 95 9.36 -21.76 3.58
CA GLU D 95 8.22 -20.93 3.17
C GLU D 95 8.61 -20.01 2.01
N LEU D 96 9.74 -19.32 2.13
CA LEU D 96 10.21 -18.40 1.11
C LEU D 96 10.28 -19.04 -0.25
N ALA D 97 10.81 -20.27 -0.30
CA ALA D 97 11.04 -21.02 -1.55
C ALA D 97 9.78 -21.56 -2.24
N GLN D 98 8.66 -21.62 -1.52
CA GLN D 98 7.38 -22.06 -2.07
C GLN D 98 6.52 -20.88 -2.57
N LEU D 99 7.04 -19.67 -2.44
CA LEU D 99 6.37 -18.44 -2.81
C LEU D 99 6.63 -18.11 -4.30
N PRO D 100 5.66 -17.48 -5.00
CA PRO D 100 5.99 -17.09 -6.35
C PRO D 100 7.12 -16.07 -6.38
N ALA D 101 7.90 -16.12 -7.46
CA ALA D 101 9.09 -15.28 -7.59
C ALA D 101 8.77 -13.80 -7.43
N ASP D 102 7.58 -13.38 -7.85
CA ASP D 102 7.26 -11.96 -7.75
C ASP D 102 6.27 -11.69 -6.61
N ALA D 103 6.28 -12.55 -5.58
CA ALA D 103 5.57 -12.24 -4.34
C ALA D 103 6.08 -10.91 -3.75
N THR D 104 5.25 -10.25 -2.95
CA THR D 104 5.61 -8.97 -2.35
C THR D 104 5.25 -9.10 -0.88
N ILE D 105 6.15 -8.63 -0.02
CA ILE D 105 5.84 -8.42 1.39
C ILE D 105 5.21 -7.03 1.63
N ALA D 106 4.04 -7.02 2.22
CA ALA D 106 3.42 -5.75 2.58
C ALA D 106 3.53 -5.57 4.10
N ILE D 107 3.93 -4.37 4.51
CA ILE D 107 3.98 -4.01 5.96
C ILE D 107 3.21 -2.70 6.26
N SER D 108 2.25 -2.73 7.19
CA SER D 108 1.72 -1.46 7.71
C SER D 108 1.81 -1.32 9.24
N ALA D 109 2.64 -0.37 9.72
CA ALA D 109 2.72 -0.05 11.17
C ALA D 109 1.95 1.21 11.53
N THR D 110 0.94 1.07 12.34
CA THR D 110 0.09 2.16 12.73
C THR D 110 -0.02 2.13 14.26
N GLU D 111 -0.62 3.19 14.86
CA GLU D 111 -0.85 3.25 16.31
C GLU D 111 -1.83 2.18 16.79
N ASP D 112 -2.81 1.87 15.95
CA ASP D 112 -3.80 0.84 16.21
C ASP D 112 -3.20 -0.57 16.11
N GLU D 113 -2.30 -0.79 15.15
CA GLU D 113 -1.74 -2.14 14.90
C GLU D 113 -0.66 -2.16 13.84
N THR D 114 0.12 -3.22 13.85
CA THR D 114 1.16 -3.50 12.85
C THR D 114 0.87 -4.85 12.21
N THR D 115 0.50 -4.84 10.93
CA THR D 115 0.31 -6.09 10.19
C THR D 115 1.46 -6.28 9.20
N ALA D 116 1.79 -7.54 8.91
CA ALA D 116 2.80 -7.80 7.88
C ALA D 116 2.41 -9.13 7.24
N GLY D 117 2.86 -9.36 6.02
CA GLY D 117 2.51 -10.57 5.29
C GLY D 117 2.85 -10.56 3.83
N ILE D 118 2.67 -11.69 3.14
CA ILE D 118 2.77 -11.76 1.67
C ILE D 118 1.51 -11.17 1.08
N GLU D 119 1.66 -10.19 0.19
CA GLU D 119 0.50 -9.51 -0.33
C GLU D 119 -0.45 -10.47 -1.07
N GLY D 120 -1.75 -10.36 -0.75
CA GLY D 120 -2.76 -11.21 -1.34
C GLY D 120 -2.71 -12.65 -0.87
N ASP D 121 -2.19 -12.89 0.33
CA ASP D 121 -2.01 -14.25 0.86
C ASP D 121 -2.36 -14.27 2.35
N ASP D 122 -3.63 -14.50 2.63
CA ASP D 122 -4.22 -14.33 3.97
C ASP D 122 -3.64 -15.25 5.07
N SER D 123 -3.10 -16.40 4.67
CA SER D 123 -2.53 -17.37 5.60
C SER D 123 -1.20 -16.90 6.17
N THR D 124 -0.57 -15.94 5.51
CA THR D 124 0.72 -15.44 5.94
C THR D 124 0.62 -14.18 6.82
N THR D 125 -0.52 -13.50 6.73
CA THR D 125 -0.78 -12.30 7.47
C THR D 125 -0.73 -12.48 8.97
N GLU D 126 0.16 -11.71 9.59
CA GLU D 126 0.30 -11.72 11.03
C GLU D 126 -0.09 -10.34 11.55
N THR D 127 -0.78 -10.23 12.69
CA THR D 127 -1.04 -8.86 13.15
C THR D 127 -0.88 -8.65 14.64
N VAL D 128 -0.06 -7.67 14.99
CA VAL D 128 0.01 -7.22 16.39
C VAL D 128 -1.01 -6.10 16.68
N GLU D 129 -1.87 -6.33 17.64
CA GLU D 129 -2.96 -5.40 17.91
C GLU D 129 -2.66 -4.35 18.99
N ARG D 130 -1.41 -3.92 19.04
CA ARG D 130 -0.94 -2.92 19.98
C ARG D 130 -0.20 -1.91 19.21
N ASP D 131 -0.06 -0.72 19.77
CA ASP D 131 0.94 0.21 19.27
C ASP D 131 2.31 -0.42 19.47
N VAL D 132 2.86 -0.95 18.38
CA VAL D 132 4.26 -1.36 18.30
C VAL D 132 4.96 -0.59 17.20
N ARG D 133 4.59 0.68 17.02
CA ARG D 133 5.18 1.50 15.94
C ARG D 133 6.68 1.68 16.19
N PRO D 134 7.50 1.67 15.09
CA PRO D 134 8.92 1.89 15.24
C PRO D 134 9.36 3.34 15.58
N ILE D 135 10.52 3.46 16.24
CA ILE D 135 11.27 4.69 16.22
C ILE D 135 11.97 4.79 14.85
N ILE D 136 11.87 5.96 14.23
CA ILE D 136 12.43 6.12 12.90
C ILE D 136 13.48 7.23 12.96
N MSE D 137 14.65 7.00 12.35
CA MSE D 137 15.64 8.03 12.03
C MSE D 137 15.78 8.27 10.53
O MSE D 137 16.26 9.34 10.11
CB MSE D 137 17.00 7.67 12.62
CG MSE D 137 17.06 7.88 14.12
SE MSE D 137 18.72 7.50 15.06
CE MSE D 137 19.94 8.77 14.21
N GLY D 138 15.36 7.28 9.72
CA GLY D 138 15.54 7.27 8.29
C GLY D 138 15.32 5.87 7.69
N ILE D 139 15.80 5.63 6.48
CA ILE D 139 15.65 4.31 5.85
C ILE D 139 17.00 3.81 5.39
N TYR D 140 17.38 2.69 5.99
CA TYR D 140 18.69 2.08 5.85
C TYR D 140 18.58 0.69 5.25
N THR D 141 19.61 0.28 4.51
CA THR D 141 19.57 -0.94 3.74
C THR D 141 20.99 -1.46 3.48
N GLU D 142 21.14 -2.78 3.34
CA GLU D 142 22.40 -3.37 2.86
C GLU D 142 22.13 -4.14 1.56
N LEU D 143 21.05 -3.77 0.86
CA LEU D 143 20.79 -4.30 -0.49
C LEU D 143 21.86 -3.78 -1.44
N GLU D 144 22.35 -4.65 -2.30
CA GLU D 144 23.24 -4.30 -3.40
C GLU D 144 22.72 -3.12 -4.23
N SER D 145 23.44 -2.00 -4.30
CA SER D 145 22.89 -0.80 -4.97
C SER D 145 22.59 -1.03 -6.48
N ASN D 146 23.39 -1.90 -7.06
CA ASN D 146 23.10 -2.77 -8.21
C ASN D 146 21.63 -3.17 -8.52
N ALA D 147 20.92 -3.60 -7.48
CA ALA D 147 19.57 -4.15 -7.56
C ALA D 147 18.42 -3.11 -7.75
N ALA D 148 18.79 -1.83 -7.90
CA ALA D 148 17.82 -0.72 -7.82
C ALA D 148 16.75 -0.80 -8.90
N ALA D 149 17.17 -0.78 -10.17
CA ALA D 149 16.24 -0.97 -11.31
C ALA D 149 15.24 -2.13 -11.14
N ASP D 150 15.71 -3.36 -10.90
CA ASP D 150 14.83 -4.53 -10.64
C ASP D 150 13.87 -4.44 -9.48
N LEU D 151 14.37 -3.99 -8.35
CA LEU D 151 13.61 -3.89 -7.17
C LEU D 151 12.57 -2.74 -7.29
N LEU D 152 12.96 -1.62 -7.89
CA LEU D 152 12.02 -0.54 -8.09
C LEU D 152 10.96 -0.91 -9.11
N ASN D 153 11.36 -1.52 -10.23
CA ASN D 153 10.34 -2.11 -11.15
C ASN D 153 9.37 -3.13 -10.53
N ALA D 154 9.76 -3.76 -9.45
CA ALA D 154 8.90 -4.76 -8.79
C ALA D 154 8.12 -4.06 -7.67
N GLY D 155 8.35 -2.77 -7.46
CA GLY D 155 7.54 -1.95 -6.57
C GLY D 155 8.08 -1.82 -5.15
N LEU D 156 9.41 -1.86 -4.98
CA LEU D 156 9.99 -1.56 -3.70
C LEU D 156 9.69 -0.14 -3.24
N ASN D 157 9.20 -0.02 -1.99
CA ASN D 157 8.82 1.27 -1.45
C ASN D 157 8.70 1.26 0.06
N ALA D 158 9.04 2.38 0.67
CA ALA D 158 8.81 2.62 2.08
C ALA D 158 8.31 4.04 2.25
N HIS D 159 7.37 4.17 3.15
CA HIS D 159 6.67 5.40 3.31
C HIS D 159 6.41 5.67 4.80
N VAL D 160 6.86 6.83 5.29
CA VAL D 160 6.53 7.31 6.63
C VAL D 160 5.70 8.60 6.65
N GLU D 161 4.58 8.57 7.38
CA GLU D 161 3.82 9.79 7.69
C GLU D 161 4.27 10.24 9.05
N ILE D 162 4.83 11.44 9.11
CA ILE D 162 5.45 11.89 10.34
C ILE D 162 4.44 12.61 11.18
N ASN D 163 3.96 13.75 10.69
CA ASN D 163 3.21 14.70 11.51
C ASN D 163 1.73 14.91 11.11
N SER D 164 1.33 14.44 9.94
CA SER D 164 -0.04 14.65 9.40
C SER D 164 -1.15 13.90 10.15
N GLN E 9 -16.01 -14.37 -20.12
CA GLN E 9 -15.28 -15.42 -20.90
C GLN E 9 -15.09 -15.11 -22.41
N SER E 10 -14.16 -15.84 -23.05
CA SER E 10 -13.81 -15.67 -24.46
C SER E 10 -13.15 -16.96 -25.06
N SER E 11 -13.11 -17.04 -26.40
CA SER E 11 -12.81 -18.25 -27.16
C SER E 11 -11.60 -18.04 -28.03
N VAL E 12 -10.76 -19.07 -28.16
CA VAL E 12 -9.80 -19.12 -29.28
C VAL E 12 -10.14 -20.35 -30.15
N SER E 13 -10.23 -20.14 -31.46
CA SER E 13 -10.46 -21.20 -32.41
C SER E 13 -9.35 -21.23 -33.47
N TRP E 14 -9.03 -22.43 -33.97
CA TRP E 14 -7.96 -22.70 -34.93
C TRP E 14 -8.39 -23.94 -35.73
N PRO E 15 -8.00 -24.05 -37.02
CA PRO E 15 -7.23 -23.10 -37.85
C PRO E 15 -7.99 -21.82 -38.15
N GLN E 16 -7.26 -20.82 -38.61
CA GLN E 16 -7.89 -19.57 -38.91
C GLN E 16 -7.73 -19.35 -40.39
N ASN E 17 -8.76 -18.77 -41.01
CA ASN E 17 -8.71 -18.35 -42.42
C ASN E 17 -8.26 -19.42 -43.40
N GLY E 18 -8.58 -20.68 -43.07
CA GLY E 18 -8.28 -21.79 -43.96
C GLY E 18 -6.79 -22.06 -44.13
N SER E 19 -5.99 -21.65 -43.15
CA SER E 19 -4.54 -21.85 -43.13
C SER E 19 -4.16 -22.68 -41.90
N LEU E 20 -3.11 -23.51 -42.05
CA LEU E 20 -2.60 -24.29 -40.93
C LEU E 20 -1.52 -23.56 -40.11
N ASN E 21 -1.30 -22.28 -40.39
CA ASN E 21 -0.33 -21.52 -39.60
C ASN E 21 -0.67 -21.54 -38.10
N SER E 22 0.38 -21.59 -37.30
CA SER E 22 0.28 -21.32 -35.90
C SER E 22 -0.21 -19.91 -35.63
N VAL E 23 -0.81 -19.76 -34.46
CA VAL E 23 -1.34 -18.50 -34.00
C VAL E 23 -1.03 -18.42 -32.53
N SER E 24 -0.63 -17.24 -32.09
CA SER E 24 -0.55 -16.98 -30.67
C SER E 24 -1.90 -16.53 -30.19
N ALA E 25 -2.23 -16.88 -28.95
CA ALA E 25 -3.44 -16.38 -28.31
C ALA E 25 -3.13 -15.75 -26.96
N PRO E 26 -2.41 -14.63 -26.93
CA PRO E 26 -2.25 -13.98 -25.64
C PRO E 26 -3.58 -13.39 -25.21
N LEU E 27 -3.87 -13.49 -23.92
CA LEU E 27 -5.01 -12.81 -23.31
C LEU E 27 -4.78 -11.27 -23.13
N MSE E 28 -5.50 -10.48 -23.91
CA MSE E 28 -5.30 -9.02 -23.99
C MSE E 28 -5.94 -8.25 -22.85
O MSE E 28 -5.42 -7.21 -22.39
CB MSE E 28 -5.80 -8.46 -25.34
CG MSE E 28 -5.18 -9.15 -26.58
SE MSE E 28 -3.19 -9.09 -26.79
CE MSE E 28 -2.94 -7.15 -27.05
N SER E 29 -7.08 -8.76 -22.37
CA SER E 29 -7.74 -8.18 -21.20
C SER E 29 -8.19 -9.24 -20.19
N TYR E 30 -8.26 -8.84 -18.93
CA TYR E 30 -8.54 -9.77 -17.84
C TYR E 30 -8.88 -8.94 -16.65
N THR E 31 -9.59 -9.56 -15.71
CA THR E 31 -9.93 -9.00 -14.43
C THR E 31 -8.90 -9.57 -13.46
N PRO E 32 -8.05 -8.73 -12.84
CA PRO E 32 -7.03 -9.33 -11.98
C PRO E 32 -7.61 -9.80 -10.67
N ILE E 33 -6.86 -10.58 -9.91
CA ILE E 33 -7.12 -10.82 -8.50
C ILE E 33 -7.18 -9.50 -7.71
N SER E 34 -6.34 -8.57 -8.06
CA SER E 34 -6.06 -7.45 -7.16
C SER E 34 -5.53 -6.34 -7.98
N PHE E 35 -5.95 -5.13 -7.68
CA PHE E 35 -5.31 -3.92 -8.11
C PHE E 35 -5.08 -3.02 -6.95
N ASP E 36 -3.98 -2.31 -6.96
CA ASP E 36 -3.79 -1.33 -5.92
C ASP E 36 -2.84 -0.25 -6.37
N ALA E 37 -3.07 0.98 -5.90
CA ALA E 37 -2.23 2.10 -6.36
C ALA E 37 -1.87 3.14 -5.26
N LYS E 38 -0.74 3.85 -5.44
CA LYS E 38 -0.41 4.99 -4.60
C LYS E 38 -0.13 6.14 -5.52
N ILE E 39 -0.97 7.17 -5.37
CA ILE E 39 -0.86 8.36 -6.23
C ILE E 39 -0.68 9.62 -5.40
N PRO E 40 0.50 10.24 -5.50
CA PRO E 40 0.69 11.53 -4.88
C PRO E 40 -0.37 12.50 -5.40
N VAL E 41 -0.81 13.38 -4.54
CA VAL E 41 -1.75 14.39 -4.99
C VAL E 41 -1.08 15.40 -5.90
N ALA E 42 0.22 15.57 -5.80
CA ALA E 42 0.93 16.42 -6.73
C ALA E 42 0.63 16.09 -8.20
N SER E 43 0.28 14.84 -8.48
CA SER E 43 -0.09 14.38 -9.85
C SER E 43 -1.06 15.29 -10.58
N VAL E 44 -2.05 15.75 -9.81
CA VAL E 44 -3.07 16.65 -10.30
C VAL E 44 -2.50 17.89 -11.03
N ASP E 45 -1.30 18.35 -10.62
CA ASP E 45 -0.67 19.48 -11.29
C ASP E 45 0.24 19.04 -12.44
N LYS E 46 0.27 17.75 -12.76
CA LYS E 46 1.25 17.18 -13.69
C LYS E 46 0.67 16.60 -14.98
N LEU E 47 -0.57 16.94 -15.31
CA LEU E 47 -1.20 16.41 -16.54
C LEU E 47 -0.85 17.18 -17.77
N ARG E 48 -0.95 16.52 -18.93
CA ARG E 48 -0.60 17.21 -20.19
C ARG E 48 -1.76 18.10 -20.51
N LYS E 49 -1.52 19.09 -21.36
CA LYS E 49 -2.57 19.99 -21.81
C LYS E 49 -3.82 19.25 -22.27
N ASP E 50 -4.99 19.66 -21.78
CA ASP E 50 -6.27 19.14 -22.24
C ASP E 50 -6.47 17.70 -21.84
N GLN E 51 -5.61 17.18 -20.94
CA GLN E 51 -5.76 15.81 -20.45
C GLN E 51 -6.16 15.78 -18.99
N ASP E 52 -6.86 14.72 -18.61
CA ASP E 52 -7.29 14.49 -17.21
C ASP E 52 -6.84 13.13 -16.64
N LEU E 53 -6.28 12.27 -17.49
CA LEU E 53 -5.92 10.88 -17.14
C LEU E 53 -4.60 10.76 -16.36
N ILE E 54 -4.73 10.52 -15.07
CA ILE E 54 -3.61 10.28 -14.19
C ILE E 54 -3.27 8.83 -14.37
N LEU E 55 -4.27 7.96 -14.37
CA LEU E 55 -3.99 6.57 -14.59
C LEU E 55 -5.27 5.85 -14.92
N GLY E 56 -5.20 5.01 -15.96
CA GLY E 56 -6.31 4.10 -16.31
C GLY E 56 -5.75 2.74 -16.70
N THR E 57 -6.63 1.74 -16.66
CA THR E 57 -6.26 0.34 -16.92
C THR E 57 -6.69 -0.18 -18.31
N LEU E 58 -7.39 0.66 -19.07
CA LEU E 58 -7.75 0.35 -20.45
C LEU E 58 -7.36 1.54 -21.28
N PRO E 59 -6.88 1.34 -22.54
CA PRO E 59 -6.61 2.48 -23.43
C PRO E 59 -7.88 3.19 -23.88
N ALA E 60 -7.77 4.47 -24.22
CA ALA E 60 -8.93 5.33 -24.50
C ALA E 60 -9.79 4.83 -25.67
N ASN E 61 -9.14 4.52 -26.78
CA ASN E 61 -9.82 3.93 -27.94
C ASN E 61 -10.81 2.79 -27.61
N SER E 62 -10.67 2.14 -26.45
CA SER E 62 -11.23 0.80 -26.28
C SER E 62 -12.72 0.77 -25.84
N GLU E 63 -13.42 -0.31 -26.21
CA GLU E 63 -14.89 -0.37 -26.17
C GLU E 63 -15.43 -0.41 -24.75
N ASP E 64 -16.41 0.45 -24.48
CA ASP E 64 -17.05 0.60 -23.16
C ASP E 64 -16.07 0.78 -22.00
N ALA E 65 -14.95 1.46 -22.27
CA ALA E 65 -13.84 1.54 -21.33
C ALA E 65 -14.25 2.08 -19.95
N GLY E 66 -15.00 3.18 -19.96
CA GLY E 66 -15.43 3.88 -18.74
C GLY E 66 -16.34 3.03 -17.87
N ALA E 67 -17.04 2.08 -18.50
CA ALA E 67 -17.89 1.16 -17.76
C ALA E 67 -17.12 -0.08 -17.27
N ARG E 68 -15.89 -0.29 -17.75
CA ARG E 68 -15.11 -1.53 -17.48
C ARG E 68 -13.80 -1.29 -16.73
N GLY E 69 -13.10 -0.19 -17.03
CA GLY E 69 -11.72 -0.01 -16.55
C GLY E 69 -11.72 0.60 -15.17
N LEU E 70 -10.52 0.91 -14.69
CA LEU E 70 -10.29 1.75 -13.52
C LEU E 70 -9.56 3.00 -14.02
N PHE E 71 -10.08 4.17 -13.66
CA PHE E 71 -9.55 5.45 -14.14
C PHE E 71 -9.40 6.45 -13.00
N VAL E 72 -8.21 7.04 -12.89
CA VAL E 72 -7.99 8.18 -12.01
C VAL E 72 -7.91 9.46 -12.81
N ARG E 73 -8.90 10.35 -12.59
CA ARG E 73 -8.94 11.60 -13.38
C ARG E 73 -8.93 12.88 -12.54
N ALA E 74 -8.28 13.92 -13.03
CA ALA E 74 -8.34 15.23 -12.38
C ALA E 74 -8.64 16.34 -13.38
N ASN E 75 -9.58 17.21 -13.03
CA ASN E 75 -9.96 18.31 -13.91
C ASN E 75 -10.44 19.48 -13.08
N ASP E 76 -11.23 20.34 -13.71
CA ASP E 76 -11.89 21.45 -13.05
C ASP E 76 -12.79 21.07 -11.85
N ASP E 77 -13.33 19.86 -11.87
CA ASP E 77 -14.26 19.41 -10.85
C ASP E 77 -13.54 18.77 -9.68
N GLY E 78 -12.29 18.41 -9.85
CA GLY E 78 -11.51 17.81 -8.80
C GLY E 78 -10.95 16.47 -9.21
N LEU E 79 -10.95 15.51 -8.29
CA LEU E 79 -10.42 14.20 -8.58
C LEU E 79 -11.53 13.18 -8.51
N GLN E 80 -11.58 12.35 -9.55
CA GLN E 80 -12.59 11.30 -9.65
C GLN E 80 -11.89 9.93 -9.88
N ILE E 81 -12.31 8.93 -9.12
CA ILE E 81 -11.90 7.52 -9.35
C ILE E 81 -13.09 6.65 -9.61
N THR E 82 -13.09 6.03 -10.79
CA THR E 82 -14.16 5.07 -11.14
C THR E 82 -13.55 3.69 -11.33
N SER E 83 -14.26 2.67 -10.89
CA SER E 83 -13.84 1.27 -11.10
C SER E 83 -14.97 0.41 -11.62
N HIS E 84 -14.80 -0.09 -12.84
CA HIS E 84 -15.84 -0.87 -13.54
C HIS E 84 -17.10 -0.04 -13.53
N GLY E 85 -17.02 1.20 -13.98
CA GLY E 85 -18.18 2.08 -14.03
C GLY E 85 -18.64 2.72 -12.72
N GLU E 86 -18.09 2.29 -11.58
CA GLU E 86 -18.66 2.74 -10.30
C GLU E 86 -17.76 3.81 -9.74
N LEU E 87 -18.37 4.87 -9.22
CA LEU E 87 -17.64 6.00 -8.62
C LEU E 87 -17.18 5.61 -7.23
N VAL E 88 -15.87 5.54 -7.09
CA VAL E 88 -15.21 5.02 -5.92
C VAL E 88 -14.56 6.14 -5.11
N LEU E 89 -14.35 7.32 -5.71
CA LEU E 89 -13.94 8.49 -4.94
C LEU E 89 -14.06 9.76 -5.77
N ASP E 90 -14.42 10.84 -5.09
CA ASP E 90 -14.65 12.13 -5.71
C ASP E 90 -14.24 13.16 -4.66
N LEU E 91 -13.16 13.86 -4.95
CA LEU E 91 -12.74 15.00 -4.16
C LEU E 91 -12.83 16.25 -5.05
N SER E 92 -13.44 17.31 -4.55
CA SER E 92 -13.55 18.58 -5.25
C SER E 92 -12.24 19.32 -5.17
N LYS E 93 -12.01 20.28 -6.07
CA LYS E 93 -10.84 21.18 -6.04
C LYS E 93 -10.60 21.81 -4.67
N ARG E 94 -11.70 22.00 -3.94
CA ARG E 94 -11.74 22.64 -2.63
C ARG E 94 -11.20 21.73 -1.50
N GLU E 95 -11.57 20.45 -1.47
CA GLU E 95 -10.92 19.53 -0.54
C GLU E 95 -9.48 19.20 -0.95
N LEU E 96 -9.21 19.09 -2.24
CA LEU E 96 -7.82 18.89 -2.69
C LEU E 96 -6.90 20.00 -2.14
N ALA E 97 -7.35 21.27 -2.20
CA ALA E 97 -6.55 22.41 -1.73
C ALA E 97 -6.33 22.51 -0.21
N GLN E 98 -7.19 21.85 0.55
CA GLN E 98 -7.09 21.77 2.00
C GLN E 98 -6.26 20.54 2.48
N LEU E 99 -5.85 19.66 1.56
CA LEU E 99 -4.93 18.57 1.93
C LEU E 99 -3.46 19.06 1.90
N PRO E 100 -2.58 18.40 2.69
CA PRO E 100 -1.13 18.59 2.61
C PRO E 100 -0.63 18.40 1.19
N ALA E 101 0.36 19.20 0.78
CA ALA E 101 0.89 19.07 -0.57
C ALA E 101 1.37 17.65 -0.84
N ASP E 102 1.90 16.98 0.18
CA ASP E 102 2.40 15.62 -0.06
C ASP E 102 1.49 14.50 0.43
N ALA E 103 0.18 14.73 0.40
CA ALA E 103 -0.78 13.68 0.66
C ALA E 103 -0.74 12.63 -0.45
N THR E 104 -1.22 11.42 -0.11
CA THR E 104 -1.25 10.28 -1.04
C THR E 104 -2.69 9.72 -1.14
N ILE E 105 -3.13 9.39 -2.35
CA ILE E 105 -4.37 8.65 -2.64
C ILE E 105 -4.01 7.17 -2.73
N ALA E 106 -4.77 6.37 -1.98
CA ALA E 106 -4.53 4.95 -1.90
C ALA E 106 -5.73 4.29 -2.50
N ILE E 107 -5.52 3.38 -3.43
CA ILE E 107 -6.66 2.55 -3.96
C ILE E 107 -6.37 1.06 -3.84
N SER E 108 -7.37 0.31 -3.36
CA SER E 108 -7.33 -1.15 -3.28
C SER E 108 -8.62 -1.69 -3.82
N ALA E 109 -8.52 -2.28 -5.01
CA ALA E 109 -9.56 -3.10 -5.61
C ALA E 109 -9.31 -4.59 -5.48
N THR E 110 -10.19 -5.28 -4.74
CA THR E 110 -10.20 -6.73 -4.72
C THR E 110 -11.63 -7.34 -4.88
N GLU E 111 -11.69 -8.66 -4.81
CA GLU E 111 -12.95 -9.32 -5.07
C GLU E 111 -13.96 -9.00 -3.99
N ASP E 112 -13.49 -8.79 -2.75
CA ASP E 112 -14.37 -8.47 -1.62
C ASP E 112 -14.79 -6.98 -1.47
N GLU E 113 -13.94 -6.03 -1.86
CA GLU E 113 -14.23 -4.60 -1.69
C GLU E 113 -13.24 -3.76 -2.46
N THR E 114 -13.68 -2.68 -3.09
CA THR E 114 -12.71 -1.64 -3.39
C THR E 114 -12.77 -0.45 -2.42
N THR E 115 -11.61 0.19 -2.25
CA THR E 115 -11.46 1.32 -1.33
C THR E 115 -10.58 2.36 -1.95
N ALA E 116 -10.97 3.61 -1.74
CA ALA E 116 -10.07 4.68 -2.13
C ALA E 116 -10.15 5.77 -1.04
N GLY E 117 -9.13 6.60 -1.03
CA GLY E 117 -9.03 7.73 -0.16
C GLY E 117 -7.68 8.31 0.02
N ILE E 118 -7.61 9.20 1.01
CA ILE E 118 -6.33 9.84 1.30
C ILE E 118 -5.69 8.94 2.33
N GLU E 119 -4.48 8.45 2.06
CA GLU E 119 -3.79 7.57 2.99
C GLU E 119 -3.65 8.21 4.37
N GLY E 120 -4.12 7.52 5.40
CA GLY E 120 -4.06 8.06 6.79
C GLY E 120 -5.22 8.94 7.22
N ASP E 121 -6.20 9.10 6.33
CA ASP E 121 -7.26 10.08 6.57
C ASP E 121 -8.65 9.39 6.58
N ASP E 122 -9.02 8.87 7.74
CA ASP E 122 -10.27 8.12 7.91
C ASP E 122 -11.48 8.75 7.24
N SER E 123 -11.59 10.07 7.33
CA SER E 123 -12.77 10.81 6.86
C SER E 123 -12.87 10.89 5.33
N THR E 124 -11.85 10.43 4.62
CA THR E 124 -11.94 10.44 3.17
C THR E 124 -12.31 9.05 2.60
N THR E 125 -12.04 8.00 3.37
CA THR E 125 -12.17 6.65 2.81
C THR E 125 -13.58 6.25 2.40
N GLU E 126 -13.64 5.65 1.22
CA GLU E 126 -14.83 5.18 0.54
C GLU E 126 -14.75 3.66 0.34
N THR E 127 -15.81 2.92 0.68
CA THR E 127 -15.71 1.49 0.42
C THR E 127 -16.90 0.88 -0.28
N VAL E 128 -16.68 0.46 -1.52
CA VAL E 128 -17.68 -0.34 -2.18
C VAL E 128 -17.42 -1.78 -1.76
N GLU E 129 -18.30 -2.29 -0.90
CA GLU E 129 -18.20 -3.66 -0.41
C GLU E 129 -18.91 -4.64 -1.36
N ARG E 130 -18.44 -4.65 -2.62
CA ARG E 130 -18.74 -5.65 -3.63
C ARG E 130 -17.60 -5.73 -4.65
N ASP E 131 -17.58 -6.78 -5.46
CA ASP E 131 -16.68 -6.90 -6.58
C ASP E 131 -16.91 -5.90 -7.66
N VAL E 132 -15.99 -4.95 -7.80
CA VAL E 132 -16.12 -3.90 -8.77
C VAL E 132 -14.74 -3.71 -9.32
N ARG E 133 -14.00 -4.83 -9.37
CA ARG E 133 -12.66 -4.87 -9.85
C ARG E 133 -12.67 -4.47 -11.29
N PRO E 134 -11.67 -3.72 -11.69
CA PRO E 134 -11.56 -3.30 -13.10
C PRO E 134 -11.14 -4.43 -14.07
N ILE E 135 -11.52 -4.34 -15.34
CA ILE E 135 -10.80 -5.07 -16.40
C ILE E 135 -9.50 -4.32 -16.75
N ILE E 136 -8.41 -5.07 -16.96
CA ILE E 136 -7.07 -4.49 -17.23
C ILE E 136 -6.50 -4.94 -18.57
N MSE E 137 -5.89 -4.01 -19.30
CA MSE E 137 -5.01 -4.34 -20.44
C MSE E 137 -3.58 -3.87 -20.27
O MSE E 137 -2.70 -4.29 -21.01
CB MSE E 137 -5.57 -3.77 -21.75
CG MSE E 137 -6.95 -4.29 -22.07
SE MSE E 137 -7.67 -3.61 -23.75
CE MSE E 137 -6.14 -3.78 -24.95
N GLY E 138 -3.38 -3.00 -19.28
CA GLY E 138 -2.12 -2.32 -19.01
C GLY E 138 -2.32 -1.12 -18.09
N ILE E 139 -1.30 -0.25 -18.04
CA ILE E 139 -1.34 1.01 -17.27
C ILE E 139 -0.98 2.15 -18.17
N TYR E 140 -1.91 3.12 -18.21
CA TYR E 140 -1.95 4.26 -19.14
C TYR E 140 -2.03 5.59 -18.36
N THR E 141 -1.30 6.62 -18.82
CA THR E 141 -1.37 7.96 -18.21
C THR E 141 -1.34 9.00 -19.31
N GLU E 142 -1.71 10.21 -18.92
CA GLU E 142 -1.51 11.40 -19.71
C GLU E 142 -0.74 12.40 -18.86
N LEU E 143 -0.10 11.87 -17.83
CA LEU E 143 0.87 12.61 -17.04
C LEU E 143 2.03 12.99 -17.89
N GLU E 144 2.53 14.20 -17.64
CA GLU E 144 3.70 14.74 -18.31
C GLU E 144 4.95 13.91 -18.10
N SER E 145 5.62 13.51 -19.19
CA SER E 145 6.91 12.83 -19.12
C SER E 145 7.89 13.36 -18.06
N ASN E 146 8.19 14.65 -18.02
CA ASN E 146 9.21 15.05 -17.03
C ASN E 146 8.77 15.22 -15.58
N ALA E 147 7.59 14.76 -15.27
CA ALA E 147 7.17 14.70 -13.90
C ALA E 147 7.53 13.34 -13.24
N ALA E 148 8.39 12.59 -13.90
CA ALA E 148 8.72 11.22 -13.48
C ALA E 148 9.46 11.13 -12.13
N ALA E 149 10.62 11.83 -12.04
CA ALA E 149 11.42 11.89 -10.80
C ALA E 149 10.60 12.45 -9.64
N ASP E 150 10.06 13.66 -9.80
CA ASP E 150 9.15 14.21 -8.79
C ASP E 150 8.20 13.22 -8.24
N LEU E 151 7.41 12.58 -9.08
CA LEU E 151 6.33 11.71 -8.58
C LEU E 151 6.75 10.33 -8.02
N LEU E 152 7.76 9.76 -8.66
CA LEU E 152 8.32 8.51 -8.19
C LEU E 152 9.01 8.74 -6.83
N ASN E 153 9.80 9.82 -6.70
CA ASN E 153 10.31 10.21 -5.39
C ASN E 153 9.17 10.32 -4.31
N ALA E 154 7.93 10.62 -4.69
CA ALA E 154 6.78 10.69 -3.73
C ALA E 154 5.95 9.41 -3.62
N GLY E 155 6.39 8.31 -4.22
CA GLY E 155 5.67 7.05 -4.02
C GLY E 155 4.64 6.61 -5.05
N LEU E 156 4.53 7.30 -6.19
CA LEU E 156 3.67 6.77 -7.23
C LEU E 156 3.97 5.28 -7.64
N ASN E 157 2.93 4.47 -7.62
CA ASN E 157 3.02 3.04 -7.89
C ASN E 157 1.63 2.58 -8.25
N ALA E 158 1.51 1.71 -9.26
CA ALA E 158 0.32 0.82 -9.54
C ALA E 158 0.84 -0.66 -9.57
N HIS E 159 0.06 -1.55 -8.95
CA HIS E 159 0.39 -2.93 -8.84
C HIS E 159 -0.84 -3.79 -9.12
N VAL E 160 -0.69 -4.62 -10.17
CA VAL E 160 -1.68 -5.65 -10.52
C VAL E 160 -1.23 -7.07 -10.23
N GLU E 161 -2.04 -7.79 -9.48
CA GLU E 161 -1.85 -9.19 -9.20
C GLU E 161 -2.80 -10.03 -10.08
N ILE E 162 -2.18 -10.86 -10.91
CA ILE E 162 -2.80 -11.70 -11.92
C ILE E 162 -2.57 -13.16 -11.55
N ASN E 163 -3.61 -13.94 -11.37
CA ASN E 163 -3.41 -15.39 -11.35
C ASN E 163 -3.90 -15.88 -12.70
N SER E 164 -3.02 -16.46 -13.52
CA SER E 164 -3.44 -16.90 -14.85
C SER E 164 -4.07 -18.33 -14.94
N ARG E 165 -4.43 -18.94 -13.80
CA ARG E 165 -5.16 -20.21 -13.80
C ARG E 165 -6.65 -19.90 -13.65
N PHE E 166 -7.45 -20.33 -14.64
CA PHE E 166 -8.86 -19.93 -14.75
C PHE E 166 -9.86 -21.10 -14.57
N THR E 167 -11.08 -20.77 -14.17
CA THR E 167 -12.12 -21.76 -13.73
C THR E 167 -13.41 -21.75 -14.56
N VAL F 8 -0.71 -20.37 -11.51
CA VAL F 8 0.56 -19.61 -11.78
C VAL F 8 0.34 -18.12 -11.51
N GLN F 9 0.99 -17.59 -10.47
CA GLN F 9 0.75 -16.20 -10.09
C GLN F 9 1.74 -15.23 -10.77
N SER F 10 1.21 -14.11 -11.24
CA SER F 10 2.00 -13.09 -11.90
C SER F 10 1.56 -11.71 -11.45
N SER F 11 2.44 -10.74 -11.64
CA SER F 11 2.18 -9.42 -11.17
C SER F 11 2.78 -8.43 -12.15
N VAL F 12 2.07 -7.31 -12.29
CA VAL F 12 2.45 -6.21 -13.14
C VAL F 12 2.63 -4.99 -12.23
N SER F 13 3.59 -4.16 -12.58
CA SER F 13 4.00 -3.09 -11.71
C SER F 13 4.38 -1.85 -12.54
N TRP F 14 3.89 -0.70 -12.11
CA TRP F 14 4.03 0.55 -12.85
C TRP F 14 4.28 1.73 -11.85
N PRO F 15 5.11 2.72 -12.22
CA PRO F 15 5.98 2.86 -13.42
C PRO F 15 7.19 1.91 -13.48
N GLN F 16 7.89 1.94 -14.62
CA GLN F 16 8.92 1.01 -14.93
C GLN F 16 10.12 1.82 -15.53
N ASN F 17 11.34 1.52 -15.10
CA ASN F 17 12.54 2.15 -15.60
C ASN F 17 12.62 3.68 -15.45
N GLY F 18 11.99 4.18 -14.41
CA GLY F 18 12.00 5.61 -14.11
C GLY F 18 11.04 6.44 -14.96
N SER F 19 10.20 5.76 -15.75
CA SER F 19 9.45 6.38 -16.83
C SER F 19 7.98 6.39 -16.56
N LEU F 20 7.31 7.39 -17.12
CA LEU F 20 5.91 7.59 -16.80
C LEU F 20 5.01 7.01 -17.97
N ASN F 21 5.69 6.68 -19.06
CA ASN F 21 5.15 5.86 -20.13
C ASN F 21 4.17 4.74 -19.76
N SER F 22 3.08 4.68 -20.54
CA SER F 22 2.06 3.68 -20.41
C SER F 22 2.69 2.33 -20.82
N VAL F 23 2.18 1.24 -20.29
CA VAL F 23 2.67 -0.10 -20.62
C VAL F 23 1.44 -0.96 -20.82
N SER F 24 1.49 -1.76 -21.87
CA SER F 24 0.51 -2.81 -22.07
C SER F 24 0.89 -4.05 -21.26
N ALA F 25 -0.05 -4.63 -20.52
CA ALA F 25 0.24 -5.92 -19.87
C ALA F 25 -0.62 -7.10 -20.37
N PRO F 26 -0.40 -7.53 -21.63
CA PRO F 26 -1.15 -8.71 -22.02
C PRO F 26 -0.65 -9.90 -21.25
N LEU F 27 -1.57 -10.83 -21.03
CA LEU F 27 -1.32 -12.13 -20.42
C LEU F 27 -0.93 -13.18 -21.47
N MSE F 28 0.34 -13.58 -21.44
CA MSE F 28 0.97 -14.33 -22.51
C MSE F 28 0.66 -15.84 -22.48
O MSE F 28 0.64 -16.47 -23.51
CB MSE F 28 2.49 -14.10 -22.47
CG MSE F 28 2.92 -12.64 -22.58
SE MSE F 28 2.26 -11.70 -24.18
CE MSE F 28 2.89 -12.88 -25.60
N SER F 29 0.46 -16.38 -21.29
CA SER F 29 0.07 -17.77 -21.09
C SER F 29 -0.95 -17.89 -19.94
N TYR F 30 -1.71 -18.98 -19.94
CA TYR F 30 -2.80 -19.15 -18.99
C TYR F 30 -3.35 -20.59 -19.03
N THR F 31 -4.15 -20.92 -18.03
CA THR F 31 -4.88 -22.16 -18.01
C THR F 31 -6.31 -21.81 -18.41
N PRO F 32 -6.83 -22.45 -19.48
CA PRO F 32 -8.16 -22.14 -19.99
C PRO F 32 -9.22 -22.84 -19.16
N ILE F 33 -10.49 -22.41 -19.26
CA ILE F 33 -11.61 -23.21 -18.74
C ILE F 33 -11.60 -24.58 -19.39
N SER F 34 -11.47 -24.60 -20.71
CA SER F 34 -11.41 -25.85 -21.43
C SER F 34 -10.61 -25.78 -22.73
N PHE F 35 -10.13 -26.95 -23.13
CA PHE F 35 -9.55 -27.16 -24.44
C PHE F 35 -10.27 -28.38 -25.07
N ASP F 36 -10.66 -28.26 -26.32
CA ASP F 36 -11.18 -29.38 -27.08
C ASP F 36 -10.68 -29.30 -28.52
N ALA F 37 -10.28 -30.44 -29.07
CA ALA F 37 -9.85 -30.55 -30.47
C ALA F 37 -10.53 -31.73 -31.17
N LYS F 38 -10.64 -31.63 -32.49
CA LYS F 38 -11.05 -32.72 -33.36
C LYS F 38 -9.93 -32.89 -34.38
N ILE F 39 -9.30 -34.06 -34.43
CA ILE F 39 -8.11 -34.22 -35.28
C ILE F 39 -8.28 -35.46 -36.16
N PRO F 40 -8.45 -35.24 -37.48
CA PRO F 40 -8.50 -36.30 -38.48
C PRO F 40 -7.23 -37.08 -38.34
N VAL F 41 -7.32 -38.41 -38.31
CA VAL F 41 -6.11 -39.22 -38.20
C VAL F 41 -5.28 -39.08 -39.48
N ALA F 42 -5.92 -38.62 -40.55
CA ALA F 42 -5.18 -38.32 -41.78
C ALA F 42 -4.06 -37.29 -41.54
N SER F 43 -4.17 -36.49 -40.45
CA SER F 43 -3.10 -35.52 -40.04
C SER F 43 -1.74 -36.20 -39.99
N VAL F 44 -1.76 -37.47 -39.58
CA VAL F 44 -0.56 -38.25 -39.25
C VAL F 44 0.34 -38.50 -40.44
N ASP F 45 -0.23 -38.45 -41.64
CA ASP F 45 0.57 -38.60 -42.87
C ASP F 45 0.94 -37.24 -43.48
N LYS F 46 0.43 -36.17 -42.90
CA LYS F 46 0.63 -34.83 -43.40
C LYS F 46 1.52 -33.97 -42.52
N LEU F 47 2.23 -34.60 -41.58
CA LEU F 47 3.29 -33.93 -40.82
C LEU F 47 4.44 -33.45 -41.73
N ARG F 48 5.03 -32.29 -41.41
CA ARG F 48 6.31 -31.86 -42.04
C ARG F 48 7.39 -32.91 -41.82
N LYS F 49 8.32 -33.00 -42.76
CA LYS F 49 9.41 -33.98 -42.70
C LYS F 49 10.31 -33.75 -41.47
N ASP F 50 10.64 -34.86 -40.78
CA ASP F 50 11.45 -34.88 -39.54
C ASP F 50 10.79 -34.11 -38.38
N GLN F 51 9.47 -33.99 -38.41
CA GLN F 51 8.74 -33.25 -37.39
C GLN F 51 7.57 -34.10 -36.92
N ASP F 52 7.31 -34.15 -35.62
CA ASP F 52 6.23 -35.01 -35.15
C ASP F 52 4.99 -34.29 -34.58
N LEU F 53 5.03 -32.97 -34.48
CA LEU F 53 3.94 -32.23 -33.79
C LEU F 53 2.71 -31.94 -34.68
N ILE F 54 1.57 -32.55 -34.33
CA ILE F 54 0.34 -32.25 -35.07
C ILE F 54 -0.30 -31.01 -34.48
N LEU F 55 -0.27 -30.92 -33.16
CA LEU F 55 -0.90 -29.85 -32.43
C LEU F 55 -0.17 -29.63 -31.12
N GLY F 56 0.23 -28.39 -30.88
CA GLY F 56 0.82 -27.99 -29.63
C GLY F 56 0.22 -26.68 -29.17
N THR F 57 0.42 -26.44 -27.89
CA THR F 57 -0.27 -25.43 -27.14
C THR F 57 0.74 -24.39 -26.62
N LEU F 58 2.02 -24.76 -26.72
CA LEU F 58 3.11 -23.89 -26.29
C LEU F 58 4.18 -23.90 -27.37
N PRO F 59 4.81 -22.76 -27.65
CA PRO F 59 5.86 -22.76 -28.68
C PRO F 59 7.03 -23.69 -28.34
N ALA F 60 7.71 -24.14 -29.40
CA ALA F 60 8.88 -25.05 -29.35
C ALA F 60 9.84 -24.84 -28.19
N ASN F 61 10.20 -23.58 -27.95
CA ASN F 61 11.27 -23.22 -27.01
C ASN F 61 10.79 -22.92 -25.59
N SER F 62 9.52 -22.54 -25.45
CA SER F 62 8.88 -22.26 -24.15
C SER F 62 9.42 -23.07 -22.95
N GLU F 63 9.51 -22.39 -21.81
CA GLU F 63 10.12 -22.90 -20.57
C GLU F 63 9.54 -24.25 -20.19
N ASP F 64 10.36 -25.29 -20.31
CA ASP F 64 9.88 -26.69 -20.21
C ASP F 64 8.47 -26.89 -20.74
N ALA F 65 8.35 -26.88 -22.07
CA ALA F 65 7.09 -26.96 -22.77
C ALA F 65 6.34 -28.28 -22.46
N GLY F 66 7.06 -29.39 -22.55
CA GLY F 66 6.48 -30.74 -22.44
C GLY F 66 5.71 -31.03 -21.18
N ALA F 67 6.11 -30.41 -20.08
CA ALA F 67 5.51 -30.64 -18.76
C ALA F 67 4.27 -29.78 -18.47
N ARG F 68 3.97 -28.80 -19.32
CA ARG F 68 2.90 -27.81 -19.03
C ARG F 68 1.79 -27.77 -20.09
N GLY F 69 2.19 -27.87 -21.36
CA GLY F 69 1.28 -27.68 -22.50
C GLY F 69 0.68 -28.99 -22.97
N LEU F 70 -0.22 -28.93 -23.94
CA LEU F 70 -0.77 -30.13 -24.55
C LEU F 70 -0.16 -30.31 -25.94
N PHE F 71 0.19 -31.56 -26.26
CA PHE F 71 0.87 -31.90 -27.48
C PHE F 71 0.30 -33.17 -28.04
N VAL F 72 -0.05 -33.14 -29.32
CA VAL F 72 -0.49 -34.29 -30.07
C VAL F 72 0.62 -34.59 -31.06
N ARG F 73 1.28 -35.74 -30.90
CA ARG F 73 2.47 -36.13 -31.68
C ARG F 73 2.32 -37.50 -32.37
N ALA F 74 2.79 -37.59 -33.61
CA ALA F 74 2.85 -38.84 -34.33
C ALA F 74 4.29 -39.07 -34.78
N ASN F 75 4.80 -40.26 -34.52
CA ASN F 75 6.23 -40.58 -34.77
C ASN F 75 6.41 -42.03 -35.18
N ASP F 76 7.60 -42.57 -34.90
CA ASP F 76 7.94 -43.98 -35.14
C ASP F 76 7.00 -44.93 -34.41
N ASP F 77 6.54 -44.53 -33.22
CA ASP F 77 5.84 -45.42 -32.32
C ASP F 77 4.38 -45.03 -32.12
N GLY F 78 3.77 -44.45 -33.16
CA GLY F 78 2.34 -44.21 -33.19
C GLY F 78 1.95 -42.80 -32.86
N LEU F 79 0.99 -42.66 -31.96
CA LEU F 79 0.45 -41.34 -31.62
C LEU F 79 0.43 -41.14 -30.12
N GLN F 80 0.93 -40.00 -29.65
CA GLN F 80 0.91 -39.66 -28.24
C GLN F 80 0.22 -38.30 -28.05
N ILE F 81 -0.77 -38.25 -27.16
CA ILE F 81 -1.36 -37.01 -26.67
C ILE F 81 -0.85 -36.85 -25.25
N THR F 82 -0.34 -35.67 -24.94
CA THR F 82 0.22 -35.36 -23.62
C THR F 82 -0.37 -34.04 -23.16
N SER F 83 -0.80 -33.97 -21.91
CA SER F 83 -1.39 -32.74 -21.39
C SER F 83 -0.88 -32.40 -19.99
N HIS F 84 -0.21 -31.27 -19.89
CA HIS F 84 0.50 -30.90 -18.68
C HIS F 84 1.39 -32.05 -18.22
N GLY F 85 2.20 -32.59 -19.12
CA GLY F 85 3.03 -33.77 -18.78
C GLY F 85 2.34 -35.14 -18.65
N GLU F 86 1.00 -35.17 -18.56
CA GLU F 86 0.28 -36.44 -18.40
C GLU F 86 0.01 -37.05 -19.75
N LEU F 87 0.59 -38.23 -19.95
CA LEU F 87 0.26 -39.04 -21.11
C LEU F 87 -1.23 -39.38 -21.00
N VAL F 88 -2.03 -38.89 -21.94
CA VAL F 88 -3.48 -39.09 -21.91
C VAL F 88 -4.00 -40.06 -22.99
N LEU F 89 -3.29 -40.15 -24.11
CA LEU F 89 -3.57 -41.16 -25.13
C LEU F 89 -2.27 -41.64 -25.80
N ASP F 90 -2.15 -42.97 -25.99
CA ASP F 90 -1.14 -43.53 -26.90
C ASP F 90 -1.59 -44.73 -27.71
N LEU F 91 -1.54 -44.54 -29.01
CA LEU F 91 -1.90 -45.53 -30.00
C LEU F 91 -0.63 -45.91 -30.73
N SER F 92 -0.43 -47.21 -30.98
CA SER F 92 0.80 -47.71 -31.61
C SER F 92 0.80 -47.59 -33.15
N LYS F 93 1.98 -47.77 -33.77
CA LYS F 93 2.08 -47.86 -35.22
C LYS F 93 0.89 -48.64 -35.73
N ARG F 94 0.76 -49.87 -35.23
CA ARG F 94 -0.23 -50.85 -35.68
C ARG F 94 -1.66 -50.52 -35.29
N GLU F 95 -1.90 -50.09 -34.05
CA GLU F 95 -3.22 -49.59 -33.66
C GLU F 95 -3.67 -48.44 -34.58
N LEU F 96 -2.74 -47.54 -34.94
CA LEU F 96 -3.00 -46.37 -35.81
C LEU F 96 -3.35 -46.75 -37.25
N ALA F 97 -2.60 -47.71 -37.81
CA ALA F 97 -2.73 -48.17 -39.18
C ALA F 97 -4.05 -48.87 -39.49
N GLN F 98 -4.65 -49.50 -38.48
CA GLN F 98 -5.94 -50.18 -38.60
C GLN F 98 -7.18 -49.24 -38.57
N LEU F 99 -7.05 -48.06 -37.99
CA LEU F 99 -8.12 -47.06 -37.96
C LEU F 99 -8.75 -46.80 -39.36
N PRO F 100 -10.10 -46.66 -39.41
CA PRO F 100 -10.76 -46.24 -40.67
C PRO F 100 -10.15 -44.92 -41.17
N ALA F 101 -9.99 -44.77 -42.47
CA ALA F 101 -9.23 -43.65 -43.01
C ALA F 101 -9.76 -42.30 -42.52
N ASP F 102 -11.06 -42.22 -42.27
CA ASP F 102 -11.71 -40.97 -41.91
C ASP F 102 -11.97 -40.84 -40.41
N ALA F 103 -11.35 -41.74 -39.65
CA ALA F 103 -11.34 -41.69 -38.19
C ALA F 103 -11.01 -40.29 -37.63
N THR F 104 -11.59 -39.96 -36.47
CA THR F 104 -11.33 -38.69 -35.78
C THR F 104 -10.88 -38.92 -34.35
N ILE F 105 -9.79 -38.24 -33.96
CA ILE F 105 -9.36 -38.19 -32.58
C ILE F 105 -10.04 -36.98 -31.94
N ALA F 106 -10.73 -37.23 -30.82
CA ALA F 106 -11.41 -36.22 -30.05
C ALA F 106 -10.68 -36.04 -28.71
N ILE F 107 -10.43 -34.79 -28.34
CA ILE F 107 -9.76 -34.42 -27.10
C ILE F 107 -10.64 -33.41 -26.40
N SER F 108 -10.70 -33.53 -25.08
CA SER F 108 -11.42 -32.59 -24.27
C SER F 108 -10.71 -32.48 -22.94
N ALA F 109 -10.21 -31.29 -22.64
CA ALA F 109 -9.62 -31.06 -21.34
C ALA F 109 -10.43 -30.03 -20.53
N THR F 110 -11.05 -30.48 -19.45
CA THR F 110 -11.68 -29.57 -18.47
C THR F 110 -11.06 -29.70 -17.05
N GLU F 111 -11.65 -29.03 -16.07
CA GLU F 111 -11.13 -29.04 -14.71
C GLU F 111 -11.32 -30.42 -14.05
N ASP F 112 -12.41 -31.11 -14.43
CA ASP F 112 -12.77 -32.37 -13.81
C ASP F 112 -12.16 -33.58 -14.50
N GLU F 113 -11.98 -33.51 -15.82
CA GLU F 113 -11.30 -34.56 -16.58
C GLU F 113 -10.72 -34.07 -17.89
N THR F 114 -9.66 -34.74 -18.33
CA THR F 114 -9.27 -34.75 -19.73
C THR F 114 -9.65 -36.11 -20.31
N THR F 115 -10.25 -36.08 -21.49
CA THR F 115 -10.61 -37.32 -22.21
C THR F 115 -10.01 -37.27 -23.61
N ALA F 116 -9.44 -38.37 -24.06
CA ALA F 116 -8.97 -38.46 -25.45
C ALA F 116 -9.28 -39.83 -26.02
N GLY F 117 -9.68 -39.87 -27.29
CA GLY F 117 -9.97 -41.12 -27.97
C GLY F 117 -10.31 -40.97 -29.42
N ILE F 118 -10.64 -42.09 -30.06
CA ILE F 118 -11.22 -42.12 -31.41
C ILE F 118 -12.71 -41.95 -31.24
N GLU F 119 -13.25 -40.94 -31.92
CA GLU F 119 -14.69 -40.68 -31.96
C GLU F 119 -15.54 -41.91 -32.22
N GLY F 120 -16.50 -42.12 -31.31
CA GLY F 120 -17.44 -43.22 -31.42
C GLY F 120 -16.90 -44.62 -31.18
N ASP F 121 -15.59 -44.72 -30.90
CA ASP F 121 -14.99 -46.01 -30.56
C ASP F 121 -14.68 -46.03 -29.09
N ASP F 122 -15.60 -46.60 -28.33
CA ASP F 122 -15.50 -46.48 -26.90
C ASP F 122 -14.53 -47.49 -26.31
N SER F 123 -13.95 -48.34 -27.15
CA SER F 123 -12.87 -49.21 -26.69
C SER F 123 -11.50 -48.51 -26.75
N THR F 124 -11.49 -47.22 -27.01
CA THR F 124 -10.23 -46.52 -27.19
C THR F 124 -10.09 -45.26 -26.34
N THR F 125 -11.20 -44.78 -25.83
CA THR F 125 -11.19 -43.52 -25.13
C THR F 125 -10.47 -43.73 -23.79
N GLU F 126 -9.67 -42.75 -23.41
CA GLU F 126 -8.97 -42.77 -22.14
C GLU F 126 -9.31 -41.48 -21.40
N THR F 127 -9.65 -41.64 -20.14
CA THR F 127 -10.08 -40.53 -19.32
C THR F 127 -9.23 -40.45 -18.04
N VAL F 128 -8.51 -39.34 -17.89
CA VAL F 128 -7.81 -39.02 -16.64
C VAL F 128 -8.77 -38.21 -15.78
N GLU F 129 -9.20 -38.77 -14.66
CA GLU F 129 -10.20 -38.14 -13.80
C GLU F 129 -9.54 -37.11 -12.83
N ARG F 130 -8.69 -36.24 -13.37
CA ARG F 130 -7.93 -35.24 -12.59
C ARG F 130 -7.87 -33.92 -13.34
N ASP F 131 -7.43 -32.84 -12.68
CA ASP F 131 -7.21 -31.55 -13.35
C ASP F 131 -5.86 -31.62 -14.06
N VAL F 132 -5.90 -31.69 -15.38
CA VAL F 132 -4.72 -31.97 -16.16
C VAL F 132 -4.70 -30.98 -17.34
N ARG F 133 -5.24 -29.80 -17.12
CA ARG F 133 -5.43 -28.85 -18.21
C ARG F 133 -4.09 -28.31 -18.68
N PRO F 134 -3.95 -28.08 -20.01
CA PRO F 134 -2.68 -27.54 -20.45
C PRO F 134 -2.56 -26.02 -20.13
N ILE F 135 -1.34 -25.54 -19.93
CA ILE F 135 -1.05 -24.13 -20.13
C ILE F 135 -1.06 -23.84 -21.63
N ILE F 136 -1.67 -22.71 -22.01
CA ILE F 136 -1.80 -22.34 -23.42
C ILE F 136 -1.17 -20.99 -23.71
N MSE F 137 -0.42 -20.89 -24.80
CA MSE F 137 0.00 -19.61 -25.33
C MSE F 137 -0.56 -19.36 -26.74
O MSE F 137 -0.51 -18.24 -27.24
CB MSE F 137 1.53 -19.54 -25.40
CG MSE F 137 2.20 -19.53 -24.04
SE MSE F 137 4.11 -19.30 -24.18
CE MSE F 137 4.20 -17.37 -24.55
N GLY F 138 -1.06 -20.42 -27.37
CA GLY F 138 -1.44 -20.40 -28.78
C GLY F 138 -1.66 -21.81 -29.32
N ILE F 139 -1.82 -21.94 -30.64
CA ILE F 139 -1.87 -23.26 -31.27
C ILE F 139 -0.76 -23.31 -32.27
N TYR F 140 0.10 -24.31 -32.08
CA TYR F 140 1.32 -24.47 -32.84
C TYR F 140 1.24 -25.82 -33.50
N THR F 141 1.71 -25.87 -34.74
CA THR F 141 1.66 -27.08 -35.54
C THR F 141 2.88 -27.21 -36.45
N GLU F 142 3.23 -28.46 -36.74
CA GLU F 142 4.22 -28.82 -37.73
C GLU F 142 3.61 -29.53 -38.93
N LEU F 143 2.29 -29.45 -39.04
CA LEU F 143 1.56 -29.85 -40.25
C LEU F 143 2.04 -29.11 -41.51
N GLU F 144 2.13 -29.82 -42.63
CA GLU F 144 2.51 -29.17 -43.90
C GLU F 144 1.39 -28.25 -44.43
N SER F 145 1.77 -27.08 -44.95
CA SER F 145 0.84 -25.98 -45.27
C SER F 145 -0.33 -26.34 -46.18
N ASN F 146 0.01 -26.95 -47.31
CA ASN F 146 -0.93 -27.41 -48.32
C ASN F 146 -1.88 -28.52 -47.84
N ALA F 147 -1.72 -28.97 -46.60
CA ALA F 147 -2.61 -30.00 -46.07
C ALA F 147 -3.92 -29.36 -45.60
N ALA F 148 -4.03 -28.03 -45.75
CA ALA F 148 -5.10 -27.23 -45.16
C ALA F 148 -6.51 -27.71 -45.54
N ALA F 149 -6.79 -27.71 -46.82
CA ALA F 149 -8.13 -28.00 -47.34
C ALA F 149 -8.61 -29.43 -47.09
N ASP F 150 -7.73 -30.42 -47.21
CA ASP F 150 -8.06 -31.84 -46.91
C ASP F 150 -8.44 -32.00 -45.44
N LEU F 151 -7.57 -31.48 -44.58
CA LEU F 151 -7.71 -31.57 -43.14
C LEU F 151 -8.89 -30.78 -42.60
N LEU F 152 -9.05 -29.53 -43.07
CA LEU F 152 -10.26 -28.76 -42.73
C LEU F 152 -11.55 -29.39 -43.23
N ASN F 153 -11.52 -29.97 -44.45
CA ASN F 153 -12.67 -30.69 -44.96
C ASN F 153 -13.02 -31.90 -44.12
N ALA F 154 -12.01 -32.43 -43.42
CA ALA F 154 -12.22 -33.56 -42.53
C ALA F 154 -12.54 -33.16 -41.06
N GLY F 155 -12.62 -31.86 -40.78
CA GLY F 155 -13.13 -31.44 -39.49
C GLY F 155 -12.11 -31.02 -38.44
N LEU F 156 -10.86 -30.80 -38.86
CA LEU F 156 -9.79 -30.32 -38.02
C LEU F 156 -10.14 -29.02 -37.31
N ASN F 157 -10.01 -29.03 -35.98
CA ASN F 157 -10.42 -27.93 -35.13
C ASN F 157 -9.81 -28.06 -33.76
N ALA F 158 -9.38 -26.90 -33.23
CA ALA F 158 -8.94 -26.75 -31.84
C ALA F 158 -9.67 -25.51 -31.21
N HIS F 159 -10.19 -25.69 -30.01
CA HIS F 159 -11.08 -24.71 -29.41
C HIS F 159 -10.70 -24.50 -27.93
N VAL F 160 -10.28 -23.29 -27.60
CA VAL F 160 -9.99 -22.97 -26.22
C VAL F 160 -10.99 -21.97 -25.66
N GLU F 161 -11.48 -22.28 -24.46
CA GLU F 161 -12.37 -21.37 -23.75
C GLU F 161 -11.73 -20.81 -22.49
N ILE F 162 -11.74 -19.48 -22.39
CA ILE F 162 -11.05 -18.74 -21.33
C ILE F 162 -12.05 -17.88 -20.55
N ASN F 163 -11.97 -17.93 -19.23
CA ASN F 163 -12.73 -16.98 -18.45
C ASN F 163 -11.72 -15.93 -17.93
N SER F 164 -11.83 -14.70 -18.46
CA SER F 164 -10.92 -13.57 -18.17
C SER F 164 -10.88 -13.13 -16.69
N ARG F 165 -11.97 -13.39 -15.97
CA ARG F 165 -12.11 -13.02 -14.58
C ARG F 165 -11.46 -14.03 -13.65
N PHE F 166 -10.52 -13.62 -12.82
CA PHE F 166 -9.99 -14.56 -11.83
C PHE F 166 -10.09 -14.21 -10.34
N THR F 167 -9.63 -15.16 -9.53
CA THR F 167 -9.96 -15.33 -8.11
C THR F 167 -9.52 -14.16 -7.19
N GLN G 9 -34.57 -51.80 -43.92
CA GLN G 9 -35.99 -51.53 -44.30
C GLN G 9 -36.13 -51.01 -45.74
N SER G 10 -35.02 -50.51 -46.30
CA SER G 10 -34.92 -50.04 -47.68
C SER G 10 -34.45 -51.17 -48.59
N SER G 11 -34.85 -51.14 -49.86
CA SER G 11 -34.53 -52.22 -50.79
C SER G 11 -34.47 -51.76 -52.23
N VAL G 12 -33.49 -52.29 -52.95
CA VAL G 12 -33.25 -51.97 -54.34
C VAL G 12 -33.66 -53.21 -55.13
N SER G 13 -34.40 -52.99 -56.22
CA SER G 13 -34.70 -54.03 -57.18
C SER G 13 -34.12 -53.63 -58.50
N TRP G 14 -33.81 -54.62 -59.32
CA TRP G 14 -33.26 -54.40 -60.63
C TRP G 14 -33.60 -55.64 -61.50
N PRO G 15 -33.83 -55.43 -62.82
CA PRO G 15 -33.80 -54.18 -63.60
C PRO G 15 -34.84 -53.16 -63.14
N GLN G 16 -34.58 -51.90 -63.48
CA GLN G 16 -35.50 -50.83 -63.13
C GLN G 16 -36.18 -50.32 -64.38
N ASN G 17 -37.46 -49.99 -64.24
CA ASN G 17 -38.26 -49.48 -65.37
C ASN G 17 -37.97 -50.13 -66.74
N GLY G 18 -37.89 -51.46 -66.76
CA GLY G 18 -37.81 -52.24 -68.02
C GLY G 18 -36.61 -51.92 -68.91
N SER G 19 -35.52 -51.49 -68.27
CA SER G 19 -34.25 -51.25 -68.93
C SER G 19 -33.24 -52.19 -68.27
N LEU G 20 -32.16 -52.55 -68.99
CA LEU G 20 -31.05 -53.36 -68.45
C LEU G 20 -29.89 -52.47 -68.00
N ASN G 21 -30.08 -51.17 -68.09
CA ASN G 21 -29.15 -50.18 -67.61
C ASN G 21 -28.64 -50.50 -66.21
N SER G 22 -27.33 -50.33 -66.02
CA SER G 22 -26.74 -50.30 -64.72
C SER G 22 -27.41 -49.21 -63.88
N VAL G 23 -27.52 -49.47 -62.59
CA VAL G 23 -28.06 -48.49 -61.66
C VAL G 23 -27.10 -48.37 -60.49
N SER G 24 -26.77 -47.14 -60.10
CA SER G 24 -26.13 -46.89 -58.81
C SER G 24 -27.27 -46.94 -57.81
N ALA G 25 -26.98 -47.41 -56.60
CA ALA G 25 -27.98 -47.49 -55.54
C ALA G 25 -27.40 -47.05 -54.17
N PRO G 26 -27.02 -45.75 -54.02
CA PRO G 26 -26.64 -45.29 -52.67
C PRO G 26 -27.82 -45.35 -51.70
N LEU G 27 -27.53 -45.48 -50.42
CA LEU G 27 -28.53 -45.29 -49.39
C LEU G 27 -28.68 -43.78 -49.13
N MSE G 28 -29.86 -43.23 -49.44
CA MSE G 28 -30.10 -41.78 -49.45
C MSE G 28 -30.42 -41.21 -48.07
O MSE G 28 -30.06 -40.08 -47.78
CB MSE G 28 -31.26 -41.39 -50.38
CG MSE G 28 -31.20 -41.94 -51.82
SE MSE G 28 -29.69 -41.27 -52.90
CE MSE G 28 -29.59 -39.41 -52.30
N SER G 29 -31.14 -41.96 -47.25
CA SER G 29 -31.42 -41.52 -45.88
C SER G 29 -31.15 -42.67 -44.91
N TYR G 30 -30.77 -42.30 -43.68
CA TYR G 30 -30.43 -43.27 -42.64
C TYR G 30 -30.46 -42.64 -41.25
N THR G 31 -30.62 -43.44 -40.20
CA THR G 31 -30.24 -42.95 -38.87
C THR G 31 -28.78 -43.34 -38.55
N PRO G 32 -27.93 -42.33 -38.26
CA PRO G 32 -26.48 -42.55 -38.20
C PRO G 32 -26.04 -43.14 -36.86
N ILE G 33 -24.81 -43.61 -36.75
CA ILE G 33 -24.27 -43.90 -35.41
C ILE G 33 -24.33 -42.64 -34.54
N SER G 34 -23.87 -41.52 -35.06
CA SER G 34 -23.93 -40.27 -34.33
C SER G 34 -23.91 -39.07 -35.25
N PHE G 35 -24.45 -38.00 -34.69
CA PHE G 35 -24.35 -36.65 -35.22
C PHE G 35 -23.83 -35.74 -34.09
N ASP G 36 -22.97 -34.80 -34.48
CA ASP G 36 -22.49 -33.78 -33.57
C ASP G 36 -22.20 -32.47 -34.35
N ALA G 37 -22.51 -31.34 -33.76
CA ALA G 37 -22.30 -30.06 -34.40
C ALA G 37 -21.75 -29.06 -33.37
N LYS G 38 -20.95 -28.12 -33.84
CA LYS G 38 -20.61 -26.91 -33.11
C LYS G 38 -21.18 -25.74 -33.89
N ILE G 39 -22.01 -24.95 -33.23
CA ILE G 39 -22.61 -23.76 -33.84
C ILE G 39 -22.41 -22.41 -33.08
N PRO G 40 -21.53 -21.52 -33.58
CA PRO G 40 -21.34 -20.18 -33.06
C PRO G 40 -22.67 -19.46 -33.03
N VAL G 41 -23.06 -18.97 -31.85
CA VAL G 41 -24.25 -18.11 -31.61
C VAL G 41 -24.25 -16.91 -32.56
N ALA G 42 -23.10 -16.55 -33.11
CA ALA G 42 -22.98 -15.55 -34.19
C ALA G 42 -23.83 -15.86 -35.43
N SER G 43 -24.05 -17.14 -35.70
CA SER G 43 -24.93 -17.66 -36.78
C SER G 43 -26.30 -17.04 -36.82
N VAL G 44 -26.88 -16.85 -35.65
CA VAL G 44 -28.24 -16.36 -35.55
C VAL G 44 -28.42 -15.04 -36.33
N ASP G 45 -27.36 -14.23 -36.32
CA ASP G 45 -27.36 -12.95 -37.04
C ASP G 45 -26.96 -13.11 -38.53
N LYS G 46 -26.54 -14.32 -38.93
CA LYS G 46 -26.05 -14.53 -40.31
C LYS G 46 -27.00 -15.34 -41.22
N LEU G 47 -28.25 -15.45 -40.78
CA LEU G 47 -29.34 -16.03 -41.52
C LEU G 47 -29.77 -15.08 -42.63
N ARG G 48 -30.18 -15.67 -43.74
CA ARG G 48 -30.75 -14.93 -44.86
C ARG G 48 -32.04 -14.23 -44.47
N LYS G 49 -32.39 -13.18 -45.22
CA LYS G 49 -33.59 -12.43 -44.91
C LYS G 49 -34.79 -13.36 -44.80
N ASP G 50 -35.38 -13.37 -43.61
CA ASP G 50 -36.63 -14.09 -43.31
C ASP G 50 -36.57 -15.61 -43.46
N GLN G 51 -35.36 -16.16 -43.30
CA GLN G 51 -35.12 -17.61 -43.20
C GLN G 51 -34.69 -17.92 -41.79
N ASP G 52 -35.18 -19.03 -41.24
CA ASP G 52 -34.81 -19.37 -39.87
C ASP G 52 -33.89 -20.58 -39.67
N LEU G 53 -33.64 -21.35 -40.75
CA LEU G 53 -32.80 -22.57 -40.66
C LEU G 53 -31.27 -22.36 -40.62
N ILE G 54 -30.67 -22.65 -39.47
CA ILE G 54 -29.21 -22.63 -39.35
C ILE G 54 -28.65 -23.92 -39.92
N LEU G 55 -29.27 -25.04 -39.53
CA LEU G 55 -28.84 -26.36 -39.93
C LEU G 55 -30.01 -27.32 -39.91
N GLY G 56 -30.13 -28.08 -41.00
CA GLY G 56 -31.10 -29.19 -41.10
C GLY G 56 -30.48 -30.44 -41.69
N THR G 57 -31.01 -31.61 -41.29
CA THR G 57 -30.51 -32.91 -41.78
C THR G 57 -31.39 -33.52 -42.90
N LEU G 58 -32.50 -32.86 -43.22
CA LEU G 58 -33.43 -33.30 -44.28
C LEU G 58 -33.91 -32.06 -45.01
N PRO G 59 -34.21 -32.17 -46.33
CA PRO G 59 -34.67 -31.00 -47.12
C PRO G 59 -36.01 -30.54 -46.61
N ALA G 60 -36.27 -29.24 -46.70
CA ALA G 60 -37.35 -28.59 -45.94
C ALA G 60 -38.70 -29.24 -46.14
N ASN G 61 -39.05 -29.59 -47.36
CA ASN G 61 -40.34 -30.25 -47.46
C ASN G 61 -40.41 -31.69 -47.95
N SER G 62 -39.53 -32.50 -47.36
CA SER G 62 -39.54 -33.92 -47.53
C SER G 62 -40.52 -34.54 -46.54
N GLU G 63 -40.99 -35.75 -46.90
CA GLU G 63 -41.98 -36.54 -46.16
C GLU G 63 -42.58 -35.93 -44.87
N ASP G 64 -41.93 -36.11 -43.73
CA ASP G 64 -42.28 -35.32 -42.54
C ASP G 64 -40.98 -34.87 -41.94
N ALA G 65 -40.34 -33.91 -42.60
CA ALA G 65 -39.00 -33.50 -42.19
C ALA G 65 -39.00 -33.18 -40.70
N GLY G 66 -39.96 -32.35 -40.25
CA GLY G 66 -39.93 -31.79 -38.91
C GLY G 66 -39.84 -32.85 -37.83
N ALA G 67 -40.57 -33.95 -38.06
CA ALA G 67 -40.67 -35.06 -37.09
C ALA G 67 -39.53 -36.09 -37.19
N ARG G 68 -38.76 -36.06 -38.28
CA ARG G 68 -37.72 -37.07 -38.50
C ARG G 68 -36.32 -36.52 -38.31
N GLY G 69 -36.03 -35.32 -38.80
CA GLY G 69 -34.64 -34.78 -38.91
C GLY G 69 -34.15 -33.99 -37.70
N LEU G 70 -32.94 -33.44 -37.76
CA LEU G 70 -32.49 -32.54 -36.73
C LEU G 70 -32.48 -31.15 -37.34
N PHE G 71 -33.03 -30.18 -36.61
CA PHE G 71 -33.11 -28.80 -37.08
C PHE G 71 -32.76 -27.84 -35.99
N VAL G 72 -31.85 -26.93 -36.35
CA VAL G 72 -31.49 -25.75 -35.57
C VAL G 72 -32.06 -24.49 -36.25
N ARG G 73 -33.00 -23.86 -35.58
CA ARG G 73 -33.67 -22.67 -36.10
C ARG G 73 -33.56 -21.45 -35.20
N ALA G 74 -33.38 -20.28 -35.81
CA ALA G 74 -33.47 -19.05 -35.06
C ALA G 74 -34.48 -18.08 -35.66
N ASN G 75 -35.31 -17.52 -34.81
CA ASN G 75 -36.28 -16.56 -35.23
C ASN G 75 -36.42 -15.45 -34.19
N ASP G 76 -37.54 -14.73 -34.29
CA ASP G 76 -37.83 -13.59 -33.43
C ASP G 76 -38.25 -14.10 -32.06
N ASP G 77 -38.54 -15.40 -31.96
CA ASP G 77 -38.95 -15.97 -30.68
C ASP G 77 -37.85 -16.78 -29.97
N GLY G 78 -36.74 -17.04 -30.68
CA GLY G 78 -35.48 -17.48 -30.06
C GLY G 78 -34.62 -18.40 -30.91
N LEU G 79 -33.90 -19.33 -30.27
CA LEU G 79 -33.24 -20.45 -30.95
C LEU G 79 -33.91 -21.77 -30.55
N GLN G 80 -34.27 -22.61 -31.52
CA GLN G 80 -34.88 -23.93 -31.21
C GLN G 80 -34.18 -25.09 -31.89
N ILE G 81 -33.78 -26.08 -31.09
CA ILE G 81 -33.15 -27.29 -31.59
C ILE G 81 -34.07 -28.48 -31.38
N THR G 82 -34.18 -29.28 -32.42
CA THR G 82 -35.26 -30.20 -32.50
C THR G 82 -34.70 -31.46 -33.17
N SER G 83 -34.91 -32.61 -32.58
CA SER G 83 -34.36 -33.84 -33.14
C SER G 83 -35.38 -34.93 -33.07
N HIS G 84 -35.59 -35.54 -34.22
CA HIS G 84 -36.59 -36.57 -34.40
C HIS G 84 -37.93 -36.15 -33.74
N GLY G 85 -38.28 -34.86 -33.87
CA GLY G 85 -39.55 -34.32 -33.41
C GLY G 85 -39.61 -33.90 -31.95
N GLU G 86 -38.45 -33.95 -31.29
CA GLU G 86 -38.32 -33.75 -29.88
C GLU G 86 -37.50 -32.52 -29.62
N LEU G 87 -38.08 -31.55 -28.94
CA LEU G 87 -37.36 -30.35 -28.59
C LEU G 87 -36.20 -30.73 -27.68
N VAL G 88 -35.02 -30.33 -28.09
CA VAL G 88 -33.80 -30.70 -27.41
C VAL G 88 -33.35 -29.48 -26.64
N LEU G 89 -33.75 -28.28 -27.11
CA LEU G 89 -33.32 -26.98 -26.56
C LEU G 89 -34.11 -25.81 -27.15
N ASP G 90 -34.50 -24.86 -26.29
CA ASP G 90 -35.12 -23.60 -26.69
C ASP G 90 -34.44 -22.50 -25.88
N LEU G 91 -34.02 -21.44 -26.55
CA LEU G 91 -33.44 -20.30 -25.88
C LEU G 91 -34.18 -19.06 -26.37
N SER G 92 -34.62 -18.22 -25.46
CA SER G 92 -35.34 -17.00 -25.81
C SER G 92 -34.38 -16.00 -26.46
N LYS G 93 -34.93 -14.94 -27.02
CA LYS G 93 -34.18 -13.75 -27.42
C LYS G 93 -33.51 -13.08 -26.18
N ARG G 94 -34.21 -13.09 -25.04
CA ARG G 94 -33.63 -12.67 -23.76
C ARG G 94 -32.41 -13.55 -23.39
N GLU G 95 -32.62 -14.87 -23.41
CA GLU G 95 -31.57 -15.86 -23.11
C GLU G 95 -30.31 -15.69 -23.96
N LEU G 96 -30.51 -15.56 -25.27
CA LEU G 96 -29.43 -15.39 -26.22
C LEU G 96 -28.66 -14.11 -25.98
N ALA G 97 -29.35 -12.96 -26.07
CA ALA G 97 -28.76 -11.62 -25.91
C ALA G 97 -27.69 -11.50 -24.82
N GLN G 98 -27.89 -12.21 -23.71
CA GLN G 98 -26.98 -12.20 -22.58
C GLN G 98 -25.85 -13.26 -22.61
N LEU G 99 -25.65 -13.91 -23.76
CA LEU G 99 -24.52 -14.83 -23.94
C LEU G 99 -23.34 -14.05 -24.50
N PRO G 100 -22.10 -14.47 -24.17
CA PRO G 100 -20.92 -13.81 -24.76
C PRO G 100 -20.94 -13.91 -26.27
N ALA G 101 -20.41 -12.92 -26.97
CA ALA G 101 -20.43 -12.84 -28.43
C ALA G 101 -19.93 -14.11 -29.12
N ASP G 102 -18.80 -14.61 -28.61
CA ASP G 102 -18.17 -15.80 -29.18
C ASP G 102 -18.64 -17.11 -28.50
N ALA G 103 -19.87 -17.13 -27.97
CA ALA G 103 -20.45 -18.35 -27.41
C ALA G 103 -20.79 -19.38 -28.53
N THR G 104 -20.94 -20.64 -28.15
CA THR G 104 -21.01 -21.72 -29.12
C THR G 104 -21.99 -22.81 -28.67
N ILE G 105 -22.93 -23.14 -29.54
CA ILE G 105 -23.89 -24.22 -29.31
C ILE G 105 -23.28 -25.60 -29.68
N ALA G 106 -23.24 -26.52 -28.71
CA ALA G 106 -22.77 -27.88 -28.93
C ALA G 106 -23.97 -28.83 -28.93
N ILE G 107 -24.01 -29.72 -29.91
CA ILE G 107 -25.06 -30.73 -30.07
C ILE G 107 -24.34 -32.06 -30.20
N SER G 108 -24.85 -33.09 -29.52
CA SER G 108 -24.38 -34.45 -29.74
C SER G 108 -25.61 -35.31 -29.70
N ALA G 109 -25.71 -36.19 -30.70
CA ALA G 109 -26.85 -37.07 -30.84
C ALA G 109 -26.34 -38.49 -31.02
N THR G 110 -26.43 -39.31 -29.98
CA THR G 110 -26.08 -40.73 -30.11
C THR G 110 -27.25 -41.60 -29.65
N GLU G 111 -27.05 -42.91 -29.73
CA GLU G 111 -28.10 -43.84 -29.43
C GLU G 111 -28.56 -43.70 -27.96
N ASP G 112 -27.61 -43.37 -27.10
CA ASP G 112 -27.87 -43.32 -25.68
C ASP G 112 -28.34 -41.97 -25.21
N GLU G 113 -28.02 -40.90 -25.95
CA GLU G 113 -28.21 -39.52 -25.47
C GLU G 113 -28.15 -38.47 -26.57
N THR G 114 -29.11 -37.54 -26.61
CA THR G 114 -28.95 -36.27 -27.37
C THR G 114 -28.90 -35.09 -26.41
N THR G 115 -27.80 -34.33 -26.47
CA THR G 115 -27.62 -33.16 -25.64
C THR G 115 -27.49 -31.97 -26.54
N ALA G 116 -28.04 -30.83 -26.11
CA ALA G 116 -27.63 -29.54 -26.65
C ALA G 116 -27.42 -28.58 -25.51
N GLY G 117 -26.60 -27.57 -25.75
CA GLY G 117 -26.32 -26.55 -24.78
C GLY G 117 -25.29 -25.60 -25.32
N ILE G 118 -25.07 -24.51 -24.60
CA ILE G 118 -23.93 -23.62 -24.81
C ILE G 118 -22.69 -24.28 -24.22
N GLU G 119 -21.65 -24.38 -25.04
CA GLU G 119 -20.38 -25.02 -24.65
C GLU G 119 -19.81 -24.19 -23.51
N GLY G 120 -19.75 -24.77 -22.31
CA GLY G 120 -19.38 -23.98 -21.11
C GLY G 120 -20.37 -24.00 -19.95
N ASP G 121 -21.60 -23.50 -20.16
CA ASP G 121 -22.61 -23.47 -19.08
C ASP G 121 -23.51 -24.71 -18.98
N ASP G 122 -23.47 -25.36 -17.82
CA ASP G 122 -24.27 -26.55 -17.48
C ASP G 122 -25.78 -26.31 -17.15
N SER G 123 -26.12 -25.09 -16.72
CA SER G 123 -27.53 -24.70 -16.48
C SER G 123 -28.20 -24.59 -17.84
N THR G 124 -27.39 -24.22 -18.81
CA THR G 124 -27.79 -24.07 -20.18
C THR G 124 -27.92 -25.39 -20.93
N THR G 125 -27.17 -26.41 -20.53
CA THR G 125 -27.25 -27.68 -21.26
C THR G 125 -28.56 -28.43 -21.01
N GLU G 126 -29.16 -28.94 -22.09
CA GLU G 126 -30.28 -29.85 -21.98
C GLU G 126 -29.98 -31.19 -22.62
N THR G 127 -30.39 -32.25 -21.95
CA THR G 127 -30.15 -33.60 -22.47
C THR G 127 -31.38 -34.50 -22.50
N VAL G 128 -31.61 -35.09 -23.68
CA VAL G 128 -32.62 -36.15 -23.84
C VAL G 128 -31.90 -37.48 -23.71
N GLU G 129 -32.14 -38.15 -22.58
CA GLU G 129 -31.34 -39.28 -22.13
C GLU G 129 -31.86 -40.63 -22.66
N ARG G 130 -32.24 -40.60 -23.95
CA ARG G 130 -32.62 -41.78 -24.74
C ARG G 130 -32.32 -41.59 -26.23
N ASP G 131 -33.01 -42.35 -27.08
CA ASP G 131 -32.68 -42.40 -28.50
C ASP G 131 -33.59 -41.56 -29.36
N VAL G 132 -33.10 -40.38 -29.71
CA VAL G 132 -33.79 -39.50 -30.64
C VAL G 132 -32.86 -39.07 -31.76
N ARG G 133 -31.87 -39.89 -32.10
CA ARG G 133 -31.05 -39.71 -33.31
C ARG G 133 -31.95 -39.33 -34.50
N PRO G 134 -31.53 -38.32 -35.29
CA PRO G 134 -32.27 -37.89 -36.47
C PRO G 134 -32.05 -38.75 -37.74
N ILE G 135 -32.95 -38.61 -38.70
CA ILE G 135 -32.71 -39.10 -40.06
C ILE G 135 -31.81 -38.08 -40.74
N ILE G 136 -30.83 -38.56 -41.49
CA ILE G 136 -29.97 -37.67 -42.24
C ILE G 136 -30.02 -37.96 -43.75
N MSE G 137 -30.07 -36.90 -44.55
CA MSE G 137 -29.86 -37.01 -45.99
C MSE G 137 -28.69 -36.11 -46.40
O MSE G 137 -28.06 -36.32 -47.45
CB MSE G 137 -31.12 -36.60 -46.77
CG MSE G 137 -32.32 -37.50 -46.51
SE MSE G 137 -33.92 -37.23 -47.65
CE MSE G 137 -33.03 -36.55 -49.30
N GLY G 138 -28.43 -35.08 -45.59
CA GLY G 138 -27.31 -34.18 -45.79
C GLY G 138 -27.34 -33.10 -44.74
N ILE G 139 -26.54 -32.07 -44.95
CA ILE G 139 -26.51 -30.86 -44.10
C ILE G 139 -27.04 -29.70 -44.94
N TYR G 140 -28.18 -29.15 -44.52
CA TYR G 140 -28.84 -28.08 -45.24
C TYR G 140 -28.84 -26.83 -44.38
N THR G 141 -28.68 -25.67 -45.03
CA THR G 141 -28.64 -24.43 -44.30
C THR G 141 -29.24 -23.27 -45.11
N GLU G 142 -29.73 -22.24 -44.42
CA GLU G 142 -30.21 -21.01 -45.06
C GLU G 142 -29.40 -19.79 -44.58
N LEU G 143 -28.18 -20.02 -44.15
CA LEU G 143 -27.25 -18.99 -43.69
C LEU G 143 -26.64 -18.25 -44.87
N GLU G 144 -26.31 -16.98 -44.68
CA GLU G 144 -25.72 -16.11 -45.71
C GLU G 144 -24.39 -16.66 -46.22
N SER G 145 -24.27 -16.67 -47.53
CA SER G 145 -23.11 -17.21 -48.24
C SER G 145 -21.79 -16.57 -47.86
N ASN G 146 -21.80 -15.26 -47.69
CA ASN G 146 -20.59 -14.52 -47.30
C ASN G 146 -20.19 -14.62 -45.81
N ALA G 147 -21.03 -15.25 -45.00
CA ALA G 147 -20.82 -15.47 -43.57
C ALA G 147 -19.79 -16.58 -43.30
N ALA G 148 -19.34 -17.24 -44.37
CA ALA G 148 -18.55 -18.47 -44.29
C ALA G 148 -17.26 -18.34 -43.49
N ALA G 149 -16.39 -17.43 -43.93
CA ALA G 149 -15.08 -17.19 -43.32
C ALA G 149 -15.22 -16.93 -41.83
N ASP G 150 -16.15 -16.04 -41.47
CA ASP G 150 -16.36 -15.65 -40.08
C ASP G 150 -16.89 -16.78 -39.23
N LEU G 151 -17.89 -17.50 -39.71
CA LEU G 151 -18.41 -18.68 -38.99
C LEU G 151 -17.40 -19.82 -38.90
N LEU G 152 -16.73 -20.15 -40.01
CA LEU G 152 -15.66 -21.12 -39.96
C LEU G 152 -14.57 -20.78 -38.96
N ASN G 153 -14.16 -19.51 -38.96
CA ASN G 153 -13.18 -19.00 -38.01
C ASN G 153 -13.58 -19.11 -36.54
N ALA G 154 -14.88 -19.24 -36.31
CA ALA G 154 -15.42 -19.51 -35.00
C ALA G 154 -15.69 -21.01 -34.71
N GLY G 155 -15.44 -21.91 -35.67
CA GLY G 155 -15.51 -23.34 -35.40
C GLY G 155 -16.84 -24.05 -35.70
N LEU G 156 -17.63 -23.43 -36.58
CA LEU G 156 -18.86 -24.01 -37.14
C LEU G 156 -18.46 -25.32 -37.77
N ASN G 157 -19.15 -26.40 -37.40
CA ASN G 157 -18.85 -27.74 -37.92
C ASN G 157 -20.05 -28.61 -37.69
N ALA G 158 -20.39 -29.46 -38.66
CA ALA G 158 -21.24 -30.62 -38.39
C ALA G 158 -20.57 -31.91 -38.82
N HIS G 159 -20.81 -32.96 -38.07
CA HIS G 159 -20.14 -34.21 -38.29
C HIS G 159 -21.12 -35.37 -38.12
N VAL G 160 -21.29 -36.17 -39.18
CA VAL G 160 -22.07 -37.40 -39.07
C VAL G 160 -21.21 -38.64 -39.30
N GLU G 161 -21.27 -39.54 -38.33
CA GLU G 161 -20.67 -40.85 -38.43
C GLU G 161 -21.78 -41.84 -38.82
N ILE G 162 -21.55 -42.58 -39.91
CA ILE G 162 -22.53 -43.55 -40.45
C ILE G 162 -22.04 -45.01 -40.46
N ASN G 163 -22.88 -45.94 -40.01
CA ASN G 163 -22.60 -47.39 -40.17
C ASN G 163 -22.91 -47.88 -41.61
N SER G 164 -21.98 -48.62 -42.22
CA SER G 164 -22.29 -49.18 -43.55
C SER G 164 -22.38 -50.72 -43.63
N ARG G 165 -22.05 -51.42 -42.54
CA ARG G 165 -22.31 -52.84 -42.46
C ARG G 165 -23.64 -53.06 -41.74
N PHE G 166 -24.51 -53.88 -42.33
CA PHE G 166 -25.89 -54.01 -41.86
C PHE G 166 -26.28 -55.41 -41.45
N THR G 167 -26.92 -55.54 -40.29
CA THR G 167 -27.40 -56.82 -39.79
C THR G 167 -28.84 -56.71 -39.27
N VAL H 8 -17.43 -51.75 -39.90
CA VAL H 8 -17.11 -50.60 -40.81
C VAL H 8 -18.00 -49.38 -40.49
N GLN H 9 -17.50 -48.19 -40.82
CA GLN H 9 -18.26 -46.93 -40.78
C GLN H 9 -17.52 -45.73 -41.45
N SER H 10 -18.30 -44.88 -42.13
CA SER H 10 -17.76 -43.66 -42.72
C SER H 10 -18.40 -42.39 -42.13
N SER H 11 -17.89 -41.23 -42.56
CA SER H 11 -18.28 -39.97 -41.98
C SER H 11 -18.40 -38.87 -43.03
N VAL H 12 -19.28 -37.92 -42.73
CA VAL H 12 -19.48 -36.72 -43.52
C VAL H 12 -19.26 -35.53 -42.60
N SER H 13 -18.47 -34.55 -43.07
CA SER H 13 -18.28 -33.29 -42.36
C SER H 13 -18.83 -32.12 -43.16
N TRP H 14 -19.00 -30.97 -42.51
CA TRP H 14 -19.46 -29.77 -43.19
C TRP H 14 -19.18 -28.56 -42.30
N PRO H 15 -18.96 -27.37 -42.90
CA PRO H 15 -18.94 -26.97 -44.31
C PRO H 15 -17.78 -27.60 -45.06
N GLN H 16 -17.79 -27.47 -46.37
CA GLN H 16 -16.72 -27.98 -47.18
C GLN H 16 -16.21 -26.92 -48.09
N ASN H 17 -14.93 -27.02 -48.39
CA ASN H 17 -14.27 -26.10 -49.29
C ASN H 17 -14.47 -24.60 -49.02
N GLY H 18 -14.60 -24.24 -47.75
CA GLY H 18 -14.76 -22.82 -47.37
C GLY H 18 -16.11 -22.21 -47.70
N SER H 19 -17.09 -23.07 -47.90
CA SER H 19 -18.42 -22.71 -48.41
C SER H 19 -19.49 -23.25 -47.49
N LEU H 20 -20.58 -22.51 -47.33
CA LEU H 20 -21.68 -22.87 -46.45
C LEU H 20 -22.84 -23.44 -47.26
N ASN H 21 -22.59 -23.73 -48.52
CA ASN H 21 -23.54 -24.45 -49.33
C ASN H 21 -23.95 -25.76 -48.70
N SER H 22 -25.25 -26.04 -48.78
CA SER H 22 -25.78 -27.31 -48.35
C SER H 22 -25.10 -28.46 -49.13
N VAL H 23 -24.89 -29.58 -48.45
CA VAL H 23 -24.36 -30.80 -49.06
C VAL H 23 -25.33 -31.99 -48.82
N SER H 24 -25.31 -32.90 -49.77
CA SER H 24 -25.97 -34.18 -49.59
C SER H 24 -25.00 -35.17 -48.95
N ALA H 25 -25.53 -36.04 -48.09
CA ALA H 25 -24.72 -37.07 -47.44
C ALA H 25 -25.25 -38.48 -47.70
N PRO H 26 -25.21 -38.94 -48.97
CA PRO H 26 -25.68 -40.30 -49.22
C PRO H 26 -24.62 -41.30 -48.75
N LEU H 27 -25.04 -42.50 -48.36
CA LEU H 27 -24.09 -43.55 -48.06
C LEU H 27 -23.82 -44.34 -49.35
N MSE H 28 -22.60 -44.24 -49.86
CA MSE H 28 -22.29 -44.66 -51.23
C MSE H 28 -22.16 -46.18 -51.48
O MSE H 28 -22.49 -46.67 -52.55
CB MSE H 28 -21.03 -43.96 -51.71
CG MSE H 28 -21.17 -42.46 -51.81
SE MSE H 28 -22.57 -42.02 -53.11
CE MSE H 28 -22.01 -40.16 -53.40
N SER H 29 -21.64 -46.87 -50.48
CA SER H 29 -21.53 -48.32 -50.51
C SER H 29 -21.80 -48.90 -49.12
N TYR H 30 -22.19 -50.16 -49.10
CA TYR H 30 -22.65 -50.78 -47.88
C TYR H 30 -22.55 -52.27 -48.04
N THR H 31 -22.69 -52.97 -46.91
CA THR H 31 -22.98 -54.39 -46.88
C THR H 31 -24.45 -54.54 -46.52
N PRO H 32 -25.22 -55.22 -47.39
CA PRO H 32 -26.64 -55.32 -47.12
C PRO H 32 -26.99 -56.46 -46.18
N ILE H 33 -28.20 -56.45 -45.64
CA ILE H 33 -28.74 -57.57 -44.90
C ILE H 33 -28.68 -58.83 -45.78
N SER H 34 -29.20 -58.73 -46.99
CA SER H 34 -29.23 -59.84 -47.92
C SER H 34 -29.19 -59.38 -49.37
N PHE H 35 -28.77 -60.28 -50.23
CA PHE H 35 -28.84 -60.04 -51.65
C PHE H 35 -29.33 -61.33 -52.28
N ASP H 36 -30.23 -61.21 -53.26
CA ASP H 36 -30.59 -62.34 -54.10
C ASP H 36 -30.77 -61.97 -55.61
N ALA H 37 -30.59 -62.98 -56.46
CA ALA H 37 -30.84 -62.82 -57.87
C ALA H 37 -31.33 -64.12 -58.49
N LYS H 38 -32.01 -63.97 -59.62
CA LYS H 38 -32.38 -65.06 -60.50
C LYS H 38 -31.82 -64.68 -61.85
N ILE H 39 -30.92 -65.51 -62.37
CA ILE H 39 -30.20 -65.20 -63.61
C ILE H 39 -30.53 -66.24 -64.66
N PRO H 40 -31.33 -65.86 -65.69
CA PRO H 40 -31.63 -66.83 -66.73
C PRO H 40 -30.35 -67.31 -67.39
N VAL H 41 -30.28 -68.61 -67.65
CA VAL H 41 -29.14 -69.22 -68.38
C VAL H 41 -28.96 -68.60 -69.77
N ALA H 42 -30.08 -68.25 -70.41
CA ALA H 42 -30.10 -67.46 -71.65
C ALA H 42 -29.36 -66.11 -71.59
N SER H 43 -29.07 -65.60 -70.39
CA SER H 43 -28.24 -64.39 -70.20
C SER H 43 -26.86 -64.45 -70.85
N VAL H 44 -26.30 -65.66 -70.92
CA VAL H 44 -24.88 -65.84 -71.27
C VAL H 44 -24.68 -65.43 -72.74
N ASP H 45 -25.75 -65.61 -73.52
CA ASP H 45 -25.77 -65.30 -74.93
C ASP H 45 -26.11 -63.84 -75.19
N LYS H 46 -26.48 -63.09 -74.14
CA LYS H 46 -26.98 -61.73 -74.31
C LYS H 46 -25.94 -60.66 -73.92
N LEU H 47 -24.72 -61.10 -73.65
CA LEU H 47 -23.61 -60.21 -73.31
C LEU H 47 -23.22 -59.33 -74.48
N ARG H 48 -22.72 -58.13 -74.20
CA ARG H 48 -22.12 -57.28 -75.25
C ARG H 48 -20.81 -57.86 -75.80
N LYS H 49 -20.51 -57.54 -77.07
CA LYS H 49 -19.23 -57.88 -77.68
C LYS H 49 -18.03 -57.52 -76.77
N ASP H 50 -17.19 -58.53 -76.52
CA ASP H 50 -16.06 -58.49 -75.55
C ASP H 50 -16.37 -57.96 -74.16
N GLN H 51 -17.58 -58.30 -73.72
CA GLN H 51 -17.99 -58.17 -72.33
C GLN H 51 -18.36 -59.53 -71.75
N ASP H 52 -18.22 -59.65 -70.44
CA ASP H 52 -18.38 -60.92 -69.75
C ASP H 52 -19.21 -60.79 -68.47
N LEU H 53 -19.53 -59.56 -68.10
CA LEU H 53 -20.26 -59.25 -66.86
C LEU H 53 -21.80 -59.34 -67.01
N ILE H 54 -22.40 -60.34 -66.38
CA ILE H 54 -23.84 -60.44 -66.37
C ILE H 54 -24.40 -59.51 -65.30
N LEU H 55 -23.79 -59.55 -64.11
CA LEU H 55 -24.16 -58.71 -62.97
C LEU H 55 -22.95 -58.50 -62.05
N GLY H 56 -22.81 -57.26 -61.58
CA GLY H 56 -21.77 -56.87 -60.64
C GLY H 56 -22.40 -55.93 -59.63
N THR H 57 -21.88 -55.90 -58.39
CA THR H 57 -22.45 -55.05 -57.32
C THR H 57 -21.56 -53.82 -57.10
N LEU H 58 -20.47 -53.76 -57.86
CA LEU H 58 -19.52 -52.66 -57.74
C LEU H 58 -19.10 -52.18 -59.14
N PRO H 59 -18.86 -50.86 -59.31
CA PRO H 59 -18.48 -50.37 -60.65
C PRO H 59 -17.10 -50.87 -61.10
N ALA H 60 -16.87 -50.85 -62.42
CA ALA H 60 -15.63 -51.34 -63.03
C ALA H 60 -14.42 -50.64 -62.42
N ASN H 61 -14.43 -49.31 -62.48
CA ASN H 61 -13.35 -48.48 -61.96
C ASN H 61 -13.05 -48.71 -60.48
N SER H 62 -14.06 -49.12 -59.70
CA SER H 62 -13.94 -49.26 -58.24
C SER H 62 -12.70 -50.04 -57.82
N GLU H 63 -12.06 -49.57 -56.77
CA GLU H 63 -10.79 -50.16 -56.35
C GLU H 63 -10.98 -51.47 -55.56
N ASP H 64 -10.13 -52.45 -55.89
CA ASP H 64 -10.13 -53.75 -55.22
C ASP H 64 -11.53 -54.36 -55.19
N ALA H 65 -12.28 -54.18 -56.28
CA ALA H 65 -13.69 -54.53 -56.39
C ALA H 65 -13.95 -56.04 -56.52
N GLY H 66 -13.05 -56.74 -57.22
CA GLY H 66 -13.14 -58.20 -57.37
C GLY H 66 -13.06 -58.91 -56.03
N ALA H 67 -12.28 -58.31 -55.13
CA ALA H 67 -12.16 -58.80 -53.76
C ALA H 67 -13.36 -58.48 -52.85
N ARG H 68 -14.17 -57.47 -53.19
CA ARG H 68 -15.20 -56.95 -52.27
C ARG H 68 -16.65 -57.21 -52.71
N GLY H 69 -16.95 -57.06 -54.00
CA GLY H 69 -18.33 -57.23 -54.48
C GLY H 69 -18.70 -58.64 -54.91
N LEU H 70 -19.90 -58.74 -55.48
CA LEU H 70 -20.42 -59.98 -56.11
C LEU H 70 -20.49 -59.79 -57.64
N PHE H 71 -20.09 -60.82 -58.36
CA PHE H 71 -19.98 -60.80 -59.84
C PHE H 71 -20.34 -62.14 -60.39
N VAL H 72 -21.25 -62.12 -61.35
CA VAL H 72 -21.60 -63.25 -62.19
C VAL H 72 -20.99 -62.90 -63.53
N ARG H 73 -20.07 -63.74 -64.00
CA ARG H 73 -19.39 -63.52 -65.28
C ARG H 73 -19.44 -64.75 -66.19
N ALA H 74 -19.39 -64.50 -67.50
CA ALA H 74 -19.33 -65.55 -68.51
C ALA H 74 -18.35 -65.25 -69.65
N ASN H 75 -17.35 -66.11 -69.80
CA ASN H 75 -16.29 -65.96 -70.79
C ASN H 75 -16.03 -67.27 -71.54
N ASP H 76 -14.76 -67.47 -71.91
CA ASP H 76 -14.29 -68.70 -72.55
C ASP H 76 -14.20 -69.93 -71.62
N ASP H 77 -14.25 -69.70 -70.31
CA ASP H 77 -14.28 -70.81 -69.33
C ASP H 77 -15.71 -71.19 -68.82
N GLY H 78 -16.72 -70.39 -69.13
CA GLY H 78 -18.09 -70.73 -68.74
C GLY H 78 -18.75 -69.74 -67.79
N LEU H 79 -19.22 -70.23 -66.64
CA LEU H 79 -19.91 -69.40 -65.65
C LEU H 79 -19.23 -69.38 -64.26
N GLN H 80 -18.95 -68.18 -63.77
CA GLN H 80 -18.33 -67.99 -62.45
C GLN H 80 -19.12 -66.96 -61.66
N ILE H 81 -19.40 -67.30 -60.41
CA ILE H 81 -19.95 -66.37 -59.48
C ILE H 81 -18.96 -66.18 -58.33
N THR H 82 -18.61 -64.92 -58.09
CA THR H 82 -17.65 -64.52 -57.06
C THR H 82 -18.29 -63.54 -56.06
N SER H 83 -17.82 -63.56 -54.82
CA SER H 83 -18.52 -62.84 -53.77
C SER H 83 -17.60 -62.60 -52.59
N HIS H 84 -17.40 -61.31 -52.27
CA HIS H 84 -16.42 -60.90 -51.30
C HIS H 84 -15.16 -61.76 -51.44
N GLY H 85 -14.67 -61.87 -52.68
CA GLY H 85 -13.43 -62.57 -52.96
C GLY H 85 -13.48 -64.09 -53.02
N GLU H 86 -14.58 -64.68 -52.57
CA GLU H 86 -14.69 -66.13 -52.61
C GLU H 86 -15.55 -66.65 -53.79
N LEU H 87 -14.97 -67.60 -54.52
CA LEU H 87 -15.63 -68.25 -55.64
C LEU H 87 -16.80 -69.08 -55.11
N VAL H 88 -18.02 -68.68 -55.48
CA VAL H 88 -19.26 -69.36 -55.11
C VAL H 88 -19.53 -70.56 -56.05
N LEU H 89 -20.11 -70.31 -57.22
CA LEU H 89 -20.45 -71.35 -58.19
C LEU H 89 -19.50 -71.32 -59.36
N ASP H 90 -19.24 -72.48 -59.93
CA ASP H 90 -18.36 -72.57 -61.09
C ASP H 90 -18.84 -73.61 -62.10
N LEU H 91 -19.23 -73.14 -63.29
CA LEU H 91 -19.70 -74.00 -64.34
C LEU H 91 -18.80 -73.88 -65.57
N SER H 92 -18.15 -74.98 -65.97
CA SER H 92 -17.33 -75.01 -67.19
C SER H 92 -18.22 -74.94 -68.47
N LYS H 93 -17.60 -74.56 -69.59
CA LYS H 93 -18.32 -74.39 -70.85
C LYS H 93 -19.21 -75.59 -71.16
N ARG H 94 -18.72 -76.78 -70.87
CA ARG H 94 -19.44 -78.02 -71.15
C ARG H 94 -20.67 -78.23 -70.26
N GLU H 95 -20.46 -78.28 -68.94
CA GLU H 95 -21.54 -78.58 -67.98
C GLU H 95 -22.67 -77.53 -68.01
N LEU H 96 -22.45 -76.49 -68.82
CA LEU H 96 -23.38 -75.36 -69.01
C LEU H 96 -24.38 -75.60 -70.16
N ALA H 97 -23.91 -76.17 -71.27
CA ALA H 97 -24.77 -76.61 -72.36
C ALA H 97 -25.56 -77.88 -72.00
N GLN H 98 -25.16 -78.54 -70.91
CA GLN H 98 -25.87 -79.70 -70.35
C GLN H 98 -27.21 -79.29 -69.76
N LEU H 99 -27.27 -78.07 -69.20
CA LEU H 99 -28.51 -77.49 -68.62
C LEU H 99 -29.56 -77.18 -69.69
N PRO H 100 -30.86 -77.20 -69.31
CA PRO H 100 -31.88 -76.85 -70.32
C PRO H 100 -31.88 -75.34 -70.63
N ALA H 101 -32.49 -74.98 -71.76
CA ALA H 101 -32.52 -73.59 -72.22
C ALA H 101 -33.15 -72.60 -71.21
N ASP H 102 -34.21 -73.05 -70.50
CA ASP H 102 -34.95 -72.20 -69.52
C ASP H 102 -34.43 -72.30 -68.08
N ALA H 103 -33.19 -72.76 -67.92
CA ALA H 103 -32.62 -72.92 -66.60
C ALA H 103 -32.30 -71.53 -66.00
N THR H 104 -32.33 -71.46 -64.67
CA THR H 104 -32.13 -70.24 -63.93
C THR H 104 -31.19 -70.55 -62.78
N ILE H 105 -30.23 -69.65 -62.57
CA ILE H 105 -29.33 -69.66 -61.42
C ILE H 105 -29.92 -68.80 -60.28
N ALA H 106 -30.14 -69.41 -59.12
CA ALA H 106 -30.60 -68.66 -57.98
C ALA H 106 -29.46 -68.38 -57.00
N ILE H 107 -29.16 -67.11 -56.79
CA ILE H 107 -28.12 -66.66 -55.86
C ILE H 107 -28.77 -66.00 -54.66
N SER H 108 -28.37 -66.41 -53.47
CA SER H 108 -28.77 -65.75 -52.23
C SER H 108 -27.52 -65.52 -51.36
N ALA H 109 -27.22 -64.28 -51.03
CA ALA H 109 -26.10 -63.98 -50.17
C ALA H 109 -26.63 -63.42 -48.88
N THR H 110 -26.24 -64.03 -47.78
CA THR H 110 -26.72 -63.58 -46.51
C THR H 110 -25.64 -63.76 -45.46
N GLU H 111 -25.86 -63.09 -44.33
CA GLU H 111 -25.03 -63.21 -43.13
C GLU H 111 -24.56 -64.63 -42.83
N ASP H 112 -25.49 -65.57 -42.92
CA ASP H 112 -25.26 -66.95 -42.49
C ASP H 112 -24.50 -67.76 -43.55
N GLU H 113 -24.82 -67.51 -44.81
CA GLU H 113 -24.24 -68.26 -45.91
C GLU H 113 -24.55 -67.61 -47.24
N THR H 114 -23.69 -67.83 -48.23
CA THR H 114 -24.03 -67.48 -49.60
C THR H 114 -24.28 -68.72 -50.42
N THR H 115 -25.31 -68.67 -51.25
CA THR H 115 -25.74 -69.84 -51.98
C THR H 115 -25.92 -69.54 -53.47
N ALA H 116 -25.63 -70.53 -54.31
CA ALA H 116 -25.73 -70.43 -55.77
C ALA H 116 -25.92 -71.80 -56.35
N GLY H 117 -26.85 -71.87 -57.30
CA GLY H 117 -27.18 -73.12 -57.94
C GLY H 117 -28.26 -72.93 -58.96
N ILE H 118 -28.61 -74.03 -59.61
CA ILE H 118 -29.69 -74.07 -60.58
C ILE H 118 -31.01 -74.24 -59.83
N GLU H 119 -31.87 -73.24 -59.96
CA GLU H 119 -33.22 -73.25 -59.38
C GLU H 119 -33.96 -74.52 -59.77
N GLY H 120 -34.52 -75.21 -58.78
CA GLY H 120 -35.17 -76.49 -59.05
C GLY H 120 -34.44 -77.63 -58.37
N ASP H 121 -33.66 -78.39 -59.14
CA ASP H 121 -32.82 -79.44 -58.56
C ASP H 121 -31.63 -78.85 -57.79
N ASP H 122 -31.21 -79.56 -56.76
CA ASP H 122 -30.15 -79.07 -55.88
C ASP H 122 -28.99 -80.07 -55.76
N SER H 123 -28.74 -80.82 -56.83
CA SER H 123 -27.44 -81.46 -57.01
C SER H 123 -26.47 -80.36 -57.50
N THR H 124 -27.02 -79.16 -57.70
CA THR H 124 -26.28 -78.06 -58.30
C THR H 124 -25.88 -76.97 -57.30
N THR H 125 -26.45 -77.03 -56.10
CA THR H 125 -26.26 -75.98 -55.09
C THR H 125 -24.84 -75.97 -54.48
N GLU H 126 -24.12 -74.87 -54.74
CA GLU H 126 -22.77 -74.64 -54.23
C GLU H 126 -22.87 -73.60 -53.11
N THR H 127 -22.72 -74.01 -51.85
CA THR H 127 -22.89 -73.07 -50.73
C THR H 127 -21.60 -72.74 -49.93
N VAL H 128 -21.35 -71.46 -49.64
CA VAL H 128 -20.23 -71.12 -48.76
C VAL H 128 -20.73 -70.74 -47.38
N GLU H 129 -20.27 -71.51 -46.40
CA GLU H 129 -20.83 -71.56 -45.06
C GLU H 129 -20.16 -70.54 -44.17
N ARG H 130 -20.24 -69.28 -44.57
CA ARG H 130 -19.82 -68.17 -43.72
C ARG H 130 -20.34 -66.87 -44.30
N ASP H 131 -19.97 -65.75 -43.70
CA ASP H 131 -20.41 -64.46 -44.16
C ASP H 131 -19.53 -64.01 -45.31
N VAL H 132 -20.05 -64.09 -46.53
CA VAL H 132 -19.38 -63.47 -47.67
C VAL H 132 -20.34 -62.55 -48.44
N ARG H 133 -21.20 -61.85 -47.71
CA ARG H 133 -22.08 -60.86 -48.35
C ARG H 133 -21.23 -59.80 -49.08
N PRO H 134 -21.65 -59.39 -50.30
CA PRO H 134 -20.78 -58.44 -51.03
C PRO H 134 -20.96 -57.02 -50.54
N ILE H 135 -19.98 -56.16 -50.78
CA ILE H 135 -20.21 -54.71 -50.74
C ILE H 135 -20.97 -54.33 -52.00
N ILE H 136 -21.98 -53.47 -51.85
CA ILE H 136 -22.87 -53.09 -52.95
C ILE H 136 -22.85 -51.57 -53.09
N MSE H 137 -22.55 -51.07 -54.28
CA MSE H 137 -22.89 -49.66 -54.54
C MSE H 137 -23.93 -49.47 -55.64
O MSE H 137 -24.49 -48.39 -55.81
CB MSE H 137 -21.66 -48.74 -54.64
CG MSE H 137 -20.59 -49.05 -55.65
SE MSE H 137 -18.92 -48.20 -54.96
CE MSE H 137 -19.07 -46.35 -55.65
N GLY H 138 -24.22 -50.54 -56.36
CA GLY H 138 -25.33 -50.56 -57.29
C GLY H 138 -25.46 -51.93 -57.91
N ILE H 139 -26.26 -52.01 -58.97
CA ILE H 139 -26.28 -53.22 -59.80
C ILE H 139 -25.81 -52.83 -61.19
N TYR H 140 -24.75 -53.52 -61.65
CA TYR H 140 -24.07 -53.21 -62.91
C TYR H 140 -24.08 -54.40 -63.87
N THR H 141 -24.29 -54.12 -65.13
CA THR H 141 -24.27 -55.20 -66.13
C THR H 141 -23.58 -54.82 -67.45
N GLU H 142 -23.11 -55.81 -68.18
CA GLU H 142 -22.78 -55.57 -69.57
C GLU H 142 -23.69 -56.35 -70.56
N LEU H 143 -24.89 -56.72 -70.11
CA LEU H 143 -25.91 -57.27 -71.00
C LEU H 143 -26.31 -56.24 -72.10
N GLU H 144 -26.57 -56.74 -73.31
CA GLU H 144 -27.12 -55.92 -74.41
C GLU H 144 -28.41 -55.18 -74.02
N SER H 145 -28.56 -53.95 -74.50
CA SER H 145 -29.75 -53.15 -74.17
C SER H 145 -31.05 -53.79 -74.60
N ASN H 146 -31.12 -54.18 -75.88
CA ASN H 146 -32.34 -54.74 -76.46
C ASN H 146 -32.68 -56.17 -75.99
N ALA H 147 -31.86 -56.74 -75.14
CA ALA H 147 -32.14 -58.03 -74.56
C ALA H 147 -33.00 -57.91 -73.31
N ALA H 148 -33.51 -56.71 -73.03
CA ALA H 148 -34.29 -56.50 -71.80
C ALA H 148 -35.63 -57.28 -71.79
N ALA H 149 -36.34 -57.30 -72.92
CA ALA H 149 -37.67 -57.89 -72.95
C ALA H 149 -37.54 -59.40 -72.77
N ASP H 150 -36.59 -59.98 -73.50
CA ASP H 150 -36.30 -61.40 -73.49
C ASP H 150 -35.94 -61.93 -72.10
N LEU H 151 -35.04 -61.21 -71.42
CA LEU H 151 -34.51 -61.60 -70.13
C LEU H 151 -35.50 -61.29 -68.99
N LEU H 152 -36.19 -60.15 -69.08
CA LEU H 152 -37.29 -59.86 -68.16
C LEU H 152 -38.40 -60.93 -68.23
N ASN H 153 -38.86 -61.24 -69.43
CA ASN H 153 -39.80 -62.33 -69.56
C ASN H 153 -39.32 -63.65 -68.90
N ALA H 154 -38.03 -63.93 -68.99
CA ALA H 154 -37.45 -65.16 -68.41
C ALA H 154 -37.23 -65.06 -66.88
N GLY H 155 -37.40 -63.87 -66.31
CA GLY H 155 -37.42 -63.68 -64.86
C GLY H 155 -36.14 -63.16 -64.23
N LEU H 156 -35.33 -62.45 -65.02
CA LEU H 156 -34.17 -61.74 -64.50
C LEU H 156 -34.63 -60.76 -63.42
N ASN H 157 -33.96 -60.86 -62.27
CA ASN H 157 -34.23 -60.07 -61.09
C ASN H 157 -32.97 -60.06 -60.24
N ALA H 158 -32.79 -58.97 -59.49
CA ALA H 158 -31.77 -58.85 -58.46
C ALA H 158 -32.42 -58.04 -57.37
N HIS H 159 -32.10 -58.37 -56.14
CA HIS H 159 -32.78 -57.77 -55.02
C HIS H 159 -31.79 -57.57 -53.88
N VAL H 160 -31.75 -56.35 -53.33
CA VAL H 160 -30.96 -56.01 -52.14
C VAL H 160 -31.89 -55.59 -50.97
N GLU H 161 -31.78 -56.23 -49.80
CA GLU H 161 -32.34 -55.71 -48.55
C GLU H 161 -31.24 -54.96 -47.78
N ILE H 162 -31.51 -53.73 -47.40
CA ILE H 162 -30.52 -52.90 -46.70
C ILE H 162 -31.10 -52.49 -45.34
N ASN H 163 -30.24 -52.21 -44.37
CA ASN H 163 -30.73 -51.65 -43.13
C ASN H 163 -30.44 -50.13 -43.14
N SER H 164 -31.43 -49.31 -42.80
CA SER H 164 -31.22 -47.85 -42.74
C SER H 164 -30.86 -47.34 -41.31
N ARG H 165 -30.31 -48.22 -40.49
CA ARG H 165 -30.00 -47.92 -39.08
C ARG H 165 -28.83 -48.74 -38.56
ZN ZN I . 16.32 57.85 45.23
ZN ZN J . 15.50 77.28 59.16
C ACT K . 14.94 54.00 67.83
O ACT K . 14.19 54.50 66.94
OXT ACT K . 16.12 54.42 67.86
CH3 ACT K . 14.42 52.98 68.82
ZN ZN L . 12.30 34.05 38.58
ZN ZN M . 4.57 28.99 58.78
ZN ZN N . -0.19 22.68 57.79
C ACT O . -0.59 12.74 46.56
O ACT O . 0.33 12.93 45.72
OXT ACT O . -0.40 11.82 47.39
CH3 ACT O . -1.84 13.57 46.57
C ACT P . 22.46 14.16 58.41
O ACT P . 23.52 13.97 57.79
OXT ACT P . 21.89 15.25 58.21
CH3 ACT P . 21.88 13.15 59.36
C ACT Q . 25.49 17.34 57.79
O ACT Q . 26.46 18.13 57.74
OXT ACT Q . 24.62 17.46 56.89
CH3 ACT Q . 25.39 16.30 58.86
ZN ZN R . 10.74 25.25 31.33
ZN ZN S . 7.64 32.22 1.83
C ACT T . 2.78 47.08 28.58
O ACT T . 3.42 48.15 28.54
OXT ACT T . 3.39 46.08 28.15
CH3 ACT T . 1.37 46.97 29.10
ZN ZN U . 2.01 4.92 2.44
ZN ZN V . 8.78 -2.69 22.25
ZN ZN W . -8.87 -7.89 17.54
ZN ZN X . 24.91 -19.59 6.02
C ACT Y . 23.98 -10.93 -5.95
O ACT Y . 24.20 -10.85 -4.72
OXT ACT Y . 22.79 -11.16 -6.28
CH3 ACT Y . 25.07 -10.74 -6.99
C ACT Z . 3.49 -17.53 8.95
O ACT Z . 2.41 -17.30 9.55
OXT ACT Z . 3.48 -17.20 7.76
CH3 ACT Z . 4.69 -18.15 9.62
C ACT AA . 21.27 -9.03 13.15
O ACT AA . 22.16 -8.72 12.30
OXT ACT AA . 20.80 -10.19 13.02
CH3 ACT AA . 20.78 -8.09 14.22
ZN ZN BA . 0.31 -4.43 -4.28
ZN ZN CA . -17.41 20.30 -14.67
ZN ZN DA . -19.73 -2.36 -13.44
ZN ZN EA . -23.73 0.71 -9.63
C ACT FA . -18.71 14.95 -1.55
O ACT FA . -18.93 14.82 -2.77
OXT ACT FA . -17.52 15.26 -1.27
CH3 ACT FA . -19.79 14.72 -0.51
C ACT GA . -18.40 16.95 -6.66
O ACT GA . -18.36 15.89 -6.01
OXT ACT GA . -17.30 17.54 -6.80
CH3 ACT GA . -19.69 17.45 -7.25
C ACT HA . -8.34 23.90 -25.58
O ACT HA . -7.22 24.13 -25.08
OXT ACT HA . -8.42 22.83 -26.21
CH3 ACT HA . -9.49 24.86 -25.43
ZN ZN IA . -15.22 -26.48 -28.17
ZN ZN JA . 1.04 -31.71 -14.48
ZN ZN KA . -17.70 -35.69 -34.48
ZN ZN LA . -39.66 -38.95 -32.85
C ACT MA . -27.66 -42.61 -20.35
O ACT MA . -27.91 -42.31 -19.17
OXT ACT MA . -26.58 -42.16 -20.80
CH3 ACT MA . -28.59 -43.48 -21.16
C ACT NA . -17.42 -77.72 -60.30
O ACT NA . -18.06 -78.59 -59.64
OXT ACT NA . -17.40 -77.87 -61.53
CH3 ACT NA . -16.73 -76.54 -59.66
#